data_3OTF
# 
_entry.id   3OTF 
# 
_audit_conform.dict_name       mmcif_pdbx.dic 
_audit_conform.dict_version    5.379 
_audit_conform.dict_location   http://mmcif.pdb.org/dictionaries/ascii/mmcif_pdbx.dic 
# 
loop_
_database_2.database_id 
_database_2.database_code 
_database_2.pdbx_database_accession 
_database_2.pdbx_DOI 
PDB   3OTF         pdb_00003otf 10.2210/pdb3otf/pdb 
RCSB  RCSB061550   ?            ?                   
WWPDB D_1000061550 ?            ?                   
# 
_pdbx_database_status.status_code                     REL 
_pdbx_database_status.entry_id                        3OTF 
_pdbx_database_status.recvd_initial_deposition_date   2010-09-11 
_pdbx_database_status.deposit_site                    RCSB 
_pdbx_database_status.process_site                    RCSB 
_pdbx_database_status.status_code_sf                  REL 
_pdbx_database_status.status_code_mr                  ? 
_pdbx_database_status.SG_entry                        ? 
_pdbx_database_status.status_code_cs                  ? 
_pdbx_database_status.pdb_format_compatible           Y 
_pdbx_database_status.methods_development_category    ? 
_pdbx_database_status.status_code_nmr_data            ? 
# 
loop_
_audit_author.name 
_audit_author.pdbx_ordinal 
'Xu, X.'           1 
'Vysotskaya, Z.V.' 2 
'Liu, Q.'          3 
'Zhou, L.'         4 
# 
_citation.id                        primary 
_citation.title                     'Structural basis for the cAMP-dependent gating in the human HCN4 channel.' 
_citation.journal_abbrev            J.Biol.Chem. 
_citation.journal_volume            285 
_citation.page_first                37082 
_citation.page_last                 37091 
_citation.year                      2010 
_citation.journal_id_ASTM           JBCHA3 
_citation.country                   US 
_citation.journal_id_ISSN           0021-9258 
_citation.journal_id_CSD            0071 
_citation.book_publisher            ? 
_citation.pdbx_database_id_PubMed   20829353 
_citation.pdbx_database_id_DOI      10.1074/jbc.M110.152033 
# 
loop_
_citation_author.citation_id 
_citation_author.name 
_citation_author.ordinal 
_citation_author.identifier_ORCID 
primary 'Xu, X.'           1 ? 
primary 'Vysotskaya, Z.V.' 2 ? 
primary 'Liu, Q.'          3 ? 
primary 'Zhou, L.'         4 ? 
# 
_cell.entry_id           3OTF 
_cell.length_a           69.264 
_cell.length_b           69.264 
_cell.length_c           191.616 
_cell.angle_alpha        90.00 
_cell.angle_beta         90.00 
_cell.angle_gamma        90.00 
_cell.Z_PDB              16 
_cell.pdbx_unique_axis   ? 
_cell.length_a_esd       ? 
_cell.length_b_esd       ? 
_cell.length_c_esd       ? 
_cell.angle_alpha_esd    ? 
_cell.angle_beta_esd     ? 
_cell.angle_gamma_esd    ? 
# 
_symmetry.entry_id                         3OTF 
_symmetry.space_group_name_H-M             'I 4 2 2' 
_symmetry.pdbx_full_space_group_name_H-M   ? 
_symmetry.cell_setting                     ? 
_symmetry.Int_Tables_number                97 
_symmetry.space_group_name_Hall            ? 
# 
loop_
_entity.id 
_entity.type 
_entity.src_method 
_entity.pdbx_description 
_entity.formula_weight 
_entity.pdbx_number_of_molecules 
_entity.pdbx_ec 
_entity.pdbx_mutation 
_entity.pdbx_fragment 
_entity.details 
1 polymer     man 'Potassium/sodium hyperpolarization-activated cyclic nucleotide-gated channel 4' 25888.441 1  ? ? 
'nucleotide binding domain (CNBD, unp residues 521-739)' ? 
2 non-polymer syn "ADENOSINE-3',5'-CYCLIC-MONOPHOSPHATE"                                           329.206   1  ? ? ? ? 
3 water       nat water                                                                            18.015    29 ? ? ? ? 
# 
_entity_poly.entity_id                      1 
_entity_poly.type                           'polypeptide(L)' 
_entity_poly.nstd_linkage                   no 
_entity_poly.nstd_monomer                   no 
_entity_poly.pdbx_seq_one_letter_code       
;SDSSRRQYQEKYKQVEQYMSFHKLPPDTRQRIHDYYEHRYQGKMFDEESILGELSEPLREEIINFNCRKLVASMPLFANA
DPNFVTSMLTKLRFEVFQPGDYIIREGTIGKKMYFIQHGVVSVLTKGNKETKLADGSYFGEICLLTRGRRTASVRADTYC
RLYSLSVDNFNEVLEEYPMMRRAFETVALDRLDRIGKKNSILLHKVQHDLNSGVFNYQEN
;
_entity_poly.pdbx_seq_one_letter_code_can   
;SDSSRRQYQEKYKQVEQYMSFHKLPPDTRQRIHDYYEHRYQGKMFDEESILGELSEPLREEIINFNCRKLVASMPLFANA
DPNFVTSMLTKLRFEVFQPGDYIIREGTIGKKMYFIQHGVVSVLTKGNKETKLADGSYFGEICLLTRGRRTASVRADTYC
RLYSLSVDNFNEVLEEYPMMRRAFETVALDRLDRIGKKNSILLHKVQHDLNSGVFNYQEN
;
_entity_poly.pdbx_strand_id                 A 
_entity_poly.pdbx_target_identifier         ? 
# 
loop_
_entity_poly_seq.entity_id 
_entity_poly_seq.num 
_entity_poly_seq.mon_id 
_entity_poly_seq.hetero 
1 1   SER n 
1 2   ASP n 
1 3   SER n 
1 4   SER n 
1 5   ARG n 
1 6   ARG n 
1 7   GLN n 
1 8   TYR n 
1 9   GLN n 
1 10  GLU n 
1 11  LYS n 
1 12  TYR n 
1 13  LYS n 
1 14  GLN n 
1 15  VAL n 
1 16  GLU n 
1 17  GLN n 
1 18  TYR n 
1 19  MET n 
1 20  SER n 
1 21  PHE n 
1 22  HIS n 
1 23  LYS n 
1 24  LEU n 
1 25  PRO n 
1 26  PRO n 
1 27  ASP n 
1 28  THR n 
1 29  ARG n 
1 30  GLN n 
1 31  ARG n 
1 32  ILE n 
1 33  HIS n 
1 34  ASP n 
1 35  TYR n 
1 36  TYR n 
1 37  GLU n 
1 38  HIS n 
1 39  ARG n 
1 40  TYR n 
1 41  GLN n 
1 42  GLY n 
1 43  LYS n 
1 44  MET n 
1 45  PHE n 
1 46  ASP n 
1 47  GLU n 
1 48  GLU n 
1 49  SER n 
1 50  ILE n 
1 51  LEU n 
1 52  GLY n 
1 53  GLU n 
1 54  LEU n 
1 55  SER n 
1 56  GLU n 
1 57  PRO n 
1 58  LEU n 
1 59  ARG n 
1 60  GLU n 
1 61  GLU n 
1 62  ILE n 
1 63  ILE n 
1 64  ASN n 
1 65  PHE n 
1 66  ASN n 
1 67  CYS n 
1 68  ARG n 
1 69  LYS n 
1 70  LEU n 
1 71  VAL n 
1 72  ALA n 
1 73  SER n 
1 74  MET n 
1 75  PRO n 
1 76  LEU n 
1 77  PHE n 
1 78  ALA n 
1 79  ASN n 
1 80  ALA n 
1 81  ASP n 
1 82  PRO n 
1 83  ASN n 
1 84  PHE n 
1 85  VAL n 
1 86  THR n 
1 87  SER n 
1 88  MET n 
1 89  LEU n 
1 90  THR n 
1 91  LYS n 
1 92  LEU n 
1 93  ARG n 
1 94  PHE n 
1 95  GLU n 
1 96  VAL n 
1 97  PHE n 
1 98  GLN n 
1 99  PRO n 
1 100 GLY n 
1 101 ASP n 
1 102 TYR n 
1 103 ILE n 
1 104 ILE n 
1 105 ARG n 
1 106 GLU n 
1 107 GLY n 
1 108 THR n 
1 109 ILE n 
1 110 GLY n 
1 111 LYS n 
1 112 LYS n 
1 113 MET n 
1 114 TYR n 
1 115 PHE n 
1 116 ILE n 
1 117 GLN n 
1 118 HIS n 
1 119 GLY n 
1 120 VAL n 
1 121 VAL n 
1 122 SER n 
1 123 VAL n 
1 124 LEU n 
1 125 THR n 
1 126 LYS n 
1 127 GLY n 
1 128 ASN n 
1 129 LYS n 
1 130 GLU n 
1 131 THR n 
1 132 LYS n 
1 133 LEU n 
1 134 ALA n 
1 135 ASP n 
1 136 GLY n 
1 137 SER n 
1 138 TYR n 
1 139 PHE n 
1 140 GLY n 
1 141 GLU n 
1 142 ILE n 
1 143 CYS n 
1 144 LEU n 
1 145 LEU n 
1 146 THR n 
1 147 ARG n 
1 148 GLY n 
1 149 ARG n 
1 150 ARG n 
1 151 THR n 
1 152 ALA n 
1 153 SER n 
1 154 VAL n 
1 155 ARG n 
1 156 ALA n 
1 157 ASP n 
1 158 THR n 
1 159 TYR n 
1 160 CYS n 
1 161 ARG n 
1 162 LEU n 
1 163 TYR n 
1 164 SER n 
1 165 LEU n 
1 166 SER n 
1 167 VAL n 
1 168 ASP n 
1 169 ASN n 
1 170 PHE n 
1 171 ASN n 
1 172 GLU n 
1 173 VAL n 
1 174 LEU n 
1 175 GLU n 
1 176 GLU n 
1 177 TYR n 
1 178 PRO n 
1 179 MET n 
1 180 MET n 
1 181 ARG n 
1 182 ARG n 
1 183 ALA n 
1 184 PHE n 
1 185 GLU n 
1 186 THR n 
1 187 VAL n 
1 188 ALA n 
1 189 LEU n 
1 190 ASP n 
1 191 ARG n 
1 192 LEU n 
1 193 ASP n 
1 194 ARG n 
1 195 ILE n 
1 196 GLY n 
1 197 LYS n 
1 198 LYS n 
1 199 ASN n 
1 200 SER n 
1 201 ILE n 
1 202 LEU n 
1 203 LEU n 
1 204 HIS n 
1 205 LYS n 
1 206 VAL n 
1 207 GLN n 
1 208 HIS n 
1 209 ASP n 
1 210 LEU n 
1 211 ASN n 
1 212 SER n 
1 213 GLY n 
1 214 VAL n 
1 215 PHE n 
1 216 ASN n 
1 217 TYR n 
1 218 GLN n 
1 219 GLU n 
1 220 ASN n 
# 
_entity_src_gen.entity_id                          1 
_entity_src_gen.pdbx_src_id                        1 
_entity_src_gen.pdbx_alt_source_flag               sample 
_entity_src_gen.pdbx_seq_type                      ? 
_entity_src_gen.pdbx_beg_seq_num                   ? 
_entity_src_gen.pdbx_end_seq_num                   ? 
_entity_src_gen.gene_src_common_name               human 
_entity_src_gen.gene_src_genus                     ? 
_entity_src_gen.pdbx_gene_src_gene                 HCN4 
_entity_src_gen.gene_src_species                   ? 
_entity_src_gen.gene_src_strain                    ? 
_entity_src_gen.gene_src_tissue                    ? 
_entity_src_gen.gene_src_tissue_fraction           ? 
_entity_src_gen.gene_src_details                   ? 
_entity_src_gen.pdbx_gene_src_fragment             ? 
_entity_src_gen.pdbx_gene_src_scientific_name      'Homo sapiens' 
_entity_src_gen.pdbx_gene_src_ncbi_taxonomy_id     9606 
_entity_src_gen.pdbx_gene_src_variant              ? 
_entity_src_gen.pdbx_gene_src_cell_line            ? 
_entity_src_gen.pdbx_gene_src_atcc                 ? 
_entity_src_gen.pdbx_gene_src_organ                ? 
_entity_src_gen.pdbx_gene_src_organelle            ? 
_entity_src_gen.pdbx_gene_src_cell                 ? 
_entity_src_gen.pdbx_gene_src_cellular_location    ? 
_entity_src_gen.host_org_common_name               ? 
_entity_src_gen.pdbx_host_org_scientific_name      'Escherichia coli' 
_entity_src_gen.pdbx_host_org_ncbi_taxonomy_id     469008 
_entity_src_gen.host_org_genus                     ? 
_entity_src_gen.pdbx_host_org_gene                 ? 
_entity_src_gen.pdbx_host_org_organ                ? 
_entity_src_gen.host_org_species                   ? 
_entity_src_gen.pdbx_host_org_tissue               ? 
_entity_src_gen.pdbx_host_org_tissue_fraction      ? 
_entity_src_gen.pdbx_host_org_strain               'BL21DE3(GOLD)' 
_entity_src_gen.pdbx_host_org_variant              ? 
_entity_src_gen.pdbx_host_org_cell_line            ? 
_entity_src_gen.pdbx_host_org_atcc                 ? 
_entity_src_gen.pdbx_host_org_culture_collection   ? 
_entity_src_gen.pdbx_host_org_cell                 ? 
_entity_src_gen.pdbx_host_org_organelle            ? 
_entity_src_gen.pdbx_host_org_cellular_location    ? 
_entity_src_gen.pdbx_host_org_vector_type          PLASMID 
_entity_src_gen.pdbx_host_org_vector               ? 
_entity_src_gen.host_org_details                   ? 
_entity_src_gen.expression_system_id               ? 
_entity_src_gen.plasmid_name                       pSMT3 
_entity_src_gen.plasmid_details                    ? 
_entity_src_gen.pdbx_description                   ? 
# 
_struct_ref.id                         1 
_struct_ref.db_name                    UNP 
_struct_ref.db_code                    HCN4_HUMAN 
_struct_ref.pdbx_db_accession          Q9Y3Q4 
_struct_ref.entity_id                  1 
_struct_ref.pdbx_seq_one_letter_code   
;DSSRRQYQEKYKQVEQYMSFHKLPPDTRQRIHDYYEHRYQGKMFDEESILGELSEPLREEIINFNCRKLVASMPLFANAD
PNFVTSMLTKLRFEVFQPGDYIIREGTIGKKMYFIQHGVVSVLTKGNKETKLADGSYFGEICLLTRGRRTASVRADTYCR
LYSLSVDNFNEVLEEYPMMRRAFETVALDRLDRIGKKNSILLHKVQHDLNSGVFNYQEN
;
_struct_ref.pdbx_align_begin           521 
_struct_ref.pdbx_db_isoform            ? 
# 
_struct_ref_seq.align_id                      1 
_struct_ref_seq.ref_id                        1 
_struct_ref_seq.pdbx_PDB_id_code              3OTF 
_struct_ref_seq.pdbx_strand_id                A 
_struct_ref_seq.seq_align_beg                 2 
_struct_ref_seq.pdbx_seq_align_beg_ins_code   ? 
_struct_ref_seq.seq_align_end                 220 
_struct_ref_seq.pdbx_seq_align_end_ins_code   ? 
_struct_ref_seq.pdbx_db_accession             Q9Y3Q4 
_struct_ref_seq.db_align_beg                  521 
_struct_ref_seq.pdbx_db_align_beg_ins_code    ? 
_struct_ref_seq.db_align_end                  739 
_struct_ref_seq.pdbx_db_align_end_ins_code    ? 
_struct_ref_seq.pdbx_auth_seq_align_beg       521 
_struct_ref_seq.pdbx_auth_seq_align_end       739 
# 
_struct_ref_seq_dif.align_id                     1 
_struct_ref_seq_dif.pdbx_pdb_id_code             3OTF 
_struct_ref_seq_dif.mon_id                       SER 
_struct_ref_seq_dif.pdbx_pdb_strand_id           A 
_struct_ref_seq_dif.seq_num                      1 
_struct_ref_seq_dif.pdbx_pdb_ins_code            ? 
_struct_ref_seq_dif.pdbx_seq_db_name             UNP 
_struct_ref_seq_dif.pdbx_seq_db_accession_code   Q9Y3Q4 
_struct_ref_seq_dif.db_mon_id                    ? 
_struct_ref_seq_dif.pdbx_seq_db_seq_num          ? 
_struct_ref_seq_dif.details                      'expression tag' 
_struct_ref_seq_dif.pdbx_auth_seq_num            520 
_struct_ref_seq_dif.pdbx_ordinal                 1 
# 
loop_
_chem_comp.id 
_chem_comp.type 
_chem_comp.mon_nstd_flag 
_chem_comp.name 
_chem_comp.pdbx_synonyms 
_chem_comp.formula 
_chem_comp.formula_weight 
ALA 'L-peptide linking' y ALANINE                                ?                  'C3 H7 N O2'      89.093  
ARG 'L-peptide linking' y ARGININE                               ?                  'C6 H15 N4 O2 1'  175.209 
ASN 'L-peptide linking' y ASPARAGINE                             ?                  'C4 H8 N2 O3'     132.118 
ASP 'L-peptide linking' y 'ASPARTIC ACID'                        ?                  'C4 H7 N O4'      133.103 
CMP non-polymer         . "ADENOSINE-3',5'-CYCLIC-MONOPHOSPHATE" 'CYCLIC AMP; CAMP' 'C10 H12 N5 O6 P' 329.206 
CYS 'L-peptide linking' y CYSTEINE                               ?                  'C3 H7 N O2 S'    121.158 
GLN 'L-peptide linking' y GLUTAMINE                              ?                  'C5 H10 N2 O3'    146.144 
GLU 'L-peptide linking' y 'GLUTAMIC ACID'                        ?                  'C5 H9 N O4'      147.129 
GLY 'peptide linking'   y GLYCINE                                ?                  'C2 H5 N O2'      75.067  
HIS 'L-peptide linking' y HISTIDINE                              ?                  'C6 H10 N3 O2 1'  156.162 
HOH non-polymer         . WATER                                  ?                  'H2 O'            18.015  
ILE 'L-peptide linking' y ISOLEUCINE                             ?                  'C6 H13 N O2'     131.173 
LEU 'L-peptide linking' y LEUCINE                                ?                  'C6 H13 N O2'     131.173 
LYS 'L-peptide linking' y LYSINE                                 ?                  'C6 H15 N2 O2 1'  147.195 
MET 'L-peptide linking' y METHIONINE                             ?                  'C5 H11 N O2 S'   149.211 
PHE 'L-peptide linking' y PHENYLALANINE                          ?                  'C9 H11 N O2'     165.189 
PRO 'L-peptide linking' y PROLINE                                ?                  'C5 H9 N O2'      115.130 
SER 'L-peptide linking' y SERINE                                 ?                  'C3 H7 N O3'      105.093 
THR 'L-peptide linking' y THREONINE                              ?                  'C4 H9 N O3'      119.119 
TYR 'L-peptide linking' y TYROSINE                               ?                  'C9 H11 N O3'     181.189 
VAL 'L-peptide linking' y VALINE                                 ?                  'C5 H11 N O2'     117.146 
# 
_exptl.entry_id          3OTF 
_exptl.method            'X-RAY DIFFRACTION' 
_exptl.crystals_number   1 
# 
_exptl_crystal.id                    1 
_exptl_crystal.density_meas          ? 
_exptl_crystal.density_Matthews      2.38 
_exptl_crystal.density_percent_sol   48.32 
_exptl_crystal.description           ? 
_exptl_crystal.F_000                 ? 
_exptl_crystal.preparation           ? 
# 
_exptl_crystal_grow.crystal_id      1 
_exptl_crystal_grow.method          'VAPOR DIFFUSION, HANGING DROP' 
_exptl_crystal_grow.temp            298.0 
_exptl_crystal_grow.temp_details    ? 
_exptl_crystal_grow.pH              5.5 
_exptl_crystal_grow.pdbx_details    
'12% ethanol, sodium citrate, 200 mM Li2SO4, pH 5.5, VAPOR DIFFUSION, HANGING DROP, temperature 298.0K' 
_exptl_crystal_grow.pdbx_pH_range   ? 
# 
_diffrn.id                     1 
_diffrn.ambient_temp           100 
_diffrn.ambient_temp_details   ? 
_diffrn.crystal_id             1 
# 
_diffrn_detector.diffrn_id              1 
_diffrn_detector.detector               'IMAGE PLATE' 
_diffrn_detector.type                   'MAR scanner 345 mm plate' 
_diffrn_detector.pdbx_collection_date   2009-10-02 
_diffrn_detector.details                ? 
# 
_diffrn_radiation.diffrn_id                        1 
_diffrn_radiation.wavelength_id                    1 
_diffrn_radiation.pdbx_monochromatic_or_laue_m_l   M 
_diffrn_radiation.monochromator                    ? 
_diffrn_radiation.pdbx_diffrn_protocol             'SINGLE WAVELENGTH' 
_diffrn_radiation.pdbx_scattering_type             x-ray 
# 
_diffrn_radiation_wavelength.id           1 
_diffrn_radiation_wavelength.wavelength   0.97923 
_diffrn_radiation_wavelength.wt           1.0 
# 
_diffrn_source.diffrn_id                   1 
_diffrn_source.source                      SYNCHROTRON 
_diffrn_source.type                        'NSLS BEAMLINE X4C' 
_diffrn_source.pdbx_synchrotron_site       NSLS 
_diffrn_source.pdbx_synchrotron_beamline   X4C 
_diffrn_source.pdbx_wavelength             ? 
_diffrn_source.pdbx_wavelength_list        0.97923 
# 
_reflns.entry_id                     3OTF 
_reflns.observed_criterion_sigma_I   ? 
_reflns.observed_criterion_sigma_F   ? 
_reflns.d_resolution_low             50 
_reflns.d_resolution_high            2.4 
_reflns.number_obs                   9567 
_reflns.number_all                   ? 
_reflns.percent_possible_obs         94.0 
_reflns.pdbx_Rmerge_I_obs            0.053 
_reflns.pdbx_Rsym_value              0.053 
_reflns.pdbx_netI_over_sigmaI        ? 
_reflns.B_iso_Wilson_estimate        ? 
_reflns.pdbx_redundancy              ? 
_reflns.R_free_details               ? 
_reflns.limit_h_max                  ? 
_reflns.limit_h_min                  ? 
_reflns.limit_k_max                  ? 
_reflns.limit_k_min                  ? 
_reflns.limit_l_max                  ? 
_reflns.limit_l_min                  ? 
_reflns.observed_criterion_F_max     ? 
_reflns.observed_criterion_F_min     ? 
_reflns.pdbx_chi_squared             ? 
_reflns.pdbx_scaling_rejects         ? 
_reflns.pdbx_diffrn_id               1 
_reflns.pdbx_ordinal                 1 
# 
loop_
_reflns_shell.d_res_high 
_reflns_shell.d_res_low 
_reflns_shell.percent_possible_all 
_reflns_shell.Rmerge_I_obs 
_reflns_shell.pdbx_Rsym_value 
_reflns_shell.meanI_over_sigI_obs 
_reflns_shell.pdbx_redundancy 
_reflns_shell.percent_possible_obs 
_reflns_shell.number_unique_all 
_reflns_shell.number_measured_all 
_reflns_shell.number_measured_obs 
_reflns_shell.number_unique_obs 
_reflns_shell.pdbx_chi_squared 
_reflns_shell.pdbx_diffrn_id 
_reflns_shell.pdbx_ordinal 
2.4  2.44 95.9 ? 0.277 5.2   8.4  ? ? ? ? ? ? ? 1  
2.44 2.49 95.6 ? 0.211 7.4   8.6  ? ? ? ? ? ? ? 2  
2.49 2.53 96.0 ? 0.196 8.7   8.6  ? ? ? ? ? ? ? 3  
2.53 2.59 95.8 ? 0.144 11.8  8.5  ? ? ? ? ? ? ? 4  
2.59 2.64 95.7 ? 0.133 13.0  8.6  ? ? ? ? ? ? ? 5  
2.64 2.70 95.2 ? 0.118 15.4  8.5  ? ? ? ? ? ? ? 6  
2.70 2.77 95.6 ? 0.111 17.2  8.6  ? ? ? ? ? ? ? 7  
2.77 2.85 95.1 ? 0.115 22.8  9.0  ? ? ? ? ? ? ? 8  
2.85 2.93 95.5 ? 0.189 28.6  22.3 ? ? ? ? ? ? ? 9  
2.93 3.02 95.2 ? 0.136 39.9  28.2 ? ? ? ? ? ? ? 10 
3.02 3.13 94.7 ? 0.118 48.6  27.6 ? ? ? ? ? ? ? 11 
3.13 3.26 94.9 ? 0.098 56.8  27.4 ? ? ? ? ? ? ? 12 
3.26 3.41 94.2 ? 0.080 70.7  27.5 ? ? ? ? ? ? ? 13 
3.41 3.58 94.4 ? 0.070 80.3  26.4 ? ? ? ? ? ? ? 14 
3.58 3.81 93.8 ? 0.060 97.2  26.5 ? ? ? ? ? ? ? 15 
3.81 4.10 93.2 ? 0.054 110.4 26.2 ? ? ? ? ? ? ? 16 
4.10 4.52 93.1 ? 0.05  116.5 25.5 ? ? ? ? ? ? ? 17 
4.52 5.17 92.0 ? 0.049 120.2 25.3 ? ? ? ? ? ? ? 18 
5.17 6.51 91.4 ? 0.047 113.1 24.2 ? ? ? ? ? ? ? 19 
6.51 50   85.0 ? 0.038 94.2  20.2 ? ? ? ? ? ? ? 20 
# 
_refine.entry_id                                 3OTF 
_refine.ls_number_reflns_obs                     8549 
_refine.ls_number_reflns_all                     ? 
_refine.pdbx_ls_sigma_I                          ? 
_refine.pdbx_ls_sigma_F                          ? 
_refine.pdbx_data_cutoff_high_absF               ? 
_refine.pdbx_data_cutoff_low_absF                ? 
_refine.pdbx_data_cutoff_high_rms_absF           ? 
_refine.ls_d_res_low                             50.00 
_refine.ls_d_res_high                            2.40 
_refine.ls_percent_reflns_obs                    93.86 
_refine.ls_R_factor_obs                          0.23857 
_refine.ls_R_factor_all                          ? 
_refine.ls_R_factor_R_work                       0.23674 
_refine.ls_R_factor_R_free                       0.27464 
_refine.ls_R_factor_R_free_error                 ? 
_refine.ls_R_factor_R_free_error_details         ? 
_refine.ls_percent_reflns_R_free                 4.8 
_refine.ls_number_reflns_R_free                  433 
_refine.ls_number_parameters                     ? 
_refine.ls_number_restraints                     ? 
_refine.occupancy_min                            ? 
_refine.occupancy_max                            ? 
_refine.correlation_coeff_Fo_to_Fc               0.948 
_refine.correlation_coeff_Fo_to_Fc_free          0.936 
_refine.B_iso_mean                               79.065 
_refine.aniso_B[1][1]                            -0.50 
_refine.aniso_B[2][2]                            -0.50 
_refine.aniso_B[3][3]                            0.99 
_refine.aniso_B[1][2]                            0.00 
_refine.aniso_B[1][3]                            0.00 
_refine.aniso_B[2][3]                            0.00 
_refine.solvent_model_details                    MASK 
_refine.solvent_model_param_ksol                 ? 
_refine.solvent_model_param_bsol                 ? 
_refine.pdbx_solvent_vdw_probe_radii             1.40 
_refine.pdbx_solvent_ion_probe_radii             0.80 
_refine.pdbx_solvent_shrinkage_radii             0.80 
_refine.pdbx_ls_cross_valid_method               THROUGHOUT 
_refine.details                                  'HYDROGENS HAVE BEEN ADDED IN THE RIDING POSITIONS' 
_refine.pdbx_starting_model                      'PDB ENTRY 1Q43' 
_refine.pdbx_method_to_determine_struct          'MOLECULAR REPLACEMENT' 
_refine.pdbx_isotropic_thermal_model             ? 
_refine.pdbx_stereochemistry_target_values       'MAXIMUM LIKELIHOOD' 
_refine.pdbx_stereochem_target_val_spec_case     ? 
_refine.pdbx_R_Free_selection_details            RANDOM 
_refine.pdbx_overall_ESU_R_Free                  0.297 
_refine.overall_SU_ML                            0.265 
_refine.overall_SU_B                             11.927 
_refine.overall_SU_R_Cruickshank_DPI             ? 
_refine.ls_redundancy_reflns_obs                 ? 
_refine.B_iso_min                                ? 
_refine.B_iso_max                                ? 
_refine.overall_SU_R_free                        ? 
_refine.ls_wR_factor_R_free                      ? 
_refine.ls_wR_factor_R_work                      ? 
_refine.overall_FOM_free_R_set                   ? 
_refine.overall_FOM_work_R_set                   ? 
_refine.pdbx_overall_phase_error                 ? 
_refine.pdbx_refine_id                           'X-RAY DIFFRACTION' 
_refine.pdbx_overall_ESU_R                       ? 
_refine.pdbx_diffrn_id                           1 
_refine.pdbx_TLS_residual_ADP_flag               ? 
_refine.pdbx_overall_SU_R_free_Cruickshank_DPI   ? 
_refine.pdbx_overall_SU_R_Blow_DPI               ? 
_refine.pdbx_overall_SU_R_free_Blow_DPI          ? 
# 
_refine_hist.pdbx_refine_id                   'X-RAY DIFFRACTION' 
_refine_hist.cycle_id                         LAST 
_refine_hist.pdbx_number_atoms_protein        1561 
_refine_hist.pdbx_number_atoms_nucleic_acid   0 
_refine_hist.pdbx_number_atoms_ligand         22 
_refine_hist.number_atoms_solvent             29 
_refine_hist.number_atoms_total               1612 
_refine_hist.d_res_high                       2.40 
_refine_hist.d_res_low                        50.00 
# 
loop_
_refine_ls_restr.type 
_refine_ls_restr.dev_ideal 
_refine_ls_restr.dev_ideal_target 
_refine_ls_restr.weight 
_refine_ls_restr.number 
_refine_ls_restr.pdbx_refine_id 
_refine_ls_restr.pdbx_restraint_function 
r_bond_refined_d             0.009  0.022  ? 1619 'X-RAY DIFFRACTION' ? 
r_angle_refined_deg          1.082  1.975  ? 2191 'X-RAY DIFFRACTION' ? 
r_dihedral_angle_1_deg       4.843  5.000  ? 196  'X-RAY DIFFRACTION' ? 
r_dihedral_angle_2_deg       33.351 22.561 ? 82   'X-RAY DIFFRACTION' ? 
r_dihedral_angle_3_deg       18.068 15.000 ? 261  'X-RAY DIFFRACTION' ? 
r_dihedral_angle_4_deg       25.440 15.000 ? 17   'X-RAY DIFFRACTION' ? 
r_chiral_restr               0.065  0.200  ? 232  'X-RAY DIFFRACTION' ? 
r_gen_planes_refined         0.008  0.021  ? 1257 'X-RAY DIFFRACTION' ? 
r_gen_planes_other           ?      ?      ? ?    'X-RAY DIFFRACTION' ? 
r_nbd_refined                ?      ?      ? ?    'X-RAY DIFFRACTION' ? 
r_nbd_other                  ?      ?      ? ?    'X-RAY DIFFRACTION' ? 
r_nbtor_refined              ?      ?      ? ?    'X-RAY DIFFRACTION' ? 
r_nbtor_other                ?      ?      ? ?    'X-RAY DIFFRACTION' ? 
r_xyhbond_nbd_refined        ?      ?      ? ?    'X-RAY DIFFRACTION' ? 
r_xyhbond_nbd_other          ?      ?      ? ?    'X-RAY DIFFRACTION' ? 
r_metal_ion_refined          ?      ?      ? ?    'X-RAY DIFFRACTION' ? 
r_metal_ion_other            ?      ?      ? ?    'X-RAY DIFFRACTION' ? 
r_symmetry_vdw_refined       ?      ?      ? ?    'X-RAY DIFFRACTION' ? 
r_symmetry_vdw_other         ?      ?      ? ?    'X-RAY DIFFRACTION' ? 
r_symmetry_hbond_refined     ?      ?      ? ?    'X-RAY DIFFRACTION' ? 
r_symmetry_hbond_other       ?      ?      ? ?    'X-RAY DIFFRACTION' ? 
r_symmetry_metal_ion_refined ?      ?      ? ?    'X-RAY DIFFRACTION' ? 
r_symmetry_metal_ion_other   ?      ?      ? ?    'X-RAY DIFFRACTION' ? 
r_mcbond_it                  ?      ?      ? ?    'X-RAY DIFFRACTION' ? 
r_mcbond_other               ?      ?      ? ?    'X-RAY DIFFRACTION' ? 
r_mcangle_it                 ?      ?      ? ?    'X-RAY DIFFRACTION' ? 
r_scbond_it                  ?      ?      ? ?    'X-RAY DIFFRACTION' ? 
r_scangle_it                 ?      ?      ? ?    'X-RAY DIFFRACTION' ? 
r_rigid_bond_restr           ?      ?      ? ?    'X-RAY DIFFRACTION' ? 
r_sphericity_free            ?      ?      ? ?    'X-RAY DIFFRACTION' ? 
r_sphericity_bonded          ?      ?      ? ?    'X-RAY DIFFRACTION' ? 
# 
_refine_ls_shell.pdbx_total_number_of_bins_used   20 
_refine_ls_shell.d_res_high                       2.401 
_refine_ls_shell.d_res_low                        2.463 
_refine_ls_shell.number_reflns_R_work             630 
_refine_ls_shell.R_factor_R_work                  0.389 
_refine_ls_shell.percent_reflns_obs               94.85 
_refine_ls_shell.R_factor_R_free                  0.406 
_refine_ls_shell.R_factor_R_free_error            ? 
_refine_ls_shell.percent_reflns_R_free            ? 
_refine_ls_shell.number_reflns_R_free             33 
_refine_ls_shell.number_reflns_all                ? 
_refine_ls_shell.R_factor_all                     ? 
_refine_ls_shell.number_reflns_obs                ? 
_refine_ls_shell.redundancy_reflns_obs            ? 
_refine_ls_shell.pdbx_refine_id                   'X-RAY DIFFRACTION' 
# 
_struct.entry_id                  3OTF 
_struct.title                     'Structural basis for the cAMP-dependent gating in human HCN4 channel' 
_struct.pdbx_model_details        ? 
_struct.pdbx_CASP_flag            ? 
_struct.pdbx_model_type_details   ? 
# 
_struct_keywords.entry_id        3OTF 
_struct_keywords.pdbx_keywords   'TRANSPORT PROTEIN' 
_struct_keywords.text            'cyclic-nucleotide binding, TRANSPORT PROTEIN' 
# 
loop_
_struct_asym.id 
_struct_asym.pdbx_blank_PDB_chainid_flag 
_struct_asym.pdbx_modified 
_struct_asym.entity_id 
_struct_asym.details 
A N N 1 ? 
B N N 2 ? 
C N N 3 ? 
# 
_struct_biol.id        1 
_struct_biol.details   ? 
# 
loop_
_struct_conf.conf_type_id 
_struct_conf.id 
_struct_conf.pdbx_PDB_helix_id 
_struct_conf.beg_label_comp_id 
_struct_conf.beg_label_asym_id 
_struct_conf.beg_label_seq_id 
_struct_conf.pdbx_beg_PDB_ins_code 
_struct_conf.end_label_comp_id 
_struct_conf.end_label_asym_id 
_struct_conf.end_label_seq_id 
_struct_conf.pdbx_end_PDB_ins_code 
_struct_conf.beg_auth_comp_id 
_struct_conf.beg_auth_asym_id 
_struct_conf.beg_auth_seq_id 
_struct_conf.end_auth_comp_id 
_struct_conf.end_auth_asym_id 
_struct_conf.end_auth_seq_id 
_struct_conf.pdbx_PDB_helix_class 
_struct_conf.details 
_struct_conf.pdbx_PDB_helix_length 
HELX_P HELX_P1  1  ASP A 2   ? HIS A 22  ? ASP A 521 HIS A 541 1 ? 21 
HELX_P HELX_P2  2  PRO A 25  ? GLN A 41  ? PRO A 544 GLN A 560 1 ? 17 
HELX_P HELX_P3  3  ASP A 46  ? GLU A 53  ? ASP A 565 GLU A 572 1 ? 8  
HELX_P HELX_P4  4  SER A 55  ? CYS A 67  ? SER A 574 CYS A 586 1 ? 13 
HELX_P HELX_P5  5  CYS A 67  ? SER A 73  ? CYS A 586 SER A 592 1 ? 7  
HELX_P HELX_P6  6  MET A 74  ? ASN A 79  ? MET A 593 ASN A 598 1 ? 6  
HELX_P HELX_P7  7  ASP A 81  ? THR A 90  ? ASP A 600 THR A 609 1 ? 10 
HELX_P HELX_P8  8  GLU A 141 ? ARG A 147 ? GLU A 660 ARG A 666 1 ? 7  
HELX_P HELX_P9  9  VAL A 167 ? TYR A 177 ? VAL A 686 TYR A 696 1 ? 11 
HELX_P HELX_P10 10 MET A 180 ? ARG A 194 ? MET A 699 ARG A 713 1 ? 15 
# 
_struct_conf_type.id          HELX_P 
_struct_conf_type.criteria    ? 
_struct_conf_type.reference   ? 
# 
loop_
_struct_sheet.id 
_struct_sheet.type 
_struct_sheet.number_strands 
_struct_sheet.details 
A ? 4 ? 
B ? 4 ? 
# 
loop_
_struct_sheet_order.sheet_id 
_struct_sheet_order.range_id_1 
_struct_sheet_order.range_id_2 
_struct_sheet_order.offset 
_struct_sheet_order.sense 
A 1 2 ? anti-parallel 
A 2 3 ? anti-parallel 
A 3 4 ? anti-parallel 
B 1 2 ? anti-parallel 
B 2 3 ? anti-parallel 
B 3 4 ? anti-parallel 
# 
loop_
_struct_sheet_range.sheet_id 
_struct_sheet_range.id 
_struct_sheet_range.beg_label_comp_id 
_struct_sheet_range.beg_label_asym_id 
_struct_sheet_range.beg_label_seq_id 
_struct_sheet_range.pdbx_beg_PDB_ins_code 
_struct_sheet_range.end_label_comp_id 
_struct_sheet_range.end_label_asym_id 
_struct_sheet_range.end_label_seq_id 
_struct_sheet_range.pdbx_end_PDB_ins_code 
_struct_sheet_range.beg_auth_comp_id 
_struct_sheet_range.beg_auth_asym_id 
_struct_sheet_range.beg_auth_seq_id 
_struct_sheet_range.end_auth_comp_id 
_struct_sheet_range.end_auth_asym_id 
_struct_sheet_range.end_auth_seq_id 
A 1 ARG A 93  ? PHE A 97  ? ARG A 612 PHE A 616 
A 2 CYS A 160 ? SER A 166 ? CYS A 679 SER A 685 
A 3 LYS A 112 ? HIS A 118 ? LYS A 631 HIS A 637 
A 4 TYR A 138 ? PHE A 139 ? TYR A 657 PHE A 658 
B 1 TYR A 102 ? ILE A 104 ? TYR A 621 ILE A 623 
B 2 SER A 153 ? ALA A 156 ? SER A 672 ALA A 675 
B 3 VAL A 121 ? LEU A 124 ? VAL A 640 LEU A 643 
B 4 THR A 131 ? LEU A 133 ? THR A 650 LEU A 652 
# 
loop_
_pdbx_struct_sheet_hbond.sheet_id 
_pdbx_struct_sheet_hbond.range_id_1 
_pdbx_struct_sheet_hbond.range_id_2 
_pdbx_struct_sheet_hbond.range_1_label_atom_id 
_pdbx_struct_sheet_hbond.range_1_label_comp_id 
_pdbx_struct_sheet_hbond.range_1_label_asym_id 
_pdbx_struct_sheet_hbond.range_1_label_seq_id 
_pdbx_struct_sheet_hbond.range_1_PDB_ins_code 
_pdbx_struct_sheet_hbond.range_1_auth_atom_id 
_pdbx_struct_sheet_hbond.range_1_auth_comp_id 
_pdbx_struct_sheet_hbond.range_1_auth_asym_id 
_pdbx_struct_sheet_hbond.range_1_auth_seq_id 
_pdbx_struct_sheet_hbond.range_2_label_atom_id 
_pdbx_struct_sheet_hbond.range_2_label_comp_id 
_pdbx_struct_sheet_hbond.range_2_label_asym_id 
_pdbx_struct_sheet_hbond.range_2_label_seq_id 
_pdbx_struct_sheet_hbond.range_2_PDB_ins_code 
_pdbx_struct_sheet_hbond.range_2_auth_atom_id 
_pdbx_struct_sheet_hbond.range_2_auth_comp_id 
_pdbx_struct_sheet_hbond.range_2_auth_asym_id 
_pdbx_struct_sheet_hbond.range_2_auth_seq_id 
A 1 2 N GLU A 95  ? N GLU A 614 O LEU A 162 ? O LEU A 681 
A 2 3 O ARG A 161 ? O ARG A 680 N HIS A 118 ? N HIS A 637 
A 3 4 N TYR A 114 ? N TYR A 633 O PHE A 139 ? O PHE A 658 
B 1 2 N ILE A 103 ? N ILE A 622 O VAL A 154 ? O VAL A 673 
B 2 3 O ARG A 155 ? O ARG A 674 N SER A 122 ? N SER A 641 
B 3 4 N VAL A 123 ? N VAL A 642 O THR A 131 ? O THR A 650 
# 
_struct_site.id                   AC1 
_struct_site.pdbx_evidence_code   Software 
_struct_site.pdbx_auth_asym_id    A 
_struct_site.pdbx_auth_comp_id    CMP 
_struct_site.pdbx_auth_seq_id     725 
_struct_site.pdbx_auth_ins_code   ? 
_struct_site.pdbx_num_residues    8 
_struct_site.details              'BINDING SITE FOR RESIDUE CMP A 725' 
# 
loop_
_struct_site_gen.id 
_struct_site_gen.site_id 
_struct_site_gen.pdbx_num_res 
_struct_site_gen.label_comp_id 
_struct_site_gen.label_asym_id 
_struct_site_gen.label_seq_id 
_struct_site_gen.pdbx_auth_ins_code 
_struct_site_gen.auth_comp_id 
_struct_site_gen.auth_asym_id 
_struct_site_gen.auth_seq_id 
_struct_site_gen.label_atom_id 
_struct_site_gen.label_alt_id 
_struct_site_gen.symmetry 
_struct_site_gen.details 
1 AC1 8 PHE A 139 ? PHE A 658 . ? 1_555 ? 
2 AC1 8 GLY A 140 ? GLY A 659 . ? 1_555 ? 
3 AC1 8 GLU A 141 ? GLU A 660 . ? 1_555 ? 
4 AC1 8 ILE A 142 ? ILE A 661 . ? 1_555 ? 
5 AC1 8 CYS A 143 ? CYS A 662 . ? 1_555 ? 
6 AC1 8 ARG A 150 ? ARG A 669 . ? 1_555 ? 
7 AC1 8 THR A 151 ? THR A 670 . ? 1_555 ? 
8 AC1 8 ARG A 191 ? ARG A 710 . ? 1_555 ? 
# 
_atom_sites.entry_id                    3OTF 
_atom_sites.fract_transf_matrix[1][1]   -0.00484186 
_atom_sites.fract_transf_matrix[1][2]   -0.01347623 
_atom_sites.fract_transf_matrix[1][3]   -0.00184487 
_atom_sites.fract_transf_matrix[2][1]   0.00892572 
_atom_sites.fract_transf_matrix[2][2]   -0.00167025 
_atom_sites.fract_transf_matrix[2][3]   -0.01122487 
_atom_sites.fract_transf_matrix[3][1]   0.00371009 
_atom_sites.fract_transf_matrix[3][2]   -0.00177298 
_atom_sites.fract_transf_matrix[3][3]   0.00321399 
_atom_sites.fract_transf_vector[1]      -0.206342 
_atom_sites.fract_transf_vector[2]      -0.263827 
_atom_sites.fract_transf_vector[3]      0.133473 
# 
loop_
_atom_type.symbol 
C 
N 
O 
P 
S 
# 
loop_
_atom_site.group_PDB 
_atom_site.id 
_atom_site.type_symbol 
_atom_site.label_atom_id 
_atom_site.label_alt_id 
_atom_site.label_comp_id 
_atom_site.label_asym_id 
_atom_site.label_entity_id 
_atom_site.label_seq_id 
_atom_site.pdbx_PDB_ins_code 
_atom_site.Cartn_x 
_atom_site.Cartn_y 
_atom_site.Cartn_z 
_atom_site.occupancy 
_atom_site.B_iso_or_equiv 
_atom_site.pdbx_formal_charge 
_atom_site.auth_seq_id 
_atom_site.auth_comp_id 
_atom_site.auth_asym_id 
_atom_site.auth_atom_id 
_atom_site.pdbx_PDB_model_num 
ATOM   1    N N     . ASP A 1 2   ? 17.629  -17.532 13.843  1.00 112.33 ? 521 ASP A N     1 
ATOM   2    C CA    . ASP A 1 2   ? 18.212  -18.687 13.095  1.00 111.72 ? 521 ASP A CA    1 
ATOM   3    C C     . ASP A 1 2   ? 18.239  -18.437 11.586  1.00 110.22 ? 521 ASP A C     1 
ATOM   4    O O     . ASP A 1 2   ? 19.032  -17.635 11.098  1.00 110.02 ? 521 ASP A O     1 
ATOM   5    C CB    . ASP A 1 2   ? 17.449  -19.983 13.418  1.00 113.28 ? 521 ASP A CB    1 
ATOM   6    C CG    . ASP A 1 2   ? 18.218  -21.244 13.010  1.00 114.88 ? 521 ASP A CG    1 
ATOM   7    O OD1   . ASP A 1 2   ? 18.176  -21.624 11.812  1.00 114.08 ? 521 ASP A OD1   1 
ATOM   8    O OD2   . ASP A 1 2   ? 18.844  -21.865 13.903  1.00 115.22 ? 521 ASP A OD2   1 
ATOM   9    N N     . SER A 1 3   ? 17.363  -19.122 10.856  1.00 108.66 ? 522 SER A N     1 
ATOM   10   C CA    . SER A 1 3   ? 17.412  -19.165 9.393   1.00 107.24 ? 522 SER A CA    1 
ATOM   11   C C     . SER A 1 3   ? 16.862  -17.899 8.728   1.00 105.20 ? 522 SER A C     1 
ATOM   12   O O     . SER A 1 3   ? 17.279  -17.530 7.623   1.00 104.87 ? 522 SER A O     1 
ATOM   13   C CB    . SER A 1 3   ? 16.657  -20.392 8.876   1.00 107.81 ? 522 SER A CB    1 
ATOM   14   O OG    . SER A 1 3   ? 16.761  -20.497 7.467   1.00 109.35 ? 522 SER A OG    1 
ATOM   15   N N     . SER A 1 4   ? 15.906  -17.259 9.393   1.00 102.45 ? 523 SER A N     1 
ATOM   16   C CA    . SER A 1 4   ? 15.330  -16.016 8.898   1.00 100.28 ? 523 SER A CA    1 
ATOM   17   C C     . SER A 1 4   ? 16.300  -14.851 9.092   1.00 99.71  ? 523 SER A C     1 
ATOM   18   O O     . SER A 1 4   ? 16.597  -14.123 8.139   1.00 98.43  ? 523 SER A O     1 
ATOM   19   C CB    . SER A 1 4   ? 13.988  -15.728 9.582   1.00 100.39 ? 523 SER A CB    1 
ATOM   20   O OG    . SER A 1 4   ? 14.153  -15.526 10.976  1.00 101.25 ? 523 SER A OG    1 
ATOM   21   N N     . ARG A 1 5   ? 16.802  -14.686 10.320  1.00 98.48  ? 524 ARG A N     1 
ATOM   22   C CA    . ARG A 1 5   ? 17.778  -13.639 10.617  1.00 96.92  ? 524 ARG A CA    1 
ATOM   23   C C     . ARG A 1 5   ? 19.000  -13.755 9.709   1.00 96.26  ? 524 ARG A C     1 
ATOM   24   O O     . ARG A 1 5   ? 19.470  -12.765 9.161   1.00 95.19  ? 524 ARG A O     1 
ATOM   25   C CB    . ARG A 1 5   ? 18.193  -13.666 12.093  1.00 97.35  ? 524 ARG A CB    1 
ATOM   26   C CG    . ARG A 1 5   ? 18.682  -12.322 12.625  1.00 98.44  ? 524 ARG A CG    1 
ATOM   27   C CD    . ARG A 1 5   ? 18.847  -12.330 14.151  1.00 100.48 ? 524 ARG A CD    1 
ATOM   28   N NE    . ARG A 1 5   ? 19.583  -11.149 14.630  1.00 101.75 ? 524 ARG A NE    1 
ATOM   29   C CZ    . ARG A 1 5   ? 20.424  -11.134 15.672  1.00 101.44 ? 524 ARG A CZ    1 
ATOM   30   N NH1   . ARG A 1 5   ? 20.643  -12.242 16.379  1.00 99.87  ? 524 ARG A NH1   1 
ATOM   31   N NH2   . ARG A 1 5   ? 21.057  -10.006 16.008  1.00 99.19  ? 524 ARG A NH2   1 
ATOM   32   N N     . ARG A 1 6   ? 19.468  -14.977 9.503   1.00 95.96  ? 525 ARG A N     1 
ATOM   33   C CA    . ARG A 1 6   ? 20.645  -15.207 8.677   1.00 96.40  ? 525 ARG A CA    1 
ATOM   34   C C     . ARG A 1 6   ? 20.355  -14.881 7.216   1.00 96.55  ? 525 ARG A C     1 
ATOM   35   O O     . ARG A 1 6   ? 21.243  -14.437 6.485   1.00 96.30  ? 525 ARG A O     1 
ATOM   36   C CB    . ARG A 1 6   ? 21.146  -16.652 8.838   1.00 97.25  ? 525 ARG A CB    1 
ATOM   37   C CG    . ARG A 1 6   ? 22.450  -16.974 8.098   1.00 98.86  ? 525 ARG A CG    1 
ATOM   38   C CD    . ARG A 1 6   ? 22.193  -17.677 6.765   1.00 99.00  ? 525 ARG A CD    1 
ATOM   39   N NE    . ARG A 1 6   ? 21.891  -19.097 6.958   1.00 100.32 ? 525 ARG A NE    1 
ATOM   40   C CZ    . ARG A 1 6   ? 20.667  -19.626 6.935   1.00 100.64 ? 525 ARG A CZ    1 
ATOM   41   N NH1   . ARG A 1 6   ? 19.603  -18.856 6.717   1.00 100.75 ? 525 ARG A NH1   1 
ATOM   42   N NH2   . ARG A 1 6   ? 20.506  -20.932 7.120   1.00 99.94  ? 525 ARG A NH2   1 
ATOM   43   N N     . GLN A 1 7   ? 19.111  -15.102 6.791   1.00 96.83  ? 526 GLN A N     1 
ATOM   44   C CA    . GLN A 1 7   ? 18.706  -14.777 5.423   1.00 96.96  ? 526 GLN A CA    1 
ATOM   45   C C     . GLN A 1 7   ? 18.710  -13.261 5.192   1.00 97.17  ? 526 GLN A C     1 
ATOM   46   O O     . GLN A 1 7   ? 19.015  -12.799 4.089   1.00 97.34  ? 526 GLN A O     1 
ATOM   47   C CB    . GLN A 1 7   ? 17.334  -15.378 5.107   1.00 97.17  ? 526 GLN A CB    1 
ATOM   48   N N     . TYR A 1 8   ? 18.399  -12.502 6.245   1.00 97.05  ? 527 TYR A N     1 
ATOM   49   C CA    . TYR A 1 8   ? 18.358  -11.038 6.201   1.00 97.54  ? 527 TYR A CA    1 
ATOM   50   C C     . TYR A 1 8   ? 19.758  -10.439 6.180   1.00 97.22  ? 527 TYR A C     1 
ATOM   51   O O     . TYR A 1 8   ? 20.112  -9.694  5.265   1.00 96.87  ? 527 TYR A O     1 
ATOM   52   C CB    . TYR A 1 8   ? 17.573  -10.488 7.399   1.00 97.69  ? 527 TYR A CB    1 
ATOM   53   C CG    . TYR A 1 8   ? 17.673  -8.983  7.607   1.00 99.01  ? 527 TYR A CG    1 
ATOM   54   C CD1   . TYR A 1 8   ? 16.679  -8.127  7.135   1.00 99.06  ? 527 TYR A CD1   1 
ATOM   55   C CD2   . TYR A 1 8   ? 18.737  -8.418  8.316   1.00 99.77  ? 527 TYR A CD2   1 
ATOM   56   C CE1   . TYR A 1 8   ? 16.751  -6.744  7.340   1.00 99.07  ? 527 TYR A CE1   1 
ATOM   57   C CE2   . TYR A 1 8   ? 18.820  -7.032  8.517   1.00 100.10 ? 527 TYR A CE2   1 
ATOM   58   C CZ    . TYR A 1 8   ? 17.818  -6.205  8.032   1.00 98.86  ? 527 TYR A CZ    1 
ATOM   59   O OH    . TYR A 1 8   ? 17.888  -4.844  8.228   1.00 98.20  ? 527 TYR A OH    1 
ATOM   60   N N     . GLN A 1 9   ? 20.546  -10.756 7.203   1.00 96.65  ? 528 GLN A N     1 
ATOM   61   C CA    . GLN A 1 9   ? 21.881  -10.188 7.333   1.00 95.52  ? 528 GLN A CA    1 
ATOM   62   C C     . GLN A 1 9   ? 22.769  -10.594 6.160   1.00 94.21  ? 528 GLN A C     1 
ATOM   63   O O     . GLN A 1 9   ? 23.683  -9.858  5.797   1.00 93.48  ? 528 GLN A O     1 
ATOM   64   C CB    . GLN A 1 9   ? 22.513  -10.572 8.679   1.00 96.81  ? 528 GLN A CB    1 
ATOM   65   C CG    . GLN A 1 9   ? 22.949  -12.037 8.778   1.00 98.40  ? 528 GLN A CG    1 
ATOM   66   C CD    . GLN A 1 9   ? 22.986  -12.555 10.211  1.00 99.45  ? 528 GLN A CD    1 
ATOM   67   O OE1   . GLN A 1 9   ? 23.182  -13.753 10.433  1.00 100.73 ? 528 GLN A OE1   1 
ATOM   68   N NE2   . GLN A 1 9   ? 22.780  -11.663 11.189  1.00 99.72  ? 528 GLN A NE2   1 
ATOM   69   N N     . GLU A 1 10  ? 22.464  -11.737 5.545   1.00 92.62  ? 529 GLU A N     1 
ATOM   70   C CA    . GLU A 1 10  ? 23.164  -12.185 4.342   1.00 91.87  ? 529 GLU A CA    1 
ATOM   71   C C     . GLU A 1 10  ? 22.738  -11.382 3.121   1.00 91.90  ? 529 GLU A C     1 
ATOM   72   O O     . GLU A 1 10  ? 23.554  -11.067 2.249   1.00 91.92  ? 529 GLU A O     1 
ATOM   73   C CB    . GLU A 1 10  ? 22.926  -13.675 4.101   1.00 91.74  ? 529 GLU A CB    1 
ATOM   74   N N     . LYS A 1 11  ? 21.446  -11.078 3.044   1.00 91.48  ? 530 LYS A N     1 
ATOM   75   C CA    . LYS A 1 11  ? 20.922  -10.262 1.952   1.00 91.10  ? 530 LYS A CA    1 
ATOM   76   C C     . LYS A 1 11  ? 21.280  -8.791  2.152   1.00 90.31  ? 530 LYS A C     1 
ATOM   77   O O     . LYS A 1 11  ? 21.706  -8.127  1.209   1.00 90.61  ? 530 LYS A O     1 
ATOM   78   C CB    . LYS A 1 11  ? 19.405  -10.452 1.791   1.00 90.98  ? 530 LYS A CB    1 
ATOM   79   N N     . TYR A 1 12  ? 21.165  -8.289  3.381   1.00 88.96  ? 531 TYR A N     1 
ATOM   80   C CA    . TYR A 1 12  ? 21.625  -6.939  3.632   1.00 88.91  ? 531 TYR A CA    1 
ATOM   81   C C     . TYR A 1 12  ? 23.097  -6.787  3.267   1.00 88.22  ? 531 TYR A C     1 
ATOM   82   O O     . TYR A 1 12  ? 23.503  -5.751  2.740   1.00 88.33  ? 531 TYR A O     1 
ATOM   83   C CB    . TYR A 1 12  ? 21.355  -6.469  5.066   1.00 90.64  ? 531 TYR A CB    1 
ATOM   84   C CG    . TYR A 1 12  ? 21.595  -4.981  5.211   1.00 92.95  ? 531 TYR A CG    1 
ATOM   85   C CD1   . TYR A 1 12  ? 20.859  -4.066  4.459   1.00 93.08  ? 531 TYR A CD1   1 
ATOM   86   C CD2   . TYR A 1 12  ? 22.617  -4.494  6.009   1.00 93.00  ? 531 TYR A CD2   1 
ATOM   87   C CE1   . TYR A 1 12  ? 21.104  -2.709  4.534   1.00 93.63  ? 531 TYR A CE1   1 
ATOM   88   C CE2   . TYR A 1 12  ? 22.868  -3.128  6.093   1.00 93.62  ? 531 TYR A CE2   1 
ATOM   89   C CZ    . TYR A 1 12  ? 22.109  -2.243  5.347   1.00 93.88  ? 531 TYR A CZ    1 
ATOM   90   O OH    . TYR A 1 12  ? 22.345  -0.887  5.421   1.00 95.45  ? 531 TYR A OH    1 
ATOM   91   N N     . LYS A 1 13  ? 23.881  -7.836  3.507   1.00 87.93  ? 532 LYS A N     1 
ATOM   92   C CA    . LYS A 1 13  ? 25.298  -7.841  3.147   1.00 87.30  ? 532 LYS A CA    1 
ATOM   93   C C     . LYS A 1 13  ? 25.451  -7.558  1.662   1.00 88.36  ? 532 LYS A C     1 
ATOM   94   O O     . LYS A 1 13  ? 26.122  -6.597  1.272   1.00 88.43  ? 532 LYS A O     1 
ATOM   95   C CB    . LYS A 1 13  ? 25.962  -9.175  3.514   1.00 87.61  ? 532 LYS A CB    1 
ATOM   96   N N     . GLN A 1 14  ? 24.782  -8.367  0.840   1.00 88.90  ? 533 GLN A N     1 
ATOM   97   C CA    . GLN A 1 14  ? 24.769  -8.168  -0.613  1.00 89.26  ? 533 GLN A CA    1 
ATOM   98   C C     . GLN A 1 14  ? 24.404  -6.725  -1.014  1.00 88.61  ? 533 GLN A C     1 
ATOM   99   O O     . GLN A 1 14  ? 25.034  -6.127  -1.902  1.00 88.65  ? 533 GLN A O     1 
ATOM   100  C CB    . GLN A 1 14  ? 23.829  -9.177  -1.284  1.00 90.05  ? 533 GLN A CB    1 
ATOM   101  C CG    . GLN A 1 14  ? 23.895  -9.156  -2.810  1.00 93.25  ? 533 GLN A CG    1 
ATOM   102  C CD    . GLN A 1 14  ? 22.989  -10.192 -3.467  1.00 94.23  ? 533 GLN A CD    1 
ATOM   103  O OE1   . GLN A 1 14  ? 21.903  -10.492 -2.958  1.00 93.95  ? 533 GLN A OE1   1 
ATOM   104  N NE2   . GLN A 1 14  ? 23.420  -10.726 -4.621  1.00 93.07  ? 533 GLN A NE2   1 
ATOM   105  N N     . VAL A 1 15  ? 23.412  -6.163  -0.329  1.00 87.68  ? 534 VAL A N     1 
ATOM   106  C CA    . VAL A 1 15  ? 22.974  -4.800  -0.591  1.00 86.86  ? 534 VAL A CA    1 
ATOM   107  C C     . VAL A 1 15  ? 24.086  -3.800  -0.282  1.00 87.13  ? 534 VAL A C     1 
ATOM   108  O O     . VAL A 1 15  ? 24.314  -2.855  -1.044  1.00 86.81  ? 534 VAL A O     1 
ATOM   109  C CB    . VAL A 1 15  ? 21.712  -4.444  0.222   1.00 86.92  ? 534 VAL A CB    1 
ATOM   110  C CG1   . VAL A 1 15  ? 21.344  -2.985  0.017   1.00 87.16  ? 534 VAL A CG1   1 
ATOM   111  C CG2   . VAL A 1 15  ? 20.553  -5.347  -0.169  1.00 85.88  ? 534 VAL A CG2   1 
ATOM   112  N N     . GLU A 1 16  ? 24.780  -4.022  0.830   1.00 87.93  ? 535 GLU A N     1 
ATOM   113  C CA    . GLU A 1 16  ? 25.844  -3.113  1.271   1.00 88.40  ? 535 GLU A CA    1 
ATOM   114  C C     . GLU A 1 16  ? 27.010  -3.095  0.284   1.00 87.05  ? 535 GLU A C     1 
ATOM   115  O O     . GLU A 1 16  ? 27.693  -2.082  0.143   1.00 87.26  ? 535 GLU A O     1 
ATOM   116  C CB    . GLU A 1 16  ? 26.328  -3.469  2.694   1.00 87.43  ? 535 GLU A CB    1 
ATOM   117  N N     . GLN A 1 17  ? 27.199  -4.198  -0.433  1.00 87.97  ? 536 GLN A N     1 
ATOM   118  C CA    . GLN A 1 17  ? 28.269  -4.291  -1.423  1.00 89.53  ? 536 GLN A CA    1 
ATOM   119  C C     . GLN A 1 17  ? 27.914  -3.518  -2.686  1.00 89.50  ? 536 GLN A C     1 
ATOM   120  O O     . GLN A 1 17  ? 28.687  -2.669  -3.146  1.00 90.03  ? 536 GLN A O     1 
ATOM   121  C CB    . GLN A 1 17  ? 28.582  -5.757  -1.749  1.00 91.52  ? 536 GLN A CB    1 
ATOM   122  C CG    . GLN A 1 17  ? 29.315  -6.498  -0.613  1.00 95.43  ? 536 GLN A CG    1 
ATOM   123  C CD    . GLN A 1 17  ? 29.229  -8.019  -0.739  1.00 96.93  ? 536 GLN A CD    1 
ATOM   124  O OE1   . GLN A 1 17  ? 29.088  -8.733  0.263   1.00 97.20  ? 536 GLN A OE1   1 
ATOM   125  N NE2   . GLN A 1 17  ? 29.312  -8.520  -1.973  1.00 97.01  ? 536 GLN A NE2   1 
ATOM   126  N N     . TYR A 1 18  ? 26.729  -3.803  -3.222  1.00 88.71  ? 537 TYR A N     1 
ATOM   127  C CA    . TYR A 1 18  ? 26.182  -3.079  -4.366  1.00 88.62  ? 537 TYR A CA    1 
ATOM   128  C C     . TYR A 1 18  ? 26.289  -1.560  -4.222  1.00 89.22  ? 537 TYR A C     1 
ATOM   129  O O     . TYR A 1 18  ? 26.682  -0.873  -5.154  1.00 88.43  ? 537 TYR A O     1 
ATOM   130  C CB    . TYR A 1 18  ? 24.723  -3.484  -4.588  1.00 87.81  ? 537 TYR A CB    1 
ATOM   131  C CG    . TYR A 1 18  ? 24.009  -2.634  -5.610  1.00 86.92  ? 537 TYR A CG    1 
ATOM   132  C CD1   . TYR A 1 18  ? 23.605  -1.335  -5.305  1.00 85.70  ? 537 TYR A CD1   1 
ATOM   133  C CD2   . TYR A 1 18  ? 23.742  -3.125  -6.884  1.00 86.50  ? 537 TYR A CD2   1 
ATOM   134  C CE1   . TYR A 1 18  ? 22.958  -0.551  -6.240  1.00 85.83  ? 537 TYR A CE1   1 
ATOM   135  C CE2   . TYR A 1 18  ? 23.088  -2.353  -7.823  1.00 86.57  ? 537 TYR A CE2   1 
ATOM   136  C CZ    . TYR A 1 18  ? 22.695  -1.068  -7.495  1.00 86.67  ? 537 TYR A CZ    1 
ATOM   137  O OH    . TYR A 1 18  ? 22.053  -0.289  -8.430  1.00 87.90  ? 537 TYR A OH    1 
ATOM   138  N N     . MET A 1 19  ? 25.915  -1.042  -3.057  1.00 91.77  ? 538 MET A N     1 
ATOM   139  C CA    . MET A 1 19  ? 26.028  0.385   -2.784  1.00 93.97  ? 538 MET A CA    1 
ATOM   140  C C     . MET A 1 19  ? 27.467  0.865   -2.944  1.00 96.46  ? 538 MET A C     1 
ATOM   141  O O     . MET A 1 19  ? 27.709  1.940   -3.494  1.00 97.32  ? 538 MET A O     1 
ATOM   142  C CB    . MET A 1 19  ? 25.534  0.710   -1.376  1.00 93.72  ? 538 MET A CB    1 
ATOM   143  C CG    . MET A 1 19  ? 24.128  0.236   -1.066  1.00 94.02  ? 538 MET A CG    1 
ATOM   144  S SD    . MET A 1 19  ? 23.407  1.112   0.343   1.00 96.48  ? 538 MET A SD    1 
ATOM   145  C CE    . MET A 1 19  ? 24.306  0.433   1.740   1.00 95.01  ? 538 MET A CE    1 
ATOM   146  N N     . SER A 1 20  ? 28.415  0.054   -2.476  1.00 98.53  ? 539 SER A N     1 
ATOM   147  C CA    . SER A 1 20  ? 29.842  0.401   -2.511  1.00 100.29 ? 539 SER A CA    1 
ATOM   148  C C     . SER A 1 20  ? 30.396  0.375   -3.938  1.00 100.11 ? 539 SER A C     1 
ATOM   149  O O     . SER A 1 20  ? 31.041  1.329   -4.376  1.00 100.23 ? 539 SER A O     1 
ATOM   150  C CB    . SER A 1 20  ? 30.645  -0.535  -1.591  1.00 101.42 ? 539 SER A CB    1 
ATOM   151  O OG    . SER A 1 20  ? 31.984  -0.092  -1.433  1.00 102.95 ? 539 SER A OG    1 
ATOM   152  N N     . PHE A 1 21  ? 30.118  -0.712  -4.655  1.00 99.82  ? 540 PHE A N     1 
ATOM   153  C CA    . PHE A 1 21  ? 30.433  -0.840  -6.084  1.00 100.29 ? 540 PHE A CA    1 
ATOM   154  C C     . PHE A 1 21  ? 29.992  0.369   -6.919  1.00 99.95  ? 540 PHE A C     1 
ATOM   155  O O     . PHE A 1 21  ? 30.696  0.785   -7.846  1.00 100.62 ? 540 PHE A O     1 
ATOM   156  C CB    . PHE A 1 21  ? 29.795  -2.115  -6.632  1.00 102.72 ? 540 PHE A CB    1 
ATOM   157  C CG    . PHE A 1 21  ? 30.026  -2.344  -8.109  1.00 106.43 ? 540 PHE A CG    1 
ATOM   158  C CD1   . PHE A 1 21  ? 31.309  -2.354  -8.640  1.00 107.51 ? 540 PHE A CD1   1 
ATOM   159  C CD2   . PHE A 1 21  ? 28.957  -2.634  -8.952  1.00 108.19 ? 540 PHE A CD2   1 
ATOM   160  C CE1   . PHE A 1 21  ? 31.520  -2.616  -9.996  1.00 108.73 ? 540 PHE A CE1   1 
ATOM   161  C CE2   . PHE A 1 21  ? 29.158  -2.905  -10.311 1.00 109.25 ? 540 PHE A CE2   1 
ATOM   162  C CZ    . PHE A 1 21  ? 30.443  -2.896  -10.830 1.00 109.55 ? 540 PHE A CZ    1 
ATOM   163  N N     . HIS A 1 22  ? 28.824  0.917   -6.592  1.00 97.27  ? 541 HIS A N     1 
ATOM   164  C CA    . HIS A 1 22  ? 28.242  2.017   -7.347  1.00 94.48  ? 541 HIS A CA    1 
ATOM   165  C C     . HIS A 1 22  ? 28.501  3.339   -6.656  1.00 93.94  ? 541 HIS A C     1 
ATOM   166  O O     . HIS A 1 22  ? 28.061  4.392   -7.119  1.00 94.35  ? 541 HIS A O     1 
ATOM   167  C CB    . HIS A 1 22  ? 26.746  1.789   -7.544  1.00 93.25  ? 541 HIS A CB    1 
ATOM   168  C CG    . HIS A 1 22  ? 26.435  0.758   -8.580  1.00 92.00  ? 541 HIS A CG    1 
ATOM   169  N ND1   . HIS A 1 22  ? 26.380  1.049   -9.927  1.00 92.44  ? 541 HIS A ND1   1 
ATOM   170  C CD2   . HIS A 1 22  ? 26.218  -0.573  -8.475  1.00 91.71  ? 541 HIS A CD2   1 
ATOM   171  C CE1   . HIS A 1 22  ? 26.125  -0.055  -10.605 1.00 91.30  ? 541 HIS A CE1   1 
ATOM   172  N NE2   . HIS A 1 22  ? 26.017  -1.054  -9.747  1.00 91.30  ? 541 HIS A NE2   1 
ATOM   173  N N     . LYS A 1 23  ? 29.226  3.272   -5.545  1.00 92.85  ? 542 LYS A N     1 
ATOM   174  C CA    . LYS A 1 23  ? 29.735  4.456   -4.866  1.00 91.51  ? 542 LYS A CA    1 
ATOM   175  C C     . LYS A 1 23  ? 28.636  5.484   -4.537  1.00 90.03  ? 542 LYS A C     1 
ATOM   176  O O     . LYS A 1 23  ? 28.830  6.693   -4.676  1.00 88.88  ? 542 LYS A O     1 
ATOM   177  C CB    . LYS A 1 23  ? 30.876  5.087   -5.684  1.00 92.36  ? 542 LYS A CB    1 
ATOM   178  N N     . LEU A 1 24  ? 27.493  4.991   -4.066  1.00 88.46  ? 543 LEU A N     1 
ATOM   179  C CA    . LEU A 1 24  ? 26.347  5.844   -3.732  1.00 86.76  ? 543 LEU A CA    1 
ATOM   180  C C     . LEU A 1 24  ? 26.649  6.786   -2.567  1.00 85.89  ? 543 LEU A C     1 
ATOM   181  O O     . LEU A 1 24  ? 27.343  6.389   -1.632  1.00 85.35  ? 543 LEU A O     1 
ATOM   182  C CB    . LEU A 1 24  ? 25.125  4.973   -3.400  1.00 85.53  ? 543 LEU A CB    1 
ATOM   183  C CG    . LEU A 1 24  ? 24.605  4.088   -4.534  1.00 84.86  ? 543 LEU A CG    1 
ATOM   184  C CD1   . LEU A 1 24  ? 23.810  2.923   -3.979  1.00 86.28  ? 543 LEU A CD1   1 
ATOM   185  C CD2   . LEU A 1 24  ? 23.774  4.897   -5.521  1.00 83.82  ? 543 LEU A CD2   1 
ATOM   186  N N     . PRO A 1 25  ? 26.127  8.031   -2.615  1.00 85.96  ? 544 PRO A N     1 
ATOM   187  C CA    . PRO A 1 25  ? 26.258  8.979   -1.510  1.00 86.95  ? 544 PRO A CA    1 
ATOM   188  C C     . PRO A 1 25  ? 25.775  8.363   -0.212  1.00 88.12  ? 544 PRO A C     1 
ATOM   189  O O     . PRO A 1 25  ? 24.782  7.642   -0.215  1.00 88.45  ? 544 PRO A O     1 
ATOM   190  C CB    . PRO A 1 25  ? 25.307  10.115  -1.904  1.00 87.33  ? 544 PRO A CB    1 
ATOM   191  C CG    . PRO A 1 25  ? 25.300  10.092  -3.375  1.00 87.44  ? 544 PRO A CG    1 
ATOM   192  C CD    . PRO A 1 25  ? 25.391  8.624   -3.746  1.00 87.70  ? 544 PRO A CD    1 
ATOM   193  N N     . PRO A 1 26  ? 26.493  8.621   0.893   1.00 89.28  ? 545 PRO A N     1 
ATOM   194  C CA    . PRO A 1 26  ? 26.088  8.110   2.203   1.00 89.34  ? 545 PRO A CA    1 
ATOM   195  C C     . PRO A 1 26  ? 24.749  8.713   2.583   1.00 89.51  ? 545 PRO A C     1 
ATOM   196  O O     . PRO A 1 26  ? 24.049  8.201   3.452   1.00 90.46  ? 545 PRO A O     1 
ATOM   197  C CB    . PRO A 1 26  ? 27.191  8.625   3.133   1.00 88.91  ? 545 PRO A CB    1 
ATOM   198  C CG    . PRO A 1 26  ? 27.732  9.837   2.434   1.00 88.85  ? 545 PRO A CG    1 
ATOM   199  C CD    . PRO A 1 26  ? 27.683  9.488   0.979   1.00 89.12  ? 545 PRO A CD    1 
ATOM   200  N N     . ASP A 1 27  ? 24.420  9.809   1.919   1.00 90.40  ? 546 ASP A N     1 
ATOM   201  C CA    . ASP A 1 27  ? 23.105  10.421  1.980   1.00 90.98  ? 546 ASP A CA    1 
ATOM   202  C C     . ASP A 1 27  ? 22.033  9.426   1.490   1.00 90.93  ? 546 ASP A C     1 
ATOM   203  O O     . ASP A 1 27  ? 20.907  9.408   1.990   1.00 90.10  ? 546 ASP A O     1 
ATOM   204  C CB    . ASP A 1 27  ? 23.151  11.699  1.126   1.00 94.08  ? 546 ASP A CB    1 
ATOM   205  C CG    . ASP A 1 27  ? 21.776  12.279  0.833   1.00 96.43  ? 546 ASP A CG    1 
ATOM   206  O OD1   . ASP A 1 27  ? 21.103  12.753  1.778   1.00 98.94  ? 546 ASP A OD1   1 
ATOM   207  O OD2   . ASP A 1 27  ? 21.405  12.334  -0.363  1.00 98.04  ? 546 ASP A OD2   1 
ATOM   208  N N     . THR A 1 28  ? 22.431  8.540   0.581   1.00 89.63  ? 547 THR A N     1 
ATOM   209  C CA    . THR A 1 28  ? 21.541  7.545   -0.007  1.00 87.60  ? 547 THR A CA    1 
ATOM   210  C C     . THR A 1 28  ? 21.648  6.181   0.688   1.00 86.96  ? 547 THR A C     1 
ATOM   211  O O     . THR A 1 28  ? 20.634  5.544   0.962   1.00 86.45  ? 547 THR A O     1 
ATOM   212  C CB    . THR A 1 28  ? 21.797  7.411   -1.535  1.00 87.03  ? 547 THR A CB    1 
ATOM   213  O OG1   . THR A 1 28  ? 21.392  8.618   -2.195  1.00 85.71  ? 547 THR A OG1   1 
ATOM   214  C CG2   . THR A 1 28  ? 21.032  6.239   -2.129  1.00 85.29  ? 547 THR A CG2   1 
ATOM   215  N N     . ARG A 1 29  ? 22.872  5.748   0.979   1.00 87.01  ? 548 ARG A N     1 
ATOM   216  C CA    . ARG A 1 29  ? 23.114  4.458   1.634   1.00 86.16  ? 548 ARG A CA    1 
ATOM   217  C C     . ARG A 1 29  ? 22.350  4.355   2.947   1.00 86.07  ? 548 ARG A C     1 
ATOM   218  O O     . ARG A 1 29  ? 21.984  3.266   3.386   1.00 87.15  ? 548 ARG A O     1 
ATOM   219  C CB    . ARG A 1 29  ? 24.605  4.257   1.916   1.00 86.32  ? 548 ARG A CB    1 
ATOM   220  C CG    . ARG A 1 29  ? 25.516  4.353   0.702   1.00 87.79  ? 548 ARG A CG    1 
ATOM   221  C CD    . ARG A 1 29  ? 26.922  3.821   1.001   1.00 88.35  ? 548 ARG A CD    1 
ATOM   222  N NE    . ARG A 1 29  ? 27.891  4.323   0.027   1.00 91.93  ? 548 ARG A NE    1 
ATOM   223  C CZ    . ARG A 1 29  ? 28.803  3.579   -0.596  1.00 94.34  ? 548 ARG A CZ    1 
ATOM   224  N NH1   . ARG A 1 29  ? 28.897  2.277   -0.354  1.00 95.74  ? 548 ARG A NH1   1 
ATOM   225  N NH2   . ARG A 1 29  ? 29.622  4.139   -1.478  1.00 95.40  ? 548 ARG A NH2   1 
ATOM   226  N N     . GLN A 1 30  ? 22.134  5.496   3.581   1.00 85.74  ? 549 GLN A N     1 
ATOM   227  C CA    . GLN A 1 30  ? 21.509  5.547   4.883   1.00 86.00  ? 549 GLN A CA    1 
ATOM   228  C C     . GLN A 1 30  ? 20.015  5.312   4.712   1.00 84.79  ? 549 GLN A C     1 
ATOM   229  O O     . GLN A 1 30  ? 19.410  4.540   5.455   1.00 86.09  ? 549 GLN A O     1 
ATOM   230  C CB    . GLN A 1 30  ? 21.781  6.914   5.537   1.00 88.52  ? 549 GLN A CB    1 
ATOM   231  C CG    . GLN A 1 30  ? 21.151  7.128   6.916   1.00 93.70  ? 549 GLN A CG    1 
ATOM   232  C CD    . GLN A 1 30  ? 21.529  6.047   7.930   1.00 96.79  ? 549 GLN A CD    1 
ATOM   233  O OE1   . GLN A 1 30  ? 20.671  5.549   8.675   1.00 97.99  ? 549 GLN A OE1   1 
ATOM   234  N NE2   . GLN A 1 30  ? 22.814  5.675   7.961   1.00 96.09  ? 549 GLN A NE2   1 
ATOM   235  N N     . ARG A 1 31  ? 19.432  5.967   3.709   1.00 82.92  ? 550 ARG A N     1 
ATOM   236  C CA    . ARG A 1 31  ? 18.020  5.796   3.385   1.00 79.40  ? 550 ARG A CA    1 
ATOM   237  C C     . ARG A 1 31  ? 17.753  4.345   3.064   1.00 77.13  ? 550 ARG A C     1 
ATOM   238  O O     . ARG A 1 31  ? 16.737  3.786   3.448   1.00 75.87  ? 550 ARG A O     1 
ATOM   239  C CB    . ARG A 1 31  ? 17.657  6.628   2.173   1.00 79.39  ? 550 ARG A CB    1 
ATOM   240  C CG    . ARG A 1 31  ? 16.368  7.383   2.327   1.00 80.50  ? 550 ARG A CG    1 
ATOM   241  C CD    . ARG A 1 31  ? 16.630  8.853   2.238   1.00 82.36  ? 550 ARG A CD    1 
ATOM   242  N NE    . ARG A 1 31  ? 17.603  9.145   1.186   1.00 84.66  ? 550 ARG A NE    1 
ATOM   243  C CZ    . ARG A 1 31  ? 18.238  10.310  1.051   1.00 85.83  ? 550 ARG A CZ    1 
ATOM   244  N NH1   . ARG A 1 31  ? 17.992  11.305  1.898   1.00 84.85  ? 550 ARG A NH1   1 
ATOM   245  N NH2   . ARG A 1 31  ? 19.102  10.489  0.053   1.00 85.53  ? 550 ARG A NH2   1 
ATOM   246  N N     . ILE A 1 32  ? 18.677  3.744   2.339   1.00 75.30  ? 551 ILE A N     1 
ATOM   247  C CA    . ILE A 1 32  ? 18.561  2.353   1.985   1.00 76.09  ? 551 ILE A CA    1 
ATOM   248  C C     . ILE A 1 32  ? 18.614  1.485   3.221   1.00 77.83  ? 551 ILE A C     1 
ATOM   249  O O     . ILE A 1 32  ? 17.780  0.600   3.414   1.00 79.35  ? 551 ILE A O     1 
ATOM   250  C CB    . ILE A 1 32  ? 19.654  1.968   1.014   1.00 74.58  ? 551 ILE A CB    1 
ATOM   251  C CG1   . ILE A 1 32  ? 19.420  2.734   -0.298  1.00 71.63  ? 551 ILE A CG1   1 
ATOM   252  C CG2   . ILE A 1 32  ? 19.704  0.452   0.855   1.00 72.03  ? 551 ILE A CG2   1 
ATOM   253  C CD1   . ILE A 1 32  ? 20.281  2.322   -1.450  1.00 69.11  ? 551 ILE A CD1   1 
ATOM   254  N N     . HIS A 1 33  ? 19.572  1.787   4.085   1.00 80.10  ? 552 HIS A N     1 
ATOM   255  C CA    . HIS A 1 33  ? 19.740  1.060   5.318   1.00 81.29  ? 552 HIS A CA    1 
ATOM   256  C C     . HIS A 1 33  ? 18.495  1.168   6.199   1.00 80.55  ? 552 HIS A C     1 
ATOM   257  O O     . HIS A 1 33  ? 17.964  0.156   6.660   1.00 79.09  ? 552 HIS A O     1 
ATOM   258  C CB    . HIS A 1 33  ? 20.964  1.577   6.063   1.00 86.58  ? 552 HIS A CB    1 
ATOM   259  C CG    . HIS A 1 33  ? 21.018  1.137   7.490   1.00 89.93  ? 552 HIS A CG    1 
ATOM   260  N ND1   . HIS A 1 33  ? 21.081  -0.193  7.851   1.00 92.96  ? 552 HIS A ND1   1 
ATOM   261  C CD2   . HIS A 1 33  ? 20.964  1.841   8.644   1.00 91.55  ? 552 HIS A CD2   1 
ATOM   262  C CE1   . HIS A 1 33  ? 21.088  -0.286  9.168   1.00 93.85  ? 552 HIS A CE1   1 
ATOM   263  N NE2   . HIS A 1 33  ? 21.025  0.934   9.674   1.00 93.75  ? 552 HIS A NE2   1 
ATOM   264  N N     . ASP A 1 34  ? 18.017  2.387   6.417   1.00 79.68  ? 553 ASP A N     1 
ATOM   265  C CA    . ASP A 1 34  ? 16.810  2.586   7.212   1.00 80.32  ? 553 ASP A CA    1 
ATOM   266  C C     . ASP A 1 34  ? 15.580  1.910   6.621   1.00 79.91  ? 553 ASP A C     1 
ATOM   267  O O     . ASP A 1 34  ? 14.747  1.376   7.362   1.00 80.29  ? 553 ASP A O     1 
ATOM   268  C CB    . ASP A 1 34  ? 16.527  4.065   7.389   1.00 82.45  ? 553 ASP A CB    1 
ATOM   269  C CG    . ASP A 1 34  ? 17.008  4.580   8.714   1.00 85.68  ? 553 ASP A CG    1 
ATOM   270  O OD1   . ASP A 1 34  ? 18.234  4.469   8.976   1.00 88.17  ? 553 ASP A OD1   1 
ATOM   271  O OD2   . ASP A 1 34  ? 16.148  5.065   9.499   1.00 88.68  ? 553 ASP A OD2   1 
ATOM   272  N N     . TYR A 1 35  ? 15.448  1.973   5.294   1.00 78.04  ? 554 TYR A N     1 
ATOM   273  C CA    . TYR A 1 35  ? 14.369  1.290   4.594   1.00 76.55  ? 554 TYR A CA    1 
ATOM   274  C C     . TYR A 1 35  ? 14.381  -0.198  4.943   1.00 76.99  ? 554 TYR A C     1 
ATOM   275  O O     . TYR A 1 35  ? 13.351  -0.773  5.306   1.00 75.25  ? 554 TYR A O     1 
ATOM   276  C CB    . TYR A 1 35  ? 14.477  1.474   3.076   1.00 72.95  ? 554 TYR A CB    1 
ATOM   277  C CG    . TYR A 1 35  ? 13.495  0.610   2.327   1.00 67.78  ? 554 TYR A CG    1 
ATOM   278  C CD1   . TYR A 1 35  ? 12.194  1.041   2.111   1.00 67.57  ? 554 TYR A CD1   1 
ATOM   279  C CD2   . TYR A 1 35  ? 13.845  -0.654  1.885   1.00 67.60  ? 554 TYR A CD2   1 
ATOM   280  C CE1   . TYR A 1 35  ? 11.256  0.234   1.464   1.00 65.43  ? 554 TYR A CE1   1 
ATOM   281  C CE2   . TYR A 1 35  ? 12.909  -1.474  1.242   1.00 67.42  ? 554 TYR A CE2   1 
ATOM   282  C CZ    . TYR A 1 35  ? 11.618  -1.013  1.035   1.00 67.51  ? 554 TYR A CZ    1 
ATOM   283  O OH    . TYR A 1 35  ? 10.692  -1.816  0.399   1.00 70.32  ? 554 TYR A OH    1 
ATOM   284  N N     . TYR A 1 36  ? 15.554  -0.808  4.835   1.00 78.66  ? 555 TYR A N     1 
ATOM   285  C CA    . TYR A 1 36  ? 15.693  -2.236  5.068   1.00 81.43  ? 555 TYR A CA    1 
ATOM   286  C C     . TYR A 1 36  ? 15.291  -2.644  6.471   1.00 82.84  ? 555 TYR A C     1 
ATOM   287  O O     . TYR A 1 36  ? 14.665  -3.684  6.664   1.00 82.88  ? 555 TYR A O     1 
ATOM   288  C CB    . TYR A 1 36  ? 17.124  -2.659  4.822   1.00 82.86  ? 555 TYR A CB    1 
ATOM   289  C CG    . TYR A 1 36  ? 17.225  -3.765  3.818   1.00 86.86  ? 555 TYR A CG    1 
ATOM   290  C CD1   . TYR A 1 36  ? 17.408  -5.081  4.226   1.00 89.64  ? 555 TYR A CD1   1 
ATOM   291  C CD2   . TYR A 1 36  ? 17.106  -3.501  2.453   1.00 88.77  ? 555 TYR A CD2   1 
ATOM   292  C CE1   . TYR A 1 36  ? 17.507  -6.111  3.300   1.00 91.22  ? 555 TYR A CE1   1 
ATOM   293  C CE2   . TYR A 1 36  ? 17.192  -4.520  1.516   1.00 89.31  ? 555 TYR A CE2   1 
ATOM   294  C CZ    . TYR A 1 36  ? 17.393  -5.822  1.949   1.00 90.40  ? 555 TYR A CZ    1 
ATOM   295  O OH    . TYR A 1 36  ? 17.499  -6.845  1.033   1.00 92.60  ? 555 TYR A OH    1 
ATOM   296  N N     . GLU A 1 37  ? 15.677  -1.828  7.446   1.00 84.95  ? 556 GLU A N     1 
ATOM   297  C CA    . GLU A 1 37  ? 15.263  -2.030  8.825   1.00 86.52  ? 556 GLU A CA    1 
ATOM   298  C C     . GLU A 1 37  ? 13.754  -2.021  8.921   1.00 85.71  ? 556 GLU A C     1 
ATOM   299  O O     . GLU A 1 37  ? 13.154  -2.987  9.382   1.00 86.21  ? 556 GLU A O     1 
ATOM   300  C CB    . GLU A 1 37  ? 15.864  -0.968  9.753   1.00 90.52  ? 556 GLU A CB    1 
ATOM   301  C CG    . GLU A 1 37  ? 16.918  -1.525  10.712  1.00 96.33  ? 556 GLU A CG    1 
ATOM   302  C CD    . GLU A 1 37  ? 18.322  -1.514  10.122  1.00 100.40 ? 556 GLU A CD    1 
ATOM   303  O OE1   . GLU A 1 37  ? 18.868  -0.404  9.935   1.00 103.37 ? 556 GLU A OE1   1 
ATOM   304  O OE2   . GLU A 1 37  ? 18.889  -2.603  9.856   1.00 102.60 ? 556 GLU A OE2   1 
ATOM   305  N N     . HIS A 1 38  ? 13.139  -0.950  8.432   1.00 84.92  ? 557 HIS A N     1 
ATOM   306  C CA    . HIS A 1 38  ? 11.717  -0.721  8.662   1.00 83.75  ? 557 HIS A CA    1 
ATOM   307  C C     . HIS A 1 38  ? 10.836  -1.661  7.892   1.00 83.53  ? 557 HIS A C     1 
ATOM   308  O O     . HIS A 1 38  ? 9.643   -1.763  8.177   1.00 85.48  ? 557 HIS A O     1 
ATOM   309  C CB    . HIS A 1 38  ? 11.342  0.715   8.332   1.00 83.72  ? 557 HIS A CB    1 
ATOM   310  C CG    . HIS A 1 38  ? 11.684  1.683   9.417   1.00 84.89  ? 557 HIS A CG    1 
ATOM   311  N ND1   . HIS A 1 38  ? 10.734  2.448   10.061  1.00 84.98  ? 557 HIS A ND1   1 
ATOM   312  C CD2   . HIS A 1 38  ? 12.871  1.986   9.998   1.00 85.98  ? 557 HIS A CD2   1 
ATOM   313  C CE1   . HIS A 1 38  ? 11.324  3.198   10.975  1.00 86.17  ? 557 HIS A CE1   1 
ATOM   314  N NE2   . HIS A 1 38  ? 12.620  2.933   10.962  1.00 87.12  ? 557 HIS A NE2   1 
ATOM   315  N N     . ARG A 1 39  ? 11.423  -2.335  6.911   1.00 82.69  ? 558 ARG A N     1 
ATOM   316  C CA    . ARG A 1 39  ? 10.672  -3.184  6.000   1.00 81.46  ? 558 ARG A CA    1 
ATOM   317  C C     . ARG A 1 39  ? 10.759  -4.655  6.400   1.00 83.09  ? 558 ARG A C     1 
ATOM   318  O O     . ARG A 1 39  ? 9.786   -5.392  6.242   1.00 83.06  ? 558 ARG A O     1 
ATOM   319  C CB    . ARG A 1 39  ? 11.184  -2.995  4.574   1.00 79.67  ? 558 ARG A CB    1 
ATOM   320  C CG    . ARG A 1 39  ? 10.769  -4.069  3.589   1.00 76.25  ? 558 ARG A CG    1 
ATOM   321  C CD    . ARG A 1 39  ? 9.420   -3.774  2.989   1.00 77.37  ? 558 ARG A CD    1 
ATOM   322  N NE    . ARG A 1 39  ? 8.988   -4.827  2.074   1.00 78.10  ? 558 ARG A NE    1 
ATOM   323  C CZ    . ARG A 1 39  ? 8.435   -5.979  2.457   1.00 80.05  ? 558 ARG A CZ    1 
ATOM   324  N NH1   . ARG A 1 39  ? 8.243   -6.242  3.750   1.00 78.34  ? 558 ARG A NH1   1 
ATOM   325  N NH2   . ARG A 1 39  ? 8.088   -6.880  1.544   1.00 78.41  ? 558 ARG A NH2   1 
ATOM   326  N N     . TYR A 1 40  ? 11.925  -5.064  6.911   1.00 84.06  ? 559 TYR A N     1 
ATOM   327  C CA    . TYR A 1 40  ? 12.209  -6.468  7.249   1.00 86.02  ? 559 TYR A CA    1 
ATOM   328  C C     . TYR A 1 40  ? 12.373  -6.753  8.743   1.00 88.33  ? 559 TYR A C     1 
ATOM   329  O O     . TYR A 1 40  ? 12.097  -7.866  9.195   1.00 88.47  ? 559 TYR A O     1 
ATOM   330  C CB    . TYR A 1 40  ? 13.426  -6.969  6.474   1.00 83.03  ? 559 TYR A CB    1 
ATOM   331  C CG    . TYR A 1 40  ? 13.189  -6.908  4.995   1.00 81.13  ? 559 TYR A CG    1 
ATOM   332  C CD1   . TYR A 1 40  ? 12.284  -7.778  4.394   1.00 79.25  ? 559 TYR A CD1   1 
ATOM   333  C CD2   . TYR A 1 40  ? 13.770  -5.914  4.212   1.00 78.93  ? 559 TYR A CD2   1 
ATOM   334  C CE1   . TYR A 1 40  ? 12.009  -7.706  3.044   1.00 78.26  ? 559 TYR A CE1   1 
ATOM   335  C CE2   . TYR A 1 40  ? 13.495  -5.830  2.861   1.00 77.42  ? 559 TYR A CE2   1 
ATOM   336  C CZ    . TYR A 1 40  ? 12.614  -6.734  2.283   1.00 78.17  ? 559 TYR A CZ    1 
ATOM   337  O OH    . TYR A 1 40  ? 12.313  -6.687  0.946   1.00 76.36  ? 559 TYR A OH    1 
ATOM   338  N N     . GLN A 1 41  ? 12.785  -5.735  9.498   1.00 90.29  ? 560 GLN A N     1 
ATOM   339  C CA    . GLN A 1 41  ? 13.043  -5.842  10.937  1.00 92.04  ? 560 GLN A CA    1 
ATOM   340  C C     . GLN A 1 41  ? 14.064  -6.906  11.313  1.00 92.93  ? 560 GLN A C     1 
ATOM   341  O O     . GLN A 1 41  ? 14.103  -7.364  12.459  1.00 95.06  ? 560 GLN A O     1 
ATOM   342  C CB    . GLN A 1 41  ? 11.758  -6.055  11.737  1.00 92.60  ? 560 GLN A CB    1 
ATOM   343  C CG    . GLN A 1 41  ? 10.750  -4.933  11.631  1.00 93.13  ? 560 GLN A CG    1 
ATOM   344  C CD    . GLN A 1 41  ? 9.508   -5.369  10.886  1.00 93.19  ? 560 GLN A CD    1 
ATOM   345  O OE1   . GLN A 1 41  ? 8.429   -4.798  11.058  1.00 91.97  ? 560 GLN A OE1   1 
ATOM   346  N NE2   . GLN A 1 41  ? 9.644   -6.409  10.068  1.00 93.93  ? 560 GLN A NE2   1 
ATOM   347  N N     . GLY A 1 42  ? 14.914  -7.274  10.362  1.00 93.48  ? 561 GLY A N     1 
ATOM   348  C CA    . GLY A 1 42  ? 16.028  -8.147  10.671  1.00 94.32  ? 561 GLY A CA    1 
ATOM   349  C C     . GLY A 1 42  ? 15.755  -9.588  10.303  1.00 96.14  ? 561 GLY A C     1 
ATOM   350  O O     . GLY A 1 42  ? 16.635  -10.436 10.454  1.00 95.87  ? 561 GLY A O     1 
ATOM   351  N N     . LYS A 1 43  ? 14.544  -9.864  9.813   1.00 97.56  ? 562 LYS A N     1 
ATOM   352  C CA    . LYS A 1 43  ? 14.139  -11.217 9.404   1.00 97.56  ? 562 LYS A CA    1 
ATOM   353  C C     . LYS A 1 43  ? 13.495  -11.234 8.011   1.00 97.63  ? 562 LYS A C     1 
ATOM   354  O O     . LYS A 1 43  ? 12.469  -10.575 7.788   1.00 98.25  ? 562 LYS A O     1 
ATOM   355  C CB    . LYS A 1 43  ? 13.185  -11.832 10.446  1.00 98.60  ? 562 LYS A CB    1 
ATOM   356  N N     . MET A 1 44  ? 14.092  -11.997 7.089   1.00 97.57  ? 563 MET A N     1 
ATOM   357  C CA    . MET A 1 44  ? 13.583  -12.107 5.713   1.00 99.12  ? 563 MET A CA    1 
ATOM   358  C C     . MET A 1 44  ? 13.001  -13.488 5.394   1.00 99.26  ? 563 MET A C     1 
ATOM   359  O O     . MET A 1 44  ? 13.686  -14.513 5.519   1.00 98.72  ? 563 MET A O     1 
ATOM   360  C CB    . MET A 1 44  ? 14.662  -11.742 4.690   1.00 99.82  ? 563 MET A CB    1 
ATOM   361  C CG    . MET A 1 44  ? 14.699  -10.274 4.317   1.00 101.45 ? 563 MET A CG    1 
ATOM   362  S SD    . MET A 1 44  ? 15.282  -10.014 2.630   1.00 104.53 ? 563 MET A SD    1 
ATOM   363  C CE    . MET A 1 44  ? 14.322  -11.245 1.740   1.00 103.61 ? 563 MET A CE    1 
ATOM   364  N N     . PHE A 1 45  ? 11.738  -13.505 4.966   1.00 100.33 ? 564 PHE A N     1 
ATOM   365  C CA    . PHE A 1 45  ? 11.072  -14.756 4.587   1.00 100.62 ? 564 PHE A CA    1 
ATOM   366  C C     . PHE A 1 45  ? 10.818  -14.826 3.088   1.00 99.32  ? 564 PHE A C     1 
ATOM   367  O O     . PHE A 1 45  ? 11.128  -13.900 2.330   1.00 98.47  ? 564 PHE A O     1 
ATOM   368  C CB    . PHE A 1 45  ? 9.744   -14.940 5.332   1.00 102.33 ? 564 PHE A CB    1 
ATOM   369  C CG    . PHE A 1 45  ? 9.839   -14.749 6.828   1.00 104.41 ? 564 PHE A CG    1 
ATOM   370  C CD1   . PHE A 1 45  ? 9.940   -13.473 7.378   1.00 105.34 ? 564 PHE A CD1   1 
ATOM   371  C CD2   . PHE A 1 45  ? 9.764   -15.839 7.685   1.00 105.33 ? 564 PHE A CD2   1 
ATOM   372  C CE1   . PHE A 1 45  ? 10.007  -13.289 8.748   1.00 105.84 ? 564 PHE A CE1   1 
ATOM   373  C CE2   . PHE A 1 45  ? 9.830   -15.666 9.058   1.00 106.87 ? 564 PHE A CE2   1 
ATOM   374  C CZ    . PHE A 1 45  ? 9.951   -14.389 9.592   1.00 106.68 ? 564 PHE A CZ    1 
ATOM   375  N N     . ASP A 1 46  ? 10.240  -15.944 2.676   1.00 99.02  ? 565 ASP A N     1 
ATOM   376  C CA    . ASP A 1 46  ? 9.846   -16.136 1.296   1.00 98.24  ? 565 ASP A CA    1 
ATOM   377  C C     . ASP A 1 46  ? 8.340   -16.366 1.220   1.00 98.71  ? 565 ASP A C     1 
ATOM   378  O O     . ASP A 1 46  ? 7.881   -17.484 0.966   1.00 98.43  ? 565 ASP A O     1 
ATOM   379  C CB    . ASP A 1 46  ? 10.594  -17.330 0.705   1.00 97.58  ? 565 ASP A CB    1 
ATOM   380  C CG    . ASP A 1 46  ? 10.940  -17.126 -0.743  1.00 97.35  ? 565 ASP A CG    1 
ATOM   381  O OD1   . ASP A 1 46  ? 11.108  -15.949 -1.136  1.00 96.71  ? 565 ASP A OD1   1 
ATOM   382  O OD2   . ASP A 1 46  ? 11.044  -18.136 -1.477  1.00 96.99  ? 565 ASP A OD2   1 
ATOM   383  N N     . GLU A 1 47  ? 7.577   -15.302 1.453   1.00 98.57  ? 566 GLU A N     1 
ATOM   384  C CA    . GLU A 1 47  ? 6.119   -15.367 1.392   1.00 98.79  ? 566 GLU A CA    1 
ATOM   385  C C     . GLU A 1 47  ? 5.591   -16.113 0.168   1.00 98.55  ? 566 GLU A C     1 
ATOM   386  O O     . GLU A 1 47  ? 4.696   -16.948 0.288   1.00 98.50  ? 566 GLU A O     1 
ATOM   387  C CB    . GLU A 1 47  ? 5.530   -13.964 1.406   1.00 99.99  ? 566 GLU A CB    1 
ATOM   388  C CG    . GLU A 1 47  ? 4.188   -13.876 2.104   1.00 102.66 ? 566 GLU A CG    1 
ATOM   389  C CD    . GLU A 1 47  ? 4.334   -13.505 3.566   1.00 104.51 ? 566 GLU A CD    1 
ATOM   390  O OE1   . GLU A 1 47  ? 5.351   -13.917 4.180   1.00 105.21 ? 566 GLU A OE1   1 
ATOM   391  O OE2   . GLU A 1 47  ? 3.447   -12.786 4.089   1.00 105.66 ? 566 GLU A OE2   1 
ATOM   392  N N     . GLU A 1 48  ? 6.118   -15.780 -1.009  1.00 96.62  ? 567 GLU A N     1 
ATOM   393  C CA    . GLU A 1 48  ? 5.698   -16.422 -2.254  1.00 94.92  ? 567 GLU A CA    1 
ATOM   394  C C     . GLU A 1 48  ? 5.795   -17.943 -2.130  1.00 93.60  ? 567 GLU A C     1 
ATOM   395  O O     . GLU A 1 48  ? 4.891   -18.679 -2.550  1.00 93.79  ? 567 GLU A O     1 
ATOM   396  C CB    . GLU A 1 48  ? 6.537   -15.916 -3.445  1.00 94.92  ? 567 GLU A CB    1 
ATOM   397  N N     . SER A 1 49  ? 6.878   -18.407 -1.511  1.00 91.42  ? 568 SER A N     1 
ATOM   398  C CA    . SER A 1 49  ? 7.092   -19.838 -1.326  1.00 89.61  ? 568 SER A CA    1 
ATOM   399  C C     . SER A 1 49  ? 6.226   -20.425 -0.213  1.00 87.91  ? 568 SER A C     1 
ATOM   400  O O     . SER A 1 49  ? 5.538   -21.423 -0.422  1.00 87.27  ? 568 SER A O     1 
ATOM   401  C CB    . SER A 1 49  ? 8.567   -20.131 -1.054  1.00 90.88  ? 568 SER A CB    1 
ATOM   402  O OG    . SER A 1 49  ? 8.727   -21.424 -0.491  1.00 92.44  ? 568 SER A OG    1 
ATOM   403  N N     . ILE A 1 50  ? 6.275   -19.820 0.970   1.00 86.77  ? 569 ILE A N     1 
ATOM   404  C CA    . ILE A 1 50  ? 5.530   -20.341 2.114   1.00 86.12  ? 569 ILE A CA    1 
ATOM   405  C C     . ILE A 1 50  ? 4.048   -20.358 1.788   1.00 84.13  ? 569 ILE A C     1 
ATOM   406  O O     . ILE A 1 50  ? 3.390   -21.394 1.859   1.00 82.23  ? 569 ILE A O     1 
ATOM   407  C CB    . ILE A 1 50  ? 5.745   -19.484 3.386   1.00 88.36  ? 569 ILE A CB    1 
ATOM   408  C CG1   . ILE A 1 50  ? 7.222   -19.467 3.791   1.00 89.94  ? 569 ILE A CG1   1 
ATOM   409  C CG2   . ILE A 1 50  ? 4.888   -20.006 4.529   1.00 89.12  ? 569 ILE A CG2   1 
ATOM   410  C CD1   . ILE A 1 50  ? 7.561   -18.408 4.839   1.00 89.79  ? 569 ILE A CD1   1 
ATOM   411  N N     . LEU A 1 51  ? 3.543   -19.196 1.393   1.00 84.54  ? 570 LEU A N     1 
ATOM   412  C CA    . LEU A 1 51  ? 2.127   -19.026 1.138   1.00 83.70  ? 570 LEU A CA    1 
ATOM   413  C C     . LEU A 1 51  ? 1.693   -19.789 -0.110  1.00 82.58  ? 570 LEU A C     1 
ATOM   414  O O     . LEU A 1 51  ? 0.598   -20.333 -0.151  1.00 82.74  ? 570 LEU A O     1 
ATOM   415  C CB    . LEU A 1 51  ? 1.780   -17.544 1.008   1.00 85.14  ? 570 LEU A CB    1 
ATOM   416  C CG    . LEU A 1 51  ? 1.777   -16.684 2.274   1.00 87.83  ? 570 LEU A CG    1 
ATOM   417  C CD1   . LEU A 1 51  ? 0.998   -15.395 2.027   1.00 88.16  ? 570 LEU A CD1   1 
ATOM   418  C CD2   . LEU A 1 51  ? 1.183   -17.443 3.459   1.00 88.06  ? 570 LEU A CD2   1 
ATOM   419  N N     . GLY A 1 52  ? 2.563   -19.852 -1.113  1.00 80.86  ? 571 GLY A N     1 
ATOM   420  C CA    . GLY A 1 52  ? 2.298   -20.658 -2.304  1.00 79.41  ? 571 GLY A CA    1 
ATOM   421  C C     . GLY A 1 52  ? 2.166   -22.151 -2.045  1.00 79.45  ? 571 GLY A C     1 
ATOM   422  O O     . GLY A 1 52  ? 1.591   -22.882 -2.848  1.00 77.94  ? 571 GLY A O     1 
ATOM   423  N N     . GLU A 1 53  ? 2.691   -22.604 -0.910  1.00 79.65  ? 572 GLU A N     1 
ATOM   424  C CA    . GLU A 1 53  ? 2.731   -24.015 -0.594  1.00 78.84  ? 572 GLU A CA    1 
ATOM   425  C C     . GLU A 1 53  ? 1.538   -24.417 0.245   1.00 76.67  ? 572 GLU A C     1 
ATOM   426  O O     . GLU A 1 53  ? 1.433   -25.575 0.636   1.00 76.95  ? 572 GLU A O     1 
ATOM   427  C CB    . GLU A 1 53  ? 3.994   -24.331 0.194   1.00 81.85  ? 572 GLU A CB    1 
ATOM   428  C CG    . GLU A 1 53  ? 5.257   -24.446 -0.640  1.00 85.29  ? 572 GLU A CG    1 
ATOM   429  C CD    . GLU A 1 53  ? 6.499   -24.274 0.216   1.00 88.16  ? 572 GLU A CD    1 
ATOM   430  O OE1   . GLU A 1 53  ? 7.630   -24.328 -0.333  1.00 91.13  ? 572 GLU A OE1   1 
ATOM   431  O OE2   . GLU A 1 53  ? 6.336   -24.071 1.445   1.00 87.02  ? 572 GLU A OE2   1 
ATOM   432  N N     . LEU A 1 54  ? 0.671   -23.463 0.568   1.00 73.33  ? 573 LEU A N     1 
ATOM   433  C CA    . LEU A 1 54  ? -0.500  -23.748 1.396   1.00 72.00  ? 573 LEU A CA    1 
ATOM   434  C C     . LEU A 1 54  ? -1.751  -23.809 0.547   1.00 71.42  ? 573 LEU A C     1 
ATOM   435  O O     . LEU A 1 54  ? -1.734  -23.360 -0.590  1.00 71.09  ? 573 LEU A O     1 
ATOM   436  C CB    . LEU A 1 54  ? -0.667  -22.685 2.481   1.00 71.20  ? 573 LEU A CB    1 
ATOM   437  C CG    . LEU A 1 54  ? 0.535   -22.504 3.407   1.00 72.05  ? 573 LEU A CG    1 
ATOM   438  C CD1   . LEU A 1 54  ? 0.348   -21.298 4.332   1.00 72.64  ? 573 LEU A CD1   1 
ATOM   439  C CD2   . LEU A 1 54  ? 0.770   -23.771 4.194   1.00 72.68  ? 573 LEU A CD2   1 
ATOM   440  N N     . SER A 1 55  ? -2.838  -24.351 1.092   1.00 70.83  ? 574 SER A N     1 
ATOM   441  C CA    . SER A 1 55  ? -4.125  -24.297 0.396   1.00 71.42  ? 574 SER A CA    1 
ATOM   442  C C     . SER A 1 55  ? -4.700  -22.889 0.470   1.00 70.59  ? 574 SER A C     1 
ATOM   443  O O     . SER A 1 55  ? -4.320  -22.117 1.348   1.00 71.10  ? 574 SER A O     1 
ATOM   444  C CB    . SER A 1 55  ? -5.114  -25.281 1.012   1.00 71.55  ? 574 SER A CB    1 
ATOM   445  O OG    . SER A 1 55  ? -5.468  -24.864 2.312   1.00 75.67  ? 574 SER A OG    1 
ATOM   446  N N     . GLU A 1 56  ? -5.630  -22.572 -0.433  1.00 70.15  ? 575 GLU A N     1 
ATOM   447  C CA    . GLU A 1 56  ? -6.260  -21.257 -0.463  1.00 70.80  ? 575 GLU A CA    1 
ATOM   448  C C     . GLU A 1 56  ? -6.966  -20.931 0.861   1.00 69.20  ? 575 GLU A C     1 
ATOM   449  O O     . GLU A 1 56  ? -6.821  -19.827 1.376   1.00 67.87  ? 575 GLU A O     1 
ATOM   450  C CB    . GLU A 1 56  ? -7.217  -21.122 -1.657  1.00 72.48  ? 575 GLU A CB    1 
ATOM   451  C CG    . GLU A 1 56  ? -7.951  -19.776 -1.740  1.00 76.29  ? 575 GLU A CG    1 
ATOM   452  C CD    . GLU A 1 56  ? -7.057  -18.610 -2.237  1.00 82.27  ? 575 GLU A CD    1 
ATOM   453  O OE1   . GLU A 1 56  ? -7.408  -17.425 -1.987  1.00 82.96  ? 575 GLU A OE1   1 
ATOM   454  O OE2   . GLU A 1 56  ? -6.010  -18.872 -2.883  1.00 83.30  ? 575 GLU A OE2   1 
ATOM   455  N N     . PRO A 1 57  ? -7.710  -21.895 1.425   1.00 68.47  ? 576 PRO A N     1 
ATOM   456  C CA    . PRO A 1 57  ? -8.337  -21.634 2.717   1.00 69.50  ? 576 PRO A CA    1 
ATOM   457  C C     . PRO A 1 57  ? -7.355  -21.250 3.831   1.00 69.63  ? 576 PRO A C     1 
ATOM   458  O O     . PRO A 1 57  ? -7.609  -20.309 4.582   1.00 70.47  ? 576 PRO A O     1 
ATOM   459  C CB    . PRO A 1 57  ? -9.032  -22.952 3.026   1.00 69.60  ? 576 PRO A CB    1 
ATOM   460  C CG    . PRO A 1 57  ? -9.448  -23.449 1.623   1.00 68.35  ? 576 PRO A CG    1 
ATOM   461  C CD    . PRO A 1 57  ? -8.326  -23.041 0.724   1.00 67.84  ? 576 PRO A CD    1 
ATOM   462  N N     . LEU A 1 58  ? -6.216  -21.925 3.894   1.00 68.67  ? 577 LEU A N     1 
ATOM   463  C CA    . LEU A 1 58  ? -5.185  -21.578 4.862   1.00 69.01  ? 577 LEU A CA    1 
ATOM   464  C C     . LEU A 1 58  ? -4.543  -20.218 4.617   1.00 68.00  ? 577 LEU A C     1 
ATOM   465  O O     . LEU A 1 58  ? -4.200  -19.522 5.569   1.00 67.82  ? 577 LEU A O     1 
ATOM   466  C CB    . LEU A 1 58  ? -4.090  -22.636 4.879   1.00 68.28  ? 577 LEU A CB    1 
ATOM   467  C CG    . LEU A 1 58  ? -4.295  -23.864 5.754   1.00 68.00  ? 577 LEU A CG    1 
ATOM   468  C CD1   . LEU A 1 58  ? -3.078  -24.775 5.573   1.00 66.81  ? 577 LEU A CD1   1 
ATOM   469  C CD2   . LEU A 1 58  ? -4.448  -23.426 7.202   1.00 65.77  ? 577 LEU A CD2   1 
ATOM   470  N N     . ARG A 1 59  ? -4.324  -19.856 3.355   1.00 68.19  ? 578 ARG A N     1 
ATOM   471  C CA    . ARG A 1 59  ? -3.855  -18.504 3.050   1.00 68.78  ? 578 ARG A CA    1 
ATOM   472  C C     . ARG A 1 59  ? -4.832  -17.453 3.532   1.00 65.54  ? 578 ARG A C     1 
ATOM   473  O O     . ARG A 1 59  ? -4.429  -16.449 4.087   1.00 68.08  ? 578 ARG A O     1 
ATOM   474  C CB    . ARG A 1 59  ? -3.621  -18.314 1.560   1.00 70.36  ? 578 ARG A CB    1 
ATOM   475  C CG    . ARG A 1 59  ? -2.237  -18.695 1.124   1.00 73.53  ? 578 ARG A CG    1 
ATOM   476  C CD    . ARG A 1 59  ? -1.947  -18.143 -0.273  1.00 77.66  ? 578 ARG A CD    1 
ATOM   477  N NE    . ARG A 1 59  ? -2.860  -18.660 -1.296  1.00 78.74  ? 578 ARG A NE    1 
ATOM   478  C CZ    . ARG A 1 59  ? -2.775  -19.870 -1.855  1.00 80.00  ? 578 ARG A CZ    1 
ATOM   479  N NH1   . ARG A 1 59  ? -1.826  -20.729 -1.483  1.00 79.28  ? 578 ARG A NH1   1 
ATOM   480  N NH2   . ARG A 1 59  ? -3.654  -20.233 -2.788  1.00 79.67  ? 578 ARG A NH2   1 
ATOM   481  N N     . GLU A 1 60  ? -6.113  -17.683 3.314   1.00 64.84  ? 579 GLU A N     1 
ATOM   482  C CA    . GLU A 1 60  ? -7.114  -16.714 3.694   1.00 66.22  ? 579 GLU A CA    1 
ATOM   483  C C     . GLU A 1 60  ? -7.187  -16.570 5.195   1.00 66.33  ? 579 GLU A C     1 
ATOM   484  O O     . GLU A 1 60  ? -7.418  -15.476 5.710   1.00 66.95  ? 579 GLU A O     1 
ATOM   485  C CB    . GLU A 1 60  ? -8.470  -17.140 3.168   1.00 66.59  ? 579 GLU A CB    1 
ATOM   486  C CG    . GLU A 1 60  ? -8.537  -17.220 1.651   1.00 68.81  ? 579 GLU A CG    1 
ATOM   487  C CD    . GLU A 1 60  ? -9.872  -17.752 1.177   1.00 71.22  ? 579 GLU A CD    1 
ATOM   488  O OE1   . GLU A 1 60  ? -10.694 -18.153 2.032   1.00 74.04  ? 579 GLU A OE1   1 
ATOM   489  O OE2   . GLU A 1 60  ? -10.115 -17.754 -0.044  1.00 71.94  ? 579 GLU A OE2   1 
ATOM   490  N N     . GLU A 1 61  ? -7.003  -17.676 5.904   1.00 66.11  ? 580 GLU A N     1 
ATOM   491  C CA    . GLU A 1 61  ? -7.033  -17.656 7.362   1.00 68.40  ? 580 GLU A CA    1 
ATOM   492  C C     . GLU A 1 61  ? -5.842  -16.877 7.920   1.00 67.45  ? 580 GLU A C     1 
ATOM   493  O O     . GLU A 1 61  ? -5.984  -16.088 8.854   1.00 68.23  ? 580 GLU A O     1 
ATOM   494  C CB    . GLU A 1 61  ? -7.049  -19.082 7.910   1.00 70.76  ? 580 GLU A CB    1 
ATOM   495  C CG    . GLU A 1 61  ? -6.816  -19.214 9.419   1.00 75.78  ? 580 GLU A CG    1 
ATOM   496  C CD    . GLU A 1 61  ? -7.159  -20.621 9.953   1.00 80.17  ? 580 GLU A CD    1 
ATOM   497  O OE1   . GLU A 1 61  ? -7.985  -21.327 9.314   1.00 81.15  ? 580 GLU A OE1   1 
ATOM   498  O OE2   . GLU A 1 61  ? -6.608  -21.010 11.019  1.00 80.67  ? 580 GLU A OE2   1 
ATOM   499  N N     . ILE A 1 62  ? -4.674  -17.089 7.330   1.00 66.28  ? 581 ILE A N     1 
ATOM   500  C CA    . ILE A 1 62  ? -3.465  -16.386 7.725   1.00 65.97  ? 581 ILE A CA    1 
ATOM   501  C C     . ILE A 1 62  ? -3.503  -14.917 7.366   1.00 66.53  ? 581 ILE A C     1 
ATOM   502  O O     . ILE A 1 62  ? -3.155  -14.064 8.173   1.00 65.42  ? 581 ILE A O     1 
ATOM   503  C CB    . ILE A 1 62  ? -2.233  -17.024 7.079   1.00 64.96  ? 581 ILE A CB    1 
ATOM   504  C CG1   . ILE A 1 62  ? -2.018  -18.421 7.683   1.00 65.90  ? 581 ILE A CG1   1 
ATOM   505  C CG2   . ILE A 1 62  ? -1.019  -16.114 7.238   1.00 61.91  ? 581 ILE A CG2   1 
ATOM   506  C CD1   . ILE A 1 62  ? -1.193  -19.355 6.837   1.00 65.40  ? 581 ILE A CD1   1 
ATOM   507  N N     . ILE A 1 63  ? -3.896  -14.628 6.136   1.00 65.27  ? 582 ILE A N     1 
ATOM   508  C CA    . ILE A 1 63  ? -3.985  -13.259 5.694   1.00 67.10  ? 582 ILE A CA    1 
ATOM   509  C C     . ILE A 1 63  ? -5.024  -12.466 6.474   1.00 64.91  ? 582 ILE A C     1 
ATOM   510  O O     . ILE A 1 63  ? -4.803  -11.317 6.749   1.00 66.10  ? 582 ILE A O     1 
ATOM   511  C CB    . ILE A 1 63  ? -4.285  -13.170 4.202   1.00 68.37  ? 582 ILE A CB    1 
ATOM   512  C CG1   . ILE A 1 63  ? -3.105  -13.736 3.405   1.00 70.64  ? 582 ILE A CG1   1 
ATOM   513  C CG2   . ILE A 1 63  ? -4.500  -11.733 3.813   1.00 71.37  ? 582 ILE A CG2   1 
ATOM   514  C CD1   . ILE A 1 63  ? -3.414  -13.972 1.930   1.00 68.72  ? 582 ILE A CD1   1 
ATOM   515  N N     . ASN A 1 64  ? -6.169  -13.054 6.774   1.00 63.34  ? 583 ASN A N     1 
ATOM   516  C CA    . ASN A 1 64  ? -7.212  -12.361 7.532   1.00 64.80  ? 583 ASN A CA    1 
ATOM   517  C C     . ASN A 1 64  ? -6.734  -12.003 8.926   1.00 67.22  ? 583 ASN A C     1 
ATOM   518  O O     . ASN A 1 64  ? -7.099  -10.955 9.464   1.00 65.92  ? 583 ASN A O     1 
ATOM   519  C CB    . ASN A 1 64  ? -8.470  -13.212 7.661   1.00 61.98  ? 583 ASN A CB    1 
ATOM   520  C CG    . ASN A 1 64  ? -9.504  -12.877 6.626   1.00 62.05  ? 583 ASN A CG    1 
ATOM   521  O OD1   . ASN A 1 64  ? -10.243 -11.907 6.767   1.00 58.51  ? 583 ASN A OD1   1 
ATOM   522  N ND2   . ASN A 1 64  ? -9.602  -13.712 5.589   1.00 63.92  ? 583 ASN A ND2   1 
ATOM   523  N N     . PHE A 1 65  ? -5.930  -12.888 9.506   1.00 68.76  ? 584 PHE A N     1 
ATOM   524  C CA    . PHE A 1 65  ? -5.363  -12.660 10.815  1.00 70.66  ? 584 PHE A CA    1 
ATOM   525  C C     . PHE A 1 65  ? -4.279  -11.592 10.823  1.00 71.03  ? 584 PHE A C     1 
ATOM   526  O O     . PHE A 1 65  ? -4.254  -10.739 11.719  1.00 72.94  ? 584 PHE A O     1 
ATOM   527  C CB    . PHE A 1 65  ? -4.795  -13.945 11.399  1.00 74.27  ? 584 PHE A CB    1 
ATOM   528  C CG    . PHE A 1 65  ? -4.316  -13.786 12.811  1.00 76.63  ? 584 PHE A CG    1 
ATOM   529  C CD1   . PHE A 1 65  ? -5.215  -13.856 13.867  1.00 78.32  ? 584 PHE A CD1   1 
ATOM   530  C CD2   . PHE A 1 65  ? -2.994  -13.492 13.077  1.00 76.25  ? 584 PHE A CD2   1 
ATOM   531  C CE1   . PHE A 1 65  ? -4.785  -13.677 15.170  1.00 80.36  ? 584 PHE A CE1   1 
ATOM   532  C CE2   . PHE A 1 65  ? -2.558  -13.316 14.374  1.00 79.89  ? 584 PHE A CE2   1 
ATOM   533  C CZ    . PHE A 1 65  ? -3.453  -13.403 15.423  1.00 78.74  ? 584 PHE A CZ    1 
ATOM   534  N N     . ASN A 1 66  ? -3.363  -11.660 9.862   1.00 69.41  ? 585 ASN A N     1 
ATOM   535  C CA    . ASN A 1 66  ? -2.289  -10.665 9.748   1.00 69.54  ? 585 ASN A CA    1 
ATOM   536  C C     . ASN A 1 66  ? -2.808  -9.253  9.475   1.00 69.00  ? 585 ASN A C     1 
ATOM   537  O O     . ASN A 1 66  ? -2.082  -8.283  9.647   1.00 69.32  ? 585 ASN A O     1 
ATOM   538  C CB    . ASN A 1 66  ? -1.291  -11.074 8.657   1.00 69.63  ? 585 ASN A CB    1 
ATOM   539  C CG    . ASN A 1 66  ? -0.453  -12.293 9.053   1.00 74.17  ? 585 ASN A CG    1 
ATOM   540  O OD1   . ASN A 1 66  ? -0.406  -12.669 10.226  1.00 74.77  ? 585 ASN A OD1   1 
ATOM   541  N ND2   . ASN A 1 66  ? 0.221   -12.909 8.072   1.00 72.95  ? 585 ASN A ND2   1 
ATOM   542  N N     . CYS A 1 67  ? -4.044  -9.149  8.999   1.00 67.85  ? 586 CYS A N     1 
ATOM   543  C CA    . CYS A 1 67  ? -4.635  -7.858  8.639   1.00 67.91  ? 586 CYS A CA    1 
ATOM   544  C C     . CYS A 1 67  ? -5.862  -7.523  9.492   1.00 68.89  ? 586 CYS A C     1 
ATOM   545  O O     . CYS A 1 67  ? -6.624  -6.624  9.141   1.00 68.32  ? 586 CYS A O     1 
ATOM   546  C CB    . CYS A 1 67  ? -5.056  -7.844  7.161   1.00 67.35  ? 586 CYS A CB    1 
ATOM   547  S SG    . CYS A 1 67  ? -3.715  -8.075  5.971   1.00 68.67  ? 586 CYS A SG    1 
ATOM   548  N N     . ARG A 1 68  ? -6.073  -8.260  10.577  1.00 69.30  ? 587 ARG A N     1 
ATOM   549  C CA    . ARG A 1 68  ? -7.256  -8.075  11.421  1.00 73.14  ? 587 ARG A CA    1 
ATOM   550  C C     . ARG A 1 68  ? -7.350  -6.641  11.944  1.00 72.89  ? 587 ARG A C     1 
ATOM   551  O O     . ARG A 1 68  ? -8.434  -6.074  12.065  1.00 72.13  ? 587 ARG A O     1 
ATOM   552  C CB    . ARG A 1 68  ? -7.229  -9.057  12.601  1.00 74.62  ? 587 ARG A CB    1 
ATOM   553  C CG    . ARG A 1 68  ? -6.085  -8.859  13.640  1.00 77.87  ? 587 ARG A CG    1 
ATOM   554  C CD    . ARG A 1 68  ? -6.042  -10.051 14.638  1.00 80.02  ? 587 ARG A CD    1 
ATOM   555  N NE    . ARG A 1 68  ? -5.034  -9.916  15.689  1.00 81.83  ? 587 ARG A NE    1 
ATOM   556  C CZ    . ARG A 1 68  ? -3.714  -9.907  15.482  1.00 84.23  ? 587 ARG A CZ    1 
ATOM   557  N NH1   . ARG A 1 68  ? -2.890  -9.773  16.516  1.00 85.30  ? 587 ARG A NH1   1 
ATOM   558  N NH2   . ARG A 1 68  ? -3.211  -10.007 14.249  1.00 82.54  ? 587 ARG A NH2   1 
ATOM   559  N N     . LYS A 1 69  ? -6.194  -6.062  12.235  1.00 73.34  ? 588 LYS A N     1 
ATOM   560  C CA    . LYS A 1 69  ? -6.136  -4.721  12.791  1.00 75.82  ? 588 LYS A CA    1 
ATOM   561  C C     . LYS A 1 69  ? -6.409  -3.688  11.704  1.00 74.12  ? 588 LYS A C     1 
ATOM   562  O O     . LYS A 1 69  ? -7.200  -2.772  11.902  1.00 74.74  ? 588 LYS A O     1 
ATOM   563  C CB    . LYS A 1 69  ? -4.787  -4.467  13.494  1.00 79.20  ? 588 LYS A CB    1 
ATOM   564  C CG    . LYS A 1 69  ? -3.531  -4.645  12.597  1.00 85.86  ? 588 LYS A CG    1 
ATOM   565  C CD    . LYS A 1 69  ? -3.254  -6.122  12.234  1.00 87.74  ? 588 LYS A CD    1 
ATOM   566  C CE    . LYS A 1 69  ? -1.788  -6.318  11.859  1.00 89.93  ? 588 LYS A CE    1 
ATOM   567  N NZ    . LYS A 1 69  ? -1.398  -7.762  11.853  1.00 90.84  ? 588 LYS A NZ    1 
ATOM   568  N N     . LEU A 1 70  ? -5.796  -3.867  10.539  1.00 72.10  ? 589 LEU A N     1 
ATOM   569  C CA    . LEU A 1 70  ? -6.058  -2.982  9.407   1.00 67.64  ? 589 LEU A CA    1 
ATOM   570  C C     . LEU A 1 70  ? -7.542  -2.998  9.052   1.00 65.56  ? 589 LEU A C     1 
ATOM   571  O O     . LEU A 1 70  ? -8.132  -1.950  8.753   1.00 66.17  ? 589 LEU A O     1 
ATOM   572  C CB    . LEU A 1 70  ? -5.187  -3.387  8.210   1.00 68.33  ? 589 LEU A CB    1 
ATOM   573  C CG    . LEU A 1 70  ? -5.294  -2.708  6.837   1.00 67.31  ? 589 LEU A CG    1 
ATOM   574  C CD1   . LEU A 1 70  ? -6.609  -3.022  6.152   1.00 71.44  ? 589 LEU A CD1   1 
ATOM   575  C CD2   . LEU A 1 70  ? -5.084  -1.216  6.908   1.00 69.50  ? 589 LEU A CD2   1 
ATOM   576  N N     . VAL A 1 71  ? -8.146  -4.184  9.127   1.00 63.44  ? 590 VAL A N     1 
ATOM   577  C CA    . VAL A 1 71  ? -9.549  -4.383  8.785   1.00 63.39  ? 590 VAL A CA    1 
ATOM   578  C C     . VAL A 1 71  ? -10.456 -3.679  9.790   1.00 63.53  ? 590 VAL A C     1 
ATOM   579  O O     . VAL A 1 71  ? -11.543 -3.193  9.439   1.00 59.54  ? 590 VAL A O     1 
ATOM   580  C CB    . VAL A 1 71  ? -9.901  -5.897  8.766   1.00 63.82  ? 590 VAL A CB    1 
ATOM   581  C CG1   . VAL A 1 71  ? -11.396 -6.116  8.905   1.00 64.20  ? 590 VAL A CG1   1 
ATOM   582  C CG2   . VAL A 1 71  ? -9.390  -6.545  7.501   1.00 62.28  ? 590 VAL A CG2   1 
ATOM   583  N N     . ALA A 1 72  ? -10.030 -3.665  11.050  1.00 67.45  ? 591 ALA A N     1 
ATOM   584  C CA    . ALA A 1 72  ? -10.868 -3.117  12.125  1.00 71.89  ? 591 ALA A CA    1 
ATOM   585  C C     . ALA A 1 72  ? -10.919 -1.592  12.056  1.00 72.31  ? 591 ALA A C     1 
ATOM   586  O O     . ALA A 1 72  ? -11.925 -0.994  12.398  1.00 72.06  ? 591 ALA A O     1 
ATOM   587  C CB    . ALA A 1 72  ? -10.382 -3.587  13.498  1.00 69.82  ? 591 ALA A CB    1 
ATOM   588  N N     . SER A 1 73  ? -9.859  -0.979  11.538  1.00 73.63  ? 592 SER A N     1 
ATOM   589  C CA    . SER A 1 73  ? -9.817  0.470   11.394  1.00 76.16  ? 592 SER A CA    1 
ATOM   590  C C     . SER A 1 73  ? -10.527 1.006   10.156  1.00 77.53  ? 592 SER A C     1 
ATOM   591  O O     . SER A 1 73  ? -10.701 2.204   10.018  1.00 78.12  ? 592 SER A O     1 
ATOM   592  C CB    . SER A 1 73  ? -8.376  0.936   11.386  1.00 75.89  ? 592 SER A CB    1 
ATOM   593  O OG    . SER A 1 73  ? -7.723  0.441   10.237  1.00 79.48  ? 592 SER A OG    1 
ATOM   594  N N     . MET A 1 74  ? -10.932 0.134   9.242   1.00 80.33  ? 593 MET A N     1 
ATOM   595  C CA    . MET A 1 74  ? -11.401 0.587   7.939   1.00 81.44  ? 593 MET A CA    1 
ATOM   596  C C     . MET A 1 74  ? -12.894 0.379   7.752   1.00 82.98  ? 593 MET A C     1 
ATOM   597  O O     . MET A 1 74  ? -13.347 -0.753  7.654   1.00 83.38  ? 593 MET A O     1 
ATOM   598  C CB    . MET A 1 74  ? -10.673 -0.169  6.850   1.00 82.79  ? 593 MET A CB    1 
ATOM   599  C CG    . MET A 1 74  ? -9.409  0.471   6.390   1.00 84.57  ? 593 MET A CG    1 
ATOM   600  S SD    . MET A 1 74  ? -8.912  -0.321  4.851   1.00 87.48  ? 593 MET A SD    1 
ATOM   601  C CE    . MET A 1 74  ? -10.450 -0.215  3.925   1.00 85.58  ? 593 MET A CE    1 
ATOM   602  N N     . PRO A 1 75  ? -13.660 1.473   7.648   1.00 84.56  ? 594 PRO A N     1 
ATOM   603  C CA    . PRO A 1 75  ? -15.127 1.399   7.551   1.00 85.71  ? 594 PRO A CA    1 
ATOM   604  C C     . PRO A 1 75  ? -15.570 0.612   6.333   1.00 85.01  ? 594 PRO A C     1 
ATOM   605  O O     . PRO A 1 75  ? -16.572 -0.096  6.373   1.00 86.59  ? 594 PRO A O     1 
ATOM   606  C CB    . PRO A 1 75  ? -15.554 2.862   7.398   1.00 86.60  ? 594 PRO A CB    1 
ATOM   607  C CG    . PRO A 1 75  ? -14.406 3.664   7.940   1.00 86.48  ? 594 PRO A CG    1 
ATOM   608  C CD    . PRO A 1 75  ? -13.165 2.861   7.694   1.00 86.06  ? 594 PRO A CD    1 
ATOM   609  N N     . LEU A 1 76  ? -14.805 0.729   5.257   1.00 85.21  ? 595 LEU A N     1 
ATOM   610  C CA    . LEU A 1 76  ? -15.076 -0.022  4.038   1.00 82.96  ? 595 LEU A CA    1 
ATOM   611  C C     . LEU A 1 76  ? -15.258 -1.510  4.340   1.00 81.37  ? 595 LEU A C     1 
ATOM   612  O O     . LEU A 1 76  ? -16.166 -2.154  3.806   1.00 81.12  ? 595 LEU A O     1 
ATOM   613  C CB    . LEU A 1 76  ? -13.938 0.195   3.032   1.00 83.46  ? 595 LEU A CB    1 
ATOM   614  C CG    . LEU A 1 76  ? -13.929 -0.583  1.709   1.00 83.80  ? 595 LEU A CG    1 
ATOM   615  C CD1   . LEU A 1 76  ? -14.996 -0.047  0.763   1.00 84.04  ? 595 LEU A CD1   1 
ATOM   616  C CD2   . LEU A 1 76  ? -12.549 -0.493  1.066   1.00 83.37  ? 595 LEU A CD2   1 
ATOM   617  N N     . PHE A 1 77  ? -14.416 -2.036  5.224   1.00 79.26  ? 596 PHE A N     1 
ATOM   618  C CA    . PHE A 1 77  ? -14.376 -3.471  5.486   1.00 79.94  ? 596 PHE A CA    1 
ATOM   619  C C     . PHE A 1 77  ? -15.284 -3.919  6.625   1.00 81.77  ? 596 PHE A C     1 
ATOM   620  O O     . PHE A 1 77  ? -16.162 -4.773  6.444   1.00 83.43  ? 596 PHE A O     1 
ATOM   621  C CB    . PHE A 1 77  ? -12.950 -3.907  5.769   1.00 76.80  ? 596 PHE A CB    1 
ATOM   622  C CG    . PHE A 1 77  ? -12.095 -3.962  4.551   1.00 75.04  ? 596 PHE A CG    1 
ATOM   623  C CD1   . PHE A 1 77  ? -12.669 -4.034  3.290   1.00 73.07  ? 596 PHE A CD1   1 
ATOM   624  C CD2   . PHE A 1 77  ? -10.721 -3.979  4.661   1.00 74.55  ? 596 PHE A CD2   1 
ATOM   625  C CE1   . PHE A 1 77  ? -11.885 -4.110  2.150   1.00 72.69  ? 596 PHE A CE1   1 
ATOM   626  C CE2   . PHE A 1 77  ? -9.931  -4.063  3.537   1.00 74.11  ? 596 PHE A CE2   1 
ATOM   627  C CZ    . PHE A 1 77  ? -10.511 -4.123  2.273   1.00 73.32  ? 596 PHE A CZ    1 
ATOM   628  N N     . ALA A 1 78  ? -15.048 -3.333  7.793   1.00 82.06  ? 597 ALA A N     1 
ATOM   629  C CA    . ALA A 1 78  ? -15.731 -3.678  9.035   1.00 81.35  ? 597 ALA A CA    1 
ATOM   630  C C     . ALA A 1 78  ? -17.224 -4.054  8.896   1.00 80.06  ? 597 ALA A C     1 
ATOM   631  O O     . ALA A 1 78  ? -17.720 -4.936  9.618   1.00 81.68  ? 597 ALA A O     1 
ATOM   632  C CB    . ALA A 1 78  ? -15.538 -2.540  10.052  1.00 81.99  ? 597 ALA A CB    1 
ATOM   633  N N     . ASN A 1 79  ? -17.917 -3.403  7.962   1.00 78.71  ? 598 ASN A N     1 
ATOM   634  C CA    . ASN A 1 79  ? -19.335 -3.648  7.715   1.00 74.93  ? 598 ASN A CA    1 
ATOM   635  C C     . ASN A 1 79  ? -19.623 -4.454  6.437   1.00 71.70  ? 598 ASN A C     1 
ATOM   636  O O     . ASN A 1 79  ? -20.786 -4.718  6.093   1.00 71.67  ? 598 ASN A O     1 
ATOM   637  C CB    . ASN A 1 79  ? -20.075 -2.316  7.674   1.00 79.66  ? 598 ASN A CB    1 
ATOM   638  C CG    . ASN A 1 79  ? -21.559 -2.466  7.966   1.00 83.59  ? 598 ASN A CG    1 
ATOM   639  O OD1   . ASN A 1 79  ? -22.012 -2.313  9.116   1.00 82.42  ? 598 ASN A OD1   1 
ATOM   640  N ND2   . ASN A 1 79  ? -22.330 -2.784  6.922   1.00 84.78  ? 598 ASN A ND2   1 
ATOM   641  N N     . ALA A 1 80  ? -18.574 -4.832  5.715   1.00 67.51  ? 599 ALA A N     1 
ATOM   642  C CA    . ALA A 1 80  ? -18.768 -5.578  4.457   1.00 65.21  ? 599 ALA A CA    1 
ATOM   643  C C     . ALA A 1 80  ? -18.863 -7.094  4.676   1.00 62.02  ? 599 ALA A C     1 
ATOM   644  O O     . ALA A 1 80  ? -18.449 -7.607  5.715   1.00 62.36  ? 599 ALA A O     1 
ATOM   645  C CB    . ALA A 1 80  ? -17.665 -5.246  3.458   1.00 62.90  ? 599 ALA A CB    1 
ATOM   646  N N     . ASP A 1 81  ? -19.446 -7.789  3.708   1.00 61.89  ? 600 ASP A N     1 
ATOM   647  C CA    . ASP A 1 81  ? -19.327 -9.249  3.572   1.00 60.32  ? 600 ASP A CA    1 
ATOM   648  C C     . ASP A 1 81  ? -17.879 -9.685  3.800   1.00 59.04  ? 600 ASP A C     1 
ATOM   649  O O     . ASP A 1 81  ? -16.995 -9.259  3.055   1.00 59.81  ? 600 ASP A O     1 
ATOM   650  C CB    . ASP A 1 81  ? -19.762 -9.627  2.157   1.00 59.43  ? 600 ASP A CB    1 
ATOM   651  C CG    . ASP A 1 81  ? -19.690 -11.137 1.879   1.00 61.17  ? 600 ASP A CG    1 
ATOM   652  O OD1   . ASP A 1 81  ? -18.929 -11.890 2.557   1.00 60.08  ? 600 ASP A OD1   1 
ATOM   653  O OD2   . ASP A 1 81  ? -20.410 -11.563 0.945   1.00 59.60  ? 600 ASP A OD2   1 
ATOM   654  N N     . PRO A 1 82  ? -17.626 -10.549 4.809   1.00 58.54  ? 601 PRO A N     1 
ATOM   655  C CA    . PRO A 1 82  ? -16.259 -11.018 5.126   1.00 58.52  ? 601 PRO A CA    1 
ATOM   656  C C     . PRO A 1 82  ? -15.524 -11.688 3.950   1.00 59.64  ? 601 PRO A C     1 
ATOM   657  O O     . PRO A 1 82  ? -14.276 -11.792 3.964   1.00 60.87  ? 601 PRO A O     1 
ATOM   658  C CB    . PRO A 1 82  ? -16.492 -12.062 6.234   1.00 56.82  ? 601 PRO A CB    1 
ATOM   659  C CG    . PRO A 1 82  ? -17.781 -11.679 6.842   1.00 55.03  ? 601 PRO A CG    1 
ATOM   660  C CD    . PRO A 1 82  ? -18.627 -11.193 5.678   1.00 59.10  ? 601 PRO A CD    1 
ATOM   661  N N     . ASN A 1 83  ? -16.280 -12.136 2.954   1.00 59.00  ? 602 ASN A N     1 
ATOM   662  C CA    . ASN A 1 83  ? -15.700 -12.790 1.789   1.00 61.10  ? 602 ASN A CA    1 
ATOM   663  C C     . ASN A 1 83  ? -15.204 -11.745 0.803   1.00 60.70  ? 602 ASN A C     1 
ATOM   664  O O     . ASN A 1 83  ? -14.222 -11.970 0.096   1.00 61.59  ? 602 ASN A O     1 
ATOM   665  C CB    . ASN A 1 83  ? -16.727 -13.700 1.096   1.00 61.25  ? 602 ASN A CB    1 
ATOM   666  C CG    . ASN A 1 83  ? -17.144 -14.872 1.958   1.00 63.94  ? 602 ASN A CG    1 
ATOM   667  O OD1   . ASN A 1 83  ? -18.327 -15.053 2.243   1.00 66.87  ? 602 ASN A OD1   1 
ATOM   668  N ND2   . ASN A 1 83  ? -16.169 -15.655 2.411   1.00 64.01  ? 602 ASN A ND2   1 
ATOM   669  N N     . PHE A 1 84  ? -15.885 -10.606 0.750   1.00 59.13  ? 603 PHE A N     1 
ATOM   670  C CA    . PHE A 1 84  ? -15.390 -9.482  -0.036  1.00 58.06  ? 603 PHE A CA    1 
ATOM   671  C C     . PHE A 1 84  ? -14.039 -9.058  0.543   1.00 59.79  ? 603 PHE A C     1 
ATOM   672  O O     . PHE A 1 84  ? -13.008 -9.035  -0.154  1.00 58.32  ? 603 PHE A O     1 
ATOM   673  C CB    . PHE A 1 84  ? -16.389 -8.309  -0.010  1.00 57.74  ? 603 PHE A CB    1 
ATOM   674  C CG    . PHE A 1 84  ? -15.797 -7.011  -0.470  1.00 56.57  ? 603 PHE A CG    1 
ATOM   675  C CD1   . PHE A 1 84  ? -15.493 -6.810  -1.815  1.00 55.00  ? 603 PHE A CD1   1 
ATOM   676  C CD2   . PHE A 1 84  ? -15.474 -6.013  0.450   1.00 57.24  ? 603 PHE A CD2   1 
ATOM   677  C CE1   . PHE A 1 84  ? -14.881 -5.641  -2.241  1.00 55.65  ? 603 PHE A CE1   1 
ATOM   678  C CE2   . PHE A 1 84  ? -14.872 -4.830  0.031   1.00 58.42  ? 603 PHE A CE2   1 
ATOM   679  C CZ    . PHE A 1 84  ? -14.576 -4.641  -1.321  1.00 57.71  ? 603 PHE A CZ    1 
ATOM   680  N N     . VAL A 1 85  ? -14.035 -8.827  1.854   1.00 59.89  ? 604 VAL A N     1 
ATOM   681  C CA    . VAL A 1 85  ? -12.823 -8.450  2.571   1.00 59.71  ? 604 VAL A CA    1 
ATOM   682  C C     . VAL A 1 85  ? -11.673 -9.426  2.315   1.00 60.17  ? 604 VAL A C     1 
ATOM   683  O O     . VAL A 1 85  ? -10.585 -9.027  1.906   1.00 62.15  ? 604 VAL A O     1 
ATOM   684  C CB    . VAL A 1 85  ? -13.127 -8.342  4.085   1.00 59.34  ? 604 VAL A CB    1 
ATOM   685  C CG1   . VAL A 1 85  ? -11.869 -8.060  4.891   1.00 53.64  ? 604 VAL A CG1   1 
ATOM   686  C CG2   . VAL A 1 85  ? -14.228 -7.281  4.326   1.00 55.37  ? 604 VAL A CG2   1 
ATOM   687  N N     . THR A 1 86  ? -11.897 -10.703 2.585   1.00 59.94  ? 605 THR A N     1 
ATOM   688  C CA    . THR A 1 86  ? -10.886 -11.736 2.344   1.00 59.16  ? 605 THR A CA    1 
ATOM   689  C C     . THR A 1 86  ? -10.381 -11.713 0.894   1.00 59.23  ? 605 THR A C     1 
ATOM   690  O O     . THR A 1 86  ? -9.190  -11.828 0.631   1.00 59.55  ? 605 THR A O     1 
ATOM   691  C CB    . THR A 1 86  ? -11.476 -13.121 2.660   1.00 61.50  ? 605 THR A CB    1 
ATOM   692  O OG1   . THR A 1 86  ? -11.574 -13.272 4.082   1.00 58.89  ? 605 THR A OG1   1 
ATOM   693  C CG2   . THR A 1 86  ? -10.611 -14.258 2.073   1.00 59.23  ? 605 THR A CG2   1 
ATOM   694  N N     . SER A 1 87  ? -11.293 -11.523 -0.043  1.00 57.17  ? 606 SER A N     1 
ATOM   695  C CA    . SER A 1 87  ? -10.958 -11.471 -1.442  1.00 57.58  ? 606 SER A CA    1 
ATOM   696  C C     . SER A 1 87  ? -10.085 -10.266 -1.791  1.00 60.37  ? 606 SER A C     1 
ATOM   697  O O     . SER A 1 87  ? -9.329  -10.319 -2.759  1.00 61.71  ? 606 SER A O     1 
ATOM   698  C CB    . SER A 1 87  ? -12.241 -11.426 -2.244  1.00 56.54  ? 606 SER A CB    1 
ATOM   699  O OG    . SER A 1 87  ? -11.968 -11.255 -3.610  1.00 63.32  ? 606 SER A OG    1 
ATOM   700  N N     . MET A 1 88  ? -10.161 -9.190  -1.003  1.00 60.67  ? 607 MET A N     1 
ATOM   701  C CA    . MET A 1 88  ? -9.325  -8.005  -1.245  1.00 60.67  ? 607 MET A CA    1 
ATOM   702  C C     . MET A 1 88  ? -7.974  -8.158  -0.587  1.00 59.35  ? 607 MET A C     1 
ATOM   703  O O     . MET A 1 88  ? -6.949  -7.832  -1.179  1.00 60.19  ? 607 MET A O     1 
ATOM   704  C CB    . MET A 1 88  ? -9.990  -6.725  -0.713  1.00 63.90  ? 607 MET A CB    1 
ATOM   705  C CG    . MET A 1 88  ? -11.246 -6.302  -1.449  1.00 65.50  ? 607 MET A CG    1 
ATOM   706  S SD    . MET A 1 88  ? -10.870 -5.031  -2.693  1.00 71.08  ? 607 MET A SD    1 
ATOM   707  C CE    . MET A 1 88  ? -10.366 -3.639  -1.688  1.00 65.66  ? 607 MET A CE    1 
ATOM   708  N N     . LEU A 1 89  ? -7.970  -8.626  0.656   1.00 58.62  ? 608 LEU A N     1 
ATOM   709  C CA    . LEU A 1 89  ? -6.729  -8.853  1.374   1.00 57.95  ? 608 LEU A CA    1 
ATOM   710  C C     . LEU A 1 89  ? -5.756  -9.733  0.595   1.00 58.55  ? 608 LEU A C     1 
ATOM   711  O O     . LEU A 1 89  ? -4.558  -9.469  0.601   1.00 58.36  ? 608 LEU A O     1 
ATOM   712  C CB    . LEU A 1 89  ? -7.002  -9.450  2.754   1.00 58.34  ? 608 LEU A CB    1 
ATOM   713  C CG    . LEU A 1 89  ? -7.263  -8.570  3.993   1.00 57.55  ? 608 LEU A CG    1 
ATOM   714  C CD1   . LEU A 1 89  ? -7.595  -7.147  3.712   1.00 53.31  ? 608 LEU A CD1   1 
ATOM   715  C CD2   . LEU A 1 89  ? -8.341  -9.178  4.870   1.00 54.64  ? 608 LEU A CD2   1 
ATOM   716  N N     . THR A 1 90  ? -6.258  -10.770 -0.075  1.00 58.08  ? 609 THR A N     1 
ATOM   717  C CA    . THR A 1 90  ? -5.379  -11.708 -0.801  1.00 60.50  ? 609 THR A CA    1 
ATOM   718  C C     . THR A 1 90  ? -4.639  -11.036 -1.963  1.00 60.54  ? 609 THR A C     1 
ATOM   719  O O     . THR A 1 90  ? -3.540  -11.448 -2.338  1.00 61.64  ? 609 THR A O     1 
ATOM   720  C CB    . THR A 1 90  ? -6.135  -12.948 -1.338  1.00 58.70  ? 609 THR A CB    1 
ATOM   721  O OG1   . THR A 1 90  ? -7.259  -12.519 -2.111  1.00 60.78  ? 609 THR A OG1   1 
ATOM   722  C CG2   . THR A 1 90  ? -6.630  -13.818 -0.210  1.00 54.07  ? 609 THR A CG2   1 
ATOM   723  N N     . LYS A 1 91  ? -5.214  -9.957  -2.483  1.00 61.59  ? 610 LYS A N     1 
ATOM   724  C CA    . LYS A 1 91  ? -4.688  -9.290  -3.673  1.00 59.98  ? 610 LYS A CA    1 
ATOM   725  C C     . LYS A 1 91  ? -3.770  -8.102  -3.353  1.00 58.79  ? 610 LYS A C     1 
ATOM   726  O O     . LYS A 1 91  ? -3.184  -7.497  -4.250  1.00 60.42  ? 610 LYS A O     1 
ATOM   727  C CB    . LYS A 1 91  ? -5.850  -8.854  -4.564  1.00 62.60  ? 610 LYS A CB    1 
ATOM   728  C CG    . LYS A 1 91  ? -6.516  -10.025 -5.317  1.00 67.49  ? 610 LYS A CG    1 
ATOM   729  C CD    . LYS A 1 91  ? -7.895  -9.612  -5.848  1.00 68.29  ? 610 LYS A CD    1 
ATOM   730  C CE    . LYS A 1 91  ? -8.624  -10.746 -6.608  1.00 71.97  ? 610 LYS A CE    1 
ATOM   731  N NZ    . LYS A 1 91  ? -8.674  -12.068 -5.898  1.00 75.93  ? 610 LYS A NZ    1 
ATOM   732  N N     . LEU A 1 92  ? -3.637  -7.768  -2.074  1.00 55.71  ? 611 LEU A N     1 
ATOM   733  C CA    . LEU A 1 92  ? -2.891  -6.583  -1.686  1.00 58.32  ? 611 LEU A CA    1 
ATOM   734  C C     . LEU A 1 92  ? -1.416  -6.908  -1.647  1.00 59.00  ? 611 LEU A C     1 
ATOM   735  O O     . LEU A 1 92  ? -1.048  -8.064  -1.453  1.00 59.19  ? 611 LEU A O     1 
ATOM   736  C CB    . LEU A 1 92  ? -3.323  -6.142  -0.295  1.00 57.84  ? 611 LEU A CB    1 
ATOM   737  C CG    . LEU A 1 92  ? -4.733  -5.590  -0.134  1.00 58.72  ? 611 LEU A CG    1 
ATOM   738  C CD1   . LEU A 1 92  ? -4.928  -5.242  1.351   1.00 58.41  ? 611 LEU A CD1   1 
ATOM   739  C CD2   . LEU A 1 92  ? -4.837  -4.363  -0.985  1.00 57.25  ? 611 LEU A CD2   1 
ATOM   740  N N     . ARG A 1 93  ? -0.578  -5.888  -1.753  1.00 58.26  ? 612 ARG A N     1 
ATOM   741  C CA    . ARG A 1 93  ? 0.873   -6.065  -1.626  1.00 62.49  ? 612 ARG A CA    1 
ATOM   742  C C     . ARG A 1 93  ? 1.442   -5.072  -0.619  1.00 61.34  ? 612 ARG A C     1 
ATOM   743  O O     . ARG A 1 93  ? 1.158   -3.879  -0.671  1.00 59.78  ? 612 ARG A O     1 
ATOM   744  C CB    . ARG A 1 93  ? 1.565   -5.905  -2.988  1.00 67.64  ? 612 ARG A CB    1 
ATOM   745  C CG    . ARG A 1 93  ? 1.320   -7.063  -3.977  1.00 74.67  ? 612 ARG A CG    1 
ATOM   746  C CD    . ARG A 1 93  ? 1.555   -6.639  -5.453  1.00 81.87  ? 612 ARG A CD    1 
ATOM   747  N NE    . ARG A 1 93  ? 0.834   -7.505  -6.402  1.00 88.54  ? 612 ARG A NE    1 
ATOM   748  C CZ    . ARG A 1 93  ? 0.457   -7.154  -7.639  1.00 88.72  ? 612 ARG A CZ    1 
ATOM   749  N NH1   . ARG A 1 93  ? 0.723   -5.935  -8.103  1.00 89.08  ? 612 ARG A NH1   1 
ATOM   750  N NH2   . ARG A 1 93  ? -0.192  -8.027  -8.411  1.00 87.63  ? 612 ARG A NH2   1 
ATOM   751  N N     . PHE A 1 94  ? 2.216   -5.584  0.323   1.00 60.93  ? 613 PHE A N     1 
ATOM   752  C CA    . PHE A 1 94  ? 2.797   -4.779  1.381   1.00 59.70  ? 613 PHE A CA    1 
ATOM   753  C C     . PHE A 1 94  ? 3.862   -3.858  0.823   1.00 58.92  ? 613 PHE A C     1 
ATOM   754  O O     . PHE A 1 94  ? 4.768   -4.310  0.133   1.00 59.28  ? 613 PHE A O     1 
ATOM   755  C CB    . PHE A 1 94  ? 3.433   -5.704  2.421   1.00 59.72  ? 613 PHE A CB    1 
ATOM   756  C CG    . PHE A 1 94  ? 3.930   -4.990  3.637   1.00 60.45  ? 613 PHE A CG    1 
ATOM   757  C CD1   . PHE A 1 94  ? 3.099   -4.135  4.339   1.00 61.51  ? 613 PHE A CD1   1 
ATOM   758  C CD2   . PHE A 1 94  ? 5.228   -5.169  4.083   1.00 61.99  ? 613 PHE A CD2   1 
ATOM   759  C CE1   . PHE A 1 94  ? 3.552   -3.452  5.483   1.00 61.19  ? 613 PHE A CE1   1 
ATOM   760  C CE2   . PHE A 1 94  ? 5.701   -4.485  5.231   1.00 62.69  ? 613 PHE A CE2   1 
ATOM   761  C CZ    . PHE A 1 94  ? 4.853   -3.621  5.923   1.00 58.64  ? 613 PHE A CZ    1 
ATOM   762  N N     . GLU A 1 95  ? 3.776   -2.574  1.153   1.00 57.57  ? 614 GLU A N     1 
ATOM   763  C CA    . GLU A 1 95  ? 4.784   -1.581  0.728   1.00 56.95  ? 614 GLU A CA    1 
ATOM   764  C C     . GLU A 1 95  ? 5.111   -0.605  1.866   1.00 57.36  ? 614 GLU A C     1 
ATOM   765  O O     . GLU A 1 95  ? 4.201   -0.093  2.542   1.00 58.79  ? 614 GLU A O     1 
ATOM   766  C CB    . GLU A 1 95  ? 4.269   -0.789  -0.479  1.00 57.71  ? 614 GLU A CB    1 
ATOM   767  C CG    . GLU A 1 95  ? 3.887   -1.684  -1.679  1.00 64.37  ? 614 GLU A CG    1 
ATOM   768  C CD    . GLU A 1 95  ? 3.599   -0.896  -2.955  1.00 66.00  ? 614 GLU A CD    1 
ATOM   769  O OE1   . GLU A 1 95  ? 3.944   0.305   -3.011  1.00 65.18  ? 614 GLU A OE1   1 
ATOM   770  O OE2   . GLU A 1 95  ? 3.052   -1.490  -3.913  1.00 68.72  ? 614 GLU A OE2   1 
ATOM   771  N N     . VAL A 1 96  ? 6.396   -0.356  2.083   1.00 58.18  ? 615 VAL A N     1 
ATOM   772  C CA    . VAL A 1 96  ? 6.835   0.643   3.044   1.00 60.45  ? 615 VAL A CA    1 
ATOM   773  C C     . VAL A 1 96  ? 7.340   1.880   2.306   1.00 61.48  ? 615 VAL A C     1 
ATOM   774  O O     . VAL A 1 96  ? 7.984   1.751   1.267   1.00 61.85  ? 615 VAL A O     1 
ATOM   775  C CB    . VAL A 1 96  ? 7.967   0.095   3.913   1.00 61.25  ? 615 VAL A CB    1 
ATOM   776  C CG1   . VAL A 1 96  ? 8.576   1.209   4.773   1.00 62.36  ? 615 VAL A CG1   1 
ATOM   777  C CG2   . VAL A 1 96  ? 7.458   -1.041  4.795   1.00 60.00  ? 615 VAL A CG2   1 
ATOM   778  N N     . PHE A 1 97  ? 7.083   3.065   2.864   1.00 63.04  ? 616 PHE A N     1 
ATOM   779  C CA    . PHE A 1 97  ? 7.490   4.346   2.261   1.00 64.68  ? 616 PHE A CA    1 
ATOM   780  C C     . PHE A 1 97  ? 8.103   5.230   3.339   1.00 66.39  ? 616 PHE A C     1 
ATOM   781  O O     . PHE A 1 97  ? 7.594   5.283   4.467   1.00 64.22  ? 616 PHE A O     1 
ATOM   782  C CB    . PHE A 1 97  ? 6.291   5.088   1.616   1.00 63.47  ? 616 PHE A CB    1 
ATOM   783  C CG    . PHE A 1 97  ? 5.895   4.549   0.269   1.00 60.55  ? 616 PHE A CG    1 
ATOM   784  C CD1   . PHE A 1 97  ? 4.921   3.560   0.165   1.00 61.26  ? 616 PHE A CD1   1 
ATOM   785  C CD2   . PHE A 1 97  ? 6.534   4.981   -0.902  1.00 61.39  ? 616 PHE A CD2   1 
ATOM   786  C CE1   . PHE A 1 97  ? 4.567   3.015   -1.103  1.00 60.57  ? 616 PHE A CE1   1 
ATOM   787  C CE2   . PHE A 1 97  ? 6.204   4.432   -2.174  1.00 58.67  ? 616 PHE A CE2   1 
ATOM   788  C CZ    . PHE A 1 97  ? 5.235   3.446   -2.276  1.00 57.00  ? 616 PHE A CZ    1 
ATOM   789  N N     . GLN A 1 98  ? 9.164   5.946   2.969   1.00 65.98  ? 617 GLN A N     1 
ATOM   790  C CA    . GLN A 1 98  ? 9.931   6.777   3.899   1.00 67.04  ? 617 GLN A CA    1 
ATOM   791  C C     . GLN A 1 98  ? 9.421   8.227   3.964   1.00 67.15  ? 617 GLN A C     1 
ATOM   792  O O     . GLN A 1 98  ? 8.831   8.722   2.996   1.00 66.37  ? 617 GLN A O     1 
ATOM   793  C CB    . GLN A 1 98  ? 11.415  6.774   3.508   1.00 65.64  ? 617 GLN A CB    1 
ATOM   794  C CG    . GLN A 1 98  ? 12.198  5.610   4.066   1.00 67.18  ? 617 GLN A CG    1 
ATOM   795  C CD    . GLN A 1 98  ? 13.435  5.335   3.252   1.00 67.97  ? 617 GLN A CD    1 
ATOM   796  O OE1   . GLN A 1 98  ? 13.450  5.550   2.038   1.00 69.97  ? 617 GLN A OE1   1 
ATOM   797  N NE2   . GLN A 1 98  ? 14.487  4.857   3.909   1.00 69.17  ? 617 GLN A NE2   1 
ATOM   798  N N     . PRO A 1 99  ? 9.663   8.914   5.103   1.00 67.42  ? 618 PRO A N     1 
ATOM   799  C CA    . PRO A 1 99  ? 9.328   10.331  5.246   1.00 69.14  ? 618 PRO A CA    1 
ATOM   800  C C     . PRO A 1 99  ? 9.829   11.145  4.048   1.00 69.97  ? 618 PRO A C     1 
ATOM   801  O O     . PRO A 1 99  ? 11.007  11.066  3.698   1.00 71.41  ? 618 PRO A O     1 
ATOM   802  C CB    . PRO A 1 99  ? 10.100  10.745  6.510   1.00 68.86  ? 618 PRO A CB    1 
ATOM   803  C CG    . PRO A 1 99  ? 10.228  9.506   7.292   1.00 69.31  ? 618 PRO A CG    1 
ATOM   804  C CD    . PRO A 1 99  ? 10.375  8.396   6.287   1.00 67.93  ? 618 PRO A CD    1 
ATOM   805  N N     . GLY A 1 100 ? 8.939   11.893  3.410   1.00 70.00  ? 619 GLY A N     1 
ATOM   806  C CA    . GLY A 1 100 ? 9.331   12.696  2.270   1.00 71.54  ? 619 GLY A CA    1 
ATOM   807  C C     . GLY A 1 100 ? 9.051   12.047  0.928   1.00 73.63  ? 619 GLY A C     1 
ATOM   808  O O     . GLY A 1 100 ? 8.799   12.756  -0.060  1.00 75.17  ? 619 GLY A O     1 
ATOM   809  N N     . ASP A 1 101 ? 9.087   10.712  0.879   1.00 73.12  ? 620 ASP A N     1 
ATOM   810  C CA    . ASP A 1 101 ? 8.814   9.970   -0.361  1.00 71.29  ? 620 ASP A CA    1 
ATOM   811  C C     . ASP A 1 101 ? 7.508   10.390  -0.999  1.00 70.63  ? 620 ASP A C     1 
ATOM   812  O O     . ASP A 1 101 ? 6.560   10.765  -0.310  1.00 70.88  ? 620 ASP A O     1 
ATOM   813  C CB    . ASP A 1 101 ? 8.819   8.451   -0.136  1.00 69.97  ? 620 ASP A CB    1 
ATOM   814  C CG    . ASP A 1 101 ? 10.221  7.897   0.009   1.00 70.99  ? 620 ASP A CG    1 
ATOM   815  O OD1   . ASP A 1 101 ? 11.179  8.616   -0.363  1.00 73.62  ? 620 ASP A OD1   1 
ATOM   816  O OD2   . ASP A 1 101 ? 10.368  6.747   0.503   1.00 71.11  ? 620 ASP A OD2   1 
ATOM   817  N N     . TYR A 1 102 ? 7.480   10.362  -2.326  1.00 70.40  ? 621 TYR A N     1 
ATOM   818  C CA    . TYR A 1 102 ? 6.258   10.644  -3.060  1.00 70.95  ? 621 TYR A CA    1 
ATOM   819  C C     . TYR A 1 102 ? 5.692   9.313   -3.491  1.00 69.21  ? 621 TYR A C     1 
ATOM   820  O O     . TYR A 1 102 ? 6.291   8.594   -4.298  1.00 68.34  ? 621 TYR A O     1 
ATOM   821  C CB    . TYR A 1 102 ? 6.528   11.517  -4.285  1.00 75.00  ? 621 TYR A CB    1 
ATOM   822  C CG    . TYR A 1 102 ? 6.516   13.008  -4.005  1.00 79.77  ? 621 TYR A CG    1 
ATOM   823  C CD1   . TYR A 1 102 ? 5.323   13.723  -3.974  1.00 81.19  ? 621 TYR A CD1   1 
ATOM   824  C CD2   . TYR A 1 102 ? 7.706   13.710  -3.821  1.00 81.00  ? 621 TYR A CD2   1 
ATOM   825  C CE1   . TYR A 1 102 ? 5.312   15.099  -3.724  1.00 82.74  ? 621 TYR A CE1   1 
ATOM   826  C CE2   . TYR A 1 102 ? 7.708   15.086  -3.581  1.00 83.11  ? 621 TYR A CE2   1 
ATOM   827  C CZ    . TYR A 1 102 ? 6.508   15.778  -3.539  1.00 83.57  ? 621 TYR A CZ    1 
ATOM   828  O OH    . TYR A 1 102 ? 6.510   17.144  -3.317  1.00 85.35  ? 621 TYR A OH    1 
ATOM   829  N N     . ILE A 1 103 ? 4.554   8.977   -2.896  1.00 67.06  ? 622 ILE A N     1 
ATOM   830  C CA    . ILE A 1 103 ? 3.833   7.758   -3.187  1.00 64.52  ? 622 ILE A CA    1 
ATOM   831  C C     . ILE A 1 103 ? 3.147   7.854   -4.531  1.00 63.32  ? 622 ILE A C     1 
ATOM   832  O O     . ILE A 1 103 ? 3.178   6.923   -5.314  1.00 64.42  ? 622 ILE A O     1 
ATOM   833  C CB    . ILE A 1 103 ? 2.793   7.504   -2.081  1.00 64.52  ? 622 ILE A CB    1 
ATOM   834  C CG1   . ILE A 1 103 ? 3.515   7.416   -0.723  1.00 60.43  ? 622 ILE A CG1   1 
ATOM   835  C CG2   . ILE A 1 103 ? 2.023   6.244   -2.391  1.00 62.25  ? 622 ILE A CG2   1 
ATOM   836  C CD1   . ILE A 1 103 ? 2.616   7.446   0.475   1.00 62.74  ? 622 ILE A CD1   1 
ATOM   837  N N     . ILE A 1 104 ? 2.549   9.011   -4.794  1.00 65.54  ? 623 ILE A N     1 
ATOM   838  C CA    . ILE A 1 104 ? 1.837   9.283   -6.033  1.00 67.72  ? 623 ILE A CA    1 
ATOM   839  C C     . ILE A 1 104 ? 2.163   10.700  -6.556  1.00 70.63  ? 623 ILE A C     1 
ATOM   840  O O     . ILE A 1 104 ? 2.316   11.643  -5.770  1.00 70.71  ? 623 ILE A O     1 
ATOM   841  C CB    . ILE A 1 104 ? 0.324   9.183   -5.797  1.00 67.37  ? 623 ILE A CB    1 
ATOM   842  C CG1   . ILE A 1 104 ? -0.107  7.719   -5.741  1.00 67.87  ? 623 ILE A CG1   1 
ATOM   843  C CG2   . ILE A 1 104 ? -0.448  9.950   -6.869  1.00 65.06  ? 623 ILE A CG2   1 
ATOM   844  C CD1   . ILE A 1 104 ? -1.476  7.534   -5.113  1.00 66.61  ? 623 ILE A CD1   1 
ATOM   845  N N     . ARG A 1 105 ? 2.245   10.856  -7.876  1.00 73.24  ? 624 ARG A N     1 
ATOM   846  C CA    . ARG A 1 105 ? 2.434   12.187  -8.476  1.00 76.53  ? 624 ARG A CA    1 
ATOM   847  C C     . ARG A 1 105 ? 1.237   12.586  -9.335  1.00 77.72  ? 624 ARG A C     1 
ATOM   848  O O     . ARG A 1 105 ? 0.720   11.764  -10.088 1.00 76.80  ? 624 ARG A O     1 
ATOM   849  C CB    . ARG A 1 105 ? 3.723   12.227  -9.305  1.00 76.14  ? 624 ARG A CB    1 
ATOM   850  C CG    . ARG A 1 105 ? 4.989   12.087  -8.465  1.00 79.67  ? 624 ARG A CG    1 
ATOM   851  C CD    . ARG A 1 105 ? 6.237   11.729  -9.307  1.00 81.23  ? 624 ARG A CD    1 
ATOM   852  N NE    . ARG A 1 105 ? 7.486   11.894  -8.552  1.00 81.36  ? 624 ARG A NE    1 
ATOM   853  C CZ    . ARG A 1 105 ? 7.806   12.993  -7.862  1.00 82.94  ? 624 ARG A CZ    1 
ATOM   854  N NH1   . ARG A 1 105 ? 6.952   14.015  -7.807  1.00 84.40  ? 624 ARG A NH1   1 
ATOM   855  N NH2   . ARG A 1 105 ? 8.962   13.068  -7.205  1.00 80.99  ? 624 ARG A NH2   1 
ATOM   856  N N     . GLU A 1 106 ? 0.799   13.840  -9.218  1.00 79.51  ? 625 GLU A N     1 
ATOM   857  C CA    . GLU A 1 106 ? -0.260  14.390  -10.090 1.00 82.34  ? 625 GLU A CA    1 
ATOM   858  C C     . GLU A 1 106 ? 0.080   14.239  -11.562 1.00 82.78  ? 625 GLU A C     1 
ATOM   859  O O     . GLU A 1 106 ? 1.253   14.214  -11.932 1.00 83.43  ? 625 GLU A O     1 
ATOM   860  C CB    . GLU A 1 106 ? -0.465  15.890  -9.866  1.00 84.96  ? 625 GLU A CB    1 
ATOM   861  C CG    . GLU A 1 106 ? -0.510  16.389  -8.442  1.00 89.12  ? 625 GLU A CG    1 
ATOM   862  C CD    . GLU A 1 106 ? -1.046  17.813  -8.366  1.00 91.30  ? 625 GLU A CD    1 
ATOM   863  O OE1   . GLU A 1 106 ? -2.062  18.099  -9.051  1.00 93.06  ? 625 GLU A OE1   1 
ATOM   864  O OE2   . GLU A 1 106 ? -0.439  18.644  -7.647  1.00 92.35  ? 625 GLU A OE2   1 
ATOM   865  N N     . GLY A 1 107 ? -0.951  14.268  -12.402 1.00 83.02  ? 626 GLY A N     1 
ATOM   866  C CA    . GLY A 1 107 ? -0.776  14.259  -13.844 1.00 82.67  ? 626 GLY A CA    1 
ATOM   867  C C     . GLY A 1 107 ? -0.364  12.887  -14.321 1.00 83.78  ? 626 GLY A C     1 
ATOM   868  O O     . GLY A 1 107 ? -0.474  12.564  -15.504 1.00 84.12  ? 626 GLY A O     1 
ATOM   869  N N     . THR A 1 108 ? 0.094   12.067  -13.383 1.00 82.79  ? 627 THR A N     1 
ATOM   870  C CA    . THR A 1 108 ? 0.602   10.749  -13.700 1.00 81.39  ? 627 THR A CA    1 
ATOM   871  C C     . THR A 1 108 ? -0.556  9.771   -13.930 1.00 80.06  ? 627 THR A C     1 
ATOM   872  O O     . THR A 1 108 ? -1.696  10.054  -13.568 1.00 80.19  ? 627 THR A O     1 
ATOM   873  C CB    . THR A 1 108 ? 1.545   10.282  -12.573 1.00 81.99  ? 627 THR A CB    1 
ATOM   874  O OG1   . THR A 1 108 ? 2.669   9.599   -13.125 1.00 82.07  ? 627 THR A OG1   1 
ATOM   875  C CG2   . THR A 1 108 ? 0.832   9.390   -11.593 1.00 82.04  ? 627 THR A CG2   1 
ATOM   876  N N     . ILE A 1 109 ? -0.270  8.646   -14.573 1.00 80.23  ? 628 ILE A N     1 
ATOM   877  C CA    . ILE A 1 109 ? -1.292  7.652   -14.927 1.00 81.12  ? 628 ILE A CA    1 
ATOM   878  C C     . ILE A 1 109 ? -1.301  6.487   -13.927 1.00 81.44  ? 628 ILE A C     1 
ATOM   879  O O     . ILE A 1 109 ? -0.648  5.468   -14.150 1.00 82.12  ? 628 ILE A O     1 
ATOM   880  C CB    . ILE A 1 109 ? -1.038  7.077   -16.341 1.00 81.47  ? 628 ILE A CB    1 
ATOM   881  C CG1   . ILE A 1 109 ? -1.052  8.196   -17.379 1.00 82.08  ? 628 ILE A CG1   1 
ATOM   882  C CG2   . ILE A 1 109 ? -2.072  6.008   -16.705 1.00 81.79  ? 628 ILE A CG2   1 
ATOM   883  C CD1   . ILE A 1 109 ? -0.919  7.705   -18.806 1.00 81.63  ? 628 ILE A CD1   1 
ATOM   884  N N     . GLY A 1 110 ? -2.037  6.642   -12.826 1.00 81.30  ? 629 GLY A N     1 
ATOM   885  C CA    . GLY A 1 110 ? -2.070  5.631   -11.766 1.00 79.02  ? 629 GLY A CA    1 
ATOM   886  C C     . GLY A 1 110 ? -2.584  4.287   -12.247 1.00 77.17  ? 629 GLY A C     1 
ATOM   887  O O     . GLY A 1 110 ? -3.463  4.236   -13.111 1.00 78.17  ? 629 GLY A O     1 
ATOM   888  N N     . LYS A 1 111 ? -2.022  3.198   -11.714 1.00 74.29  ? 630 LYS A N     1 
ATOM   889  C CA    . LYS A 1 111 ? -2.504  1.854   -12.012 1.00 71.07  ? 630 LYS A CA    1 
ATOM   890  C C     . LYS A 1 111 ? -2.697  1.004   -10.742 1.00 70.04  ? 630 LYS A C     1 
ATOM   891  O O     . LYS A 1 111 ? -2.767  -0.227  -10.813 1.00 67.68  ? 630 LYS A O     1 
ATOM   892  C CB    . LYS A 1 111 ? -1.570  1.156   -13.017 1.00 71.32  ? 630 LYS A CB    1 
ATOM   893  N N     . LYS A 1 112 ? -2.840  1.676   -9.595  1.00 68.94  ? 631 LYS A N     1 
ATOM   894  C CA    . LYS A 1 112 ? -2.925  1.012   -8.285  1.00 68.30  ? 631 LYS A CA    1 
ATOM   895  C C     . LYS A 1 112 ? -3.361  1.977   -7.185  1.00 67.93  ? 631 LYS A C     1 
ATOM   896  O O     . LYS A 1 112 ? -3.115  3.184   -7.283  1.00 68.62  ? 631 LYS A O     1 
ATOM   897  C CB    . LYS A 1 112 ? -1.575  0.389   -7.913  1.00 68.26  ? 631 LYS A CB    1 
ATOM   898  C CG    . LYS A 1 112 ? -0.610  1.360   -7.269  1.00 69.21  ? 631 LYS A CG    1 
ATOM   899  C CD    . LYS A 1 112 ? 0.847   1.124   -7.706  1.00 70.99  ? 631 LYS A CD    1 
ATOM   900  C CE    . LYS A 1 112 ? 1.442   -0.146  -7.123  1.00 70.24  ? 631 LYS A CE    1 
ATOM   901  N NZ    . LYS A 1 112 ? 0.966   -1.340  -7.881  1.00 73.51  ? 631 LYS A NZ    1 
ATOM   902  N N     . MET A 1 113 ? -4.002  1.449   -6.139  1.00 65.62  ? 632 MET A N     1 
ATOM   903  C CA    . MET A 1 113 ? -4.370  2.258   -4.970  1.00 64.79  ? 632 MET A CA    1 
ATOM   904  C C     . MET A 1 113 ? -3.715  1.737   -3.690  1.00 64.26  ? 632 MET A C     1 
ATOM   905  O O     . MET A 1 113 ? -3.104  0.671   -3.689  1.00 64.87  ? 632 MET A O     1 
ATOM   906  C CB    . MET A 1 113 ? -5.897  2.351   -4.804  1.00 64.78  ? 632 MET A CB    1 
ATOM   907  C CG    . MET A 1 113 ? -6.590  0.999   -4.665  1.00 66.44  ? 632 MET A CG    1 
ATOM   908  S SD    . MET A 1 113 ? -8.343  1.040   -4.213  1.00 65.56  ? 632 MET A SD    1 
ATOM   909  C CE    . MET A 1 113 ? -8.302  2.082   -2.753  1.00 60.29  ? 632 MET A CE    1 
ATOM   910  N N     . TYR A 1 114 ? -3.865  2.480   -2.601  1.00 62.64  ? 633 TYR A N     1 
ATOM   911  C CA    . TYR A 1 114 ? -3.183  2.157   -1.359  1.00 62.96  ? 633 TYR A CA    1 
ATOM   912  C C     . TYR A 1 114 ? -4.124  2.250   -0.191  1.00 62.93  ? 633 TYR A C     1 
ATOM   913  O O     . TYR A 1 114 ? -5.001  3.119   -0.165  1.00 62.15  ? 633 TYR A O     1 
ATOM   914  C CB    . TYR A 1 114 ? -2.014  3.102   -1.115  1.00 61.76  ? 633 TYR A CB    1 
ATOM   915  C CG    . TYR A 1 114 ? -1.029  3.122   -2.243  1.00 62.83  ? 633 TYR A CG    1 
ATOM   916  C CD1   . TYR A 1 114 ? -1.284  3.856   -3.388  1.00 64.13  ? 633 TYR A CD1   1 
ATOM   917  C CD2   . TYR A 1 114 ? 0.170   2.434   -2.158  1.00 62.39  ? 633 TYR A CD2   1 
ATOM   918  C CE1   . TYR A 1 114 ? -0.376  3.902   -4.436  1.00 64.51  ? 633 TYR A CE1   1 
ATOM   919  C CE2   . TYR A 1 114 ? 1.076   2.454   -3.209  1.00 66.00  ? 633 TYR A CE2   1 
ATOM   920  C CZ    . TYR A 1 114 ? 0.788   3.188   -4.350  1.00 66.71  ? 633 TYR A CZ    1 
ATOM   921  O OH    . TYR A 1 114 ? 1.673   3.229   -5.404  1.00 72.37  ? 633 TYR A OH    1 
ATOM   922  N N     . PHE A 1 115 ? -3.899  1.381   0.792   1.00 61.78  ? 634 PHE A N     1 
ATOM   923  C CA    . PHE A 1 115 ? -4.649  1.383   2.040   1.00 60.30  ? 634 PHE A CA    1 
ATOM   924  C C     . PHE A 1 115 ? -3.639  1.598   3.121   1.00 62.44  ? 634 PHE A C     1 
ATOM   925  O O     . PHE A 1 115 ? -2.640  0.876   3.188   1.00 62.87  ? 634 PHE A O     1 
ATOM   926  C CB    . PHE A 1 115 ? -5.293  0.021   2.277   1.00 57.75  ? 634 PHE A CB    1 
ATOM   927  C CG    . PHE A 1 115 ? -6.304  -0.353  1.244   1.00 59.32  ? 634 PHE A CG    1 
ATOM   928  C CD1   . PHE A 1 115 ? -7.631  -0.032  1.429   1.00 57.26  ? 634 PHE A CD1   1 
ATOM   929  C CD2   . PHE A 1 115 ? -5.929  -1.030  0.092   1.00 57.79  ? 634 PHE A CD2   1 
ATOM   930  C CE1   . PHE A 1 115 ? -8.567  -0.349  0.480   1.00 57.62  ? 634 PHE A CE1   1 
ATOM   931  C CE2   . PHE A 1 115 ? -6.870  -1.380  -0.852  1.00 59.82  ? 634 PHE A CE2   1 
ATOM   932  C CZ    . PHE A 1 115 ? -8.196  -1.037  -0.661  1.00 57.36  ? 634 PHE A CZ    1 
ATOM   933  N N     . ILE A 1 116 ? -3.877  2.573   3.985   1.00 61.42  ? 635 ILE A N     1 
ATOM   934  C CA    . ILE A 1 116 ? -2.887  2.877   4.994   1.00 61.90  ? 635 ILE A CA    1 
ATOM   935  C C     . ILE A 1 116 ? -3.050  1.948   6.187   1.00 64.23  ? 635 ILE A C     1 
ATOM   936  O O     . ILE A 1 116 ? -4.086  1.991   6.862   1.00 61.57  ? 635 ILE A O     1 
ATOM   937  C CB    . ILE A 1 116 ? -3.014  4.315   5.469   1.00 61.60  ? 635 ILE A CB    1 
ATOM   938  C CG1   . ILE A 1 116 ? -3.063  5.254   4.256   1.00 61.61  ? 635 ILE A CG1   1 
ATOM   939  C CG2   . ILE A 1 116 ? -1.847  4.632   6.412   1.00 60.76  ? 635 ILE A CG2   1 
ATOM   940  C CD1   . ILE A 1 116 ? -3.163  6.726   4.590   1.00 62.16  ? 635 ILE A CD1   1 
ATOM   941  N N     . GLN A 1 117 ? -2.053  1.099   6.442   1.00 65.06  ? 636 GLN A N     1 
ATOM   942  C CA    . GLN A 1 117 ? -2.032  0.323   7.678   1.00 69.67  ? 636 GLN A CA    1 
ATOM   943  C C     . GLN A 1 117 ? -1.547  1.197   8.821   1.00 70.86  ? 636 GLN A C     1 
ATOM   944  O O     . GLN A 1 117 ? -2.248  1.379   9.803   1.00 73.08  ? 636 GLN A O     1 
ATOM   945  C CB    . GLN A 1 117 ? -1.176  -0.939  7.583   1.00 70.74  ? 636 GLN A CB    1 
ATOM   946  C CG    . GLN A 1 117 ? -1.299  -1.809  8.836   1.00 75.39  ? 636 GLN A CG    1 
ATOM   947  C CD    . GLN A 1 117 ? -0.131  -2.775  9.033   1.00 79.77  ? 636 GLN A CD    1 
ATOM   948  O OE1   . GLN A 1 117 ? -0.325  -3.978  9.279   1.00 82.27  ? 636 GLN A OE1   1 
ATOM   949  N NE2   . GLN A 1 117 ? 1.092   -2.249  8.946   1.00 80.40  ? 636 GLN A NE2   1 
ATOM   950  N N     . HIS A 1 118 ? -0.365  1.772   8.680   1.00 71.97  ? 637 HIS A N     1 
ATOM   951  C CA    . HIS A 1 118 ? 0.128   2.706   9.681   1.00 73.55  ? 637 HIS A CA    1 
ATOM   952  C C     . HIS A 1 118 ? 0.918   3.844   9.017   1.00 72.80  ? 637 HIS A C     1 
ATOM   953  O O     . HIS A 1 118 ? 1.737   3.609   8.128   1.00 72.04  ? 637 HIS A O     1 
ATOM   954  C CB    . HIS A 1 118 ? 0.952   1.959   10.744  1.00 75.88  ? 637 HIS A CB    1 
ATOM   955  C CG    . HIS A 1 118 ? 1.553   2.849   11.790  1.00 80.81  ? 637 HIS A CG    1 
ATOM   956  N ND1   . HIS A 1 118 ? 0.790   3.628   12.641  1.00 81.76  ? 637 HIS A ND1   1 
ATOM   957  C CD2   . HIS A 1 118 ? 2.845   3.056   12.147  1.00 81.35  ? 637 HIS A CD2   1 
ATOM   958  C CE1   . HIS A 1 118 ? 1.590   4.311   13.444  1.00 80.87  ? 637 HIS A CE1   1 
ATOM   959  N NE2   . HIS A 1 118 ? 2.840   3.977   13.168  1.00 81.94  ? 637 HIS A NE2   1 
ATOM   960  N N     . GLY A 1 119 ? 0.610   5.077   9.408   1.00 72.52  ? 638 GLY A N     1 
ATOM   961  C CA    . GLY A 1 119 ? 1.359   6.232   8.951   1.00 71.41  ? 638 GLY A CA    1 
ATOM   962  C C     . GLY A 1 119 ? 0.465   7.374   8.529   1.00 69.94  ? 638 GLY A C     1 
ATOM   963  O O     . GLY A 1 119 ? -0.755  7.258   8.516   1.00 69.42  ? 638 GLY A O     1 
ATOM   964  N N     . VAL A 1 120 ? 1.083   8.497   8.191   1.00 71.10  ? 639 VAL A N     1 
ATOM   965  C CA    . VAL A 1 120 ? 0.344   9.694   7.811   1.00 72.13  ? 639 VAL A CA    1 
ATOM   966  C C     . VAL A 1 120 ? 0.870   10.166  6.462   1.00 71.21  ? 639 VAL A C     1 
ATOM   967  O O     . VAL A 1 120 ? 2.080   10.163  6.230   1.00 67.69  ? 639 VAL A O     1 
ATOM   968  C CB    . VAL A 1 120 ? 0.528   10.820  8.864   1.00 72.55  ? 639 VAL A CB    1 
ATOM   969  C CG1   . VAL A 1 120 ? -0.285  12.041  8.486   1.00 72.26  ? 639 VAL A CG1   1 
ATOM   970  C CG2   . VAL A 1 120 ? 0.125   10.332  10.258  1.00 73.14  ? 639 VAL A CG2   1 
ATOM   971  N N     . VAL A 1 121 ? -0.038  10.567  5.581   1.00 72.72  ? 640 VAL A N     1 
ATOM   972  C CA    . VAL A 1 121 ? 0.339   11.047  4.255   1.00 75.50  ? 640 VAL A CA    1 
ATOM   973  C C     . VAL A 1 121 ? -0.361  12.354  3.911   1.00 78.54  ? 640 VAL A C     1 
ATOM   974  O O     . VAL A 1 121 ? -1.533  12.535  4.237   1.00 78.69  ? 640 VAL A O     1 
ATOM   975  C CB    . VAL A 1 121 ? -0.036  10.031  3.186   1.00 73.70  ? 640 VAL A CB    1 
ATOM   976  C CG1   . VAL A 1 121 ? 0.580   8.669   3.507   1.00 73.94  ? 640 VAL A CG1   1 
ATOM   977  C CG2   . VAL A 1 121 ? -1.550  9.924   3.076   1.00 72.62  ? 640 VAL A CG2   1 
ATOM   978  N N     . SER A 1 122 ? 0.347   13.238  3.213   1.00 81.52  ? 641 SER A N     1 
ATOM   979  C CA    . SER A 1 122 ? -0.211  14.525  2.783   1.00 83.60  ? 641 SER A CA    1 
ATOM   980  C C     . SER A 1 122 ? -0.739  14.433  1.368   1.00 84.72  ? 641 SER A C     1 
ATOM   981  O O     . SER A 1 122 ? -0.007  14.061  0.457   1.00 85.47  ? 641 SER A O     1 
ATOM   982  C CB    . SER A 1 122 ? 0.860   15.618  2.835   1.00 84.84  ? 641 SER A CB    1 
ATOM   983  O OG    . SER A 1 122 ? 1.300   15.864  4.161   1.00 85.50  ? 641 SER A OG    1 
ATOM   984  N N     . VAL A 1 123 ? -2.007  14.771  1.180   1.00 86.89  ? 642 VAL A N     1 
ATOM   985  C CA    . VAL A 1 123 ? -2.560  14.917  -0.164  1.00 89.67  ? 642 VAL A CA    1 
ATOM   986  C C     . VAL A 1 123 ? -2.433  16.375  -0.604  1.00 92.50  ? 642 VAL A C     1 
ATOM   987  O O     . VAL A 1 123 ? -3.343  17.184  -0.398  1.00 92.47  ? 642 VAL A O     1 
ATOM   988  C CB    . VAL A 1 123 ? -4.044  14.490  -0.221  1.00 88.93  ? 642 VAL A CB    1 
ATOM   989  C CG1   . VAL A 1 123 ? -4.503  14.316  -1.662  1.00 87.66  ? 642 VAL A CG1   1 
ATOM   990  C CG2   . VAL A 1 123 ? -4.263  13.215  0.573   1.00 88.75  ? 642 VAL A CG2   1 
ATOM   991  N N     . LEU A 1 124 ? -1.280  16.713  -1.169  1.00 94.64  ? 643 LEU A N     1 
ATOM   992  C CA    . LEU A 1 124 ? -1.049  18.037  -1.716  1.00 96.64  ? 643 LEU A CA    1 
ATOM   993  C C     . LEU A 1 124 ? -1.709  18.117  -3.077  1.00 98.87  ? 643 LEU A C     1 
ATOM   994  O O     . LEU A 1 124 ? -1.141  17.663  -4.066  1.00 99.63  ? 643 LEU A O     1 
ATOM   995  C CB    . LEU A 1 124 ? 0.448   18.269  -1.878  1.00 96.21  ? 643 LEU A CB    1 
ATOM   996  C CG    . LEU A 1 124 ? 1.332   17.620  -0.816  1.00 96.70  ? 643 LEU A CG    1 
ATOM   997  C CD1   . LEU A 1 124 ? 2.753   17.412  -1.333  1.00 96.92  ? 643 LEU A CD1   1 
ATOM   998  C CD2   . LEU A 1 124 ? 1.311   18.454  0.470   1.00 96.46  ? 643 LEU A CD2   1 
ATOM   999  N N     . THR A 1 125 ? -2.916  18.674  -3.127  1.00 101.02 ? 644 THR A N     1 
ATOM   1000 C CA    . THR A 1 125 ? -3.663  18.761  -4.379  1.00 103.11 ? 644 THR A CA    1 
ATOM   1001 C C     . THR A 1 125 ? -3.329  20.057  -5.104  1.00 105.06 ? 644 THR A C     1 
ATOM   1002 O O     . THR A 1 125 ? -4.211  20.887  -5.340  1.00 104.86 ? 644 THR A O     1 
ATOM   1003 C CB    . THR A 1 125 ? -5.158  18.667  -4.115  1.00 102.29 ? 644 THR A CB    1 
ATOM   1004 N N     . LYS A 1 126 ? -2.051  20.217  -5.460  1.00 107.00 ? 645 LYS A N     1 
ATOM   1005 C CA    . LYS A 1 126 ? -1.511  21.499  -5.929  1.00 108.66 ? 645 LYS A CA    1 
ATOM   1006 C C     . LYS A 1 126 ? -2.250  22.698  -5.303  1.00 110.14 ? 645 LYS A C     1 
ATOM   1007 O O     . LYS A 1 126 ? -2.716  22.626  -4.152  1.00 110.21 ? 645 LYS A O     1 
ATOM   1008 C CB    . LYS A 1 126 ? -1.518  21.568  -7.470  1.00 108.28 ? 645 LYS A CB    1 
ATOM   1009 N N     . GLY A 1 127 ? -2.349  23.791  -6.060  1.00 110.94 ? 646 GLY A N     1 
ATOM   1010 C CA    . GLY A 1 127 ? -3.039  24.997  -5.605  1.00 111.37 ? 646 GLY A CA    1 
ATOM   1011 C C     . GLY A 1 127 ? -3.064  25.174  -4.093  1.00 112.13 ? 646 GLY A C     1 
ATOM   1012 O O     . GLY A 1 127 ? -2.109  25.688  -3.494  1.00 111.71 ? 646 GLY A O     1 
ATOM   1013 N N     . ASN A 1 128 ? -4.164  24.736  -3.483  1.00 112.63 ? 647 ASN A N     1 
ATOM   1014 C CA    . ASN A 1 128 ? -4.418  24.955  -2.062  1.00 112.49 ? 647 ASN A CA    1 
ATOM   1015 C C     . ASN A 1 128 ? -5.300  23.831  -1.524  1.00 112.57 ? 647 ASN A C     1 
ATOM   1016 O O     . ASN A 1 128 ? -5.516  22.817  -2.207  1.00 112.15 ? 647 ASN A O     1 
ATOM   1017 C CB    . ASN A 1 128 ? -5.086  26.327  -1.838  1.00 112.05 ? 647 ASN A CB    1 
ATOM   1018 N N     . LYS A 1 129 ? -5.823  24.038  -0.311  1.00 112.00 ? 648 LYS A N     1 
ATOM   1019 C CA    . LYS A 1 129 ? -6.656  23.058  0.401   1.00 110.97 ? 648 LYS A CA    1 
ATOM   1020 C C     . LYS A 1 129 ? -6.042  21.650  0.425   1.00 110.24 ? 648 LYS A C     1 
ATOM   1021 O O     . LYS A 1 129 ? -6.668  20.679  -0.016  1.00 110.38 ? 648 LYS A O     1 
ATOM   1022 C CB    . LYS A 1 129 ? -8.104  23.042  -0.152  1.00 110.25 ? 648 LYS A CB    1 
ATOM   1023 N N     . GLU A 1 130 ? -4.816  21.548  0.947   1.00 108.84 ? 649 GLU A N     1 
ATOM   1024 C CA    . GLU A 1 130 ? -4.170  20.248  1.179   1.00 106.26 ? 649 GLU A CA    1 
ATOM   1025 C C     . GLU A 1 130 ? -4.865  19.452  2.308   1.00 103.35 ? 649 GLU A C     1 
ATOM   1026 O O     . GLU A 1 130 ? -5.760  19.967  2.982   1.00 102.90 ? 649 GLU A O     1 
ATOM   1027 C CB    . GLU A 1 130 ? -2.670  20.436  1.459   1.00 106.73 ? 649 GLU A CB    1 
ATOM   1028 C CG    . GLU A 1 130 ? -2.357  20.932  2.855   1.00 109.20 ? 649 GLU A CG    1 
ATOM   1029 C CD    . GLU A 1 130 ? -1.190  20.198  3.491   1.00 111.41 ? 649 GLU A CD    1 
ATOM   1030 O OE1   . GLU A 1 130 ? -0.916  20.436  4.685   1.00 113.18 ? 649 GLU A OE1   1 
ATOM   1031 O OE2   . GLU A 1 130 ? -0.540  19.382  2.806   1.00 111.87 ? 649 GLU A OE2   1 
ATOM   1032 N N     . THR A 1 131 ? -4.471  18.195  2.501   1.00 99.81  ? 650 THR A N     1 
ATOM   1033 C CA    . THR A 1 131 ? -5.205  17.295  3.396   1.00 96.88  ? 650 THR A CA    1 
ATOM   1034 C C     . THR A 1 131 ? -4.249  16.249  3.983   1.00 94.27  ? 650 THR A C     1 
ATOM   1035 O O     . THR A 1 131 ? -3.183  16.006  3.422   1.00 95.66  ? 650 THR A O     1 
ATOM   1036 C CB    . THR A 1 131 ? -6.362  16.582  2.635   1.00 97.13  ? 650 THR A CB    1 
ATOM   1037 O OG1   . THR A 1 131 ? -7.104  17.536  1.860   1.00 98.16  ? 650 THR A OG1   1 
ATOM   1038 C CG2   . THR A 1 131 ? -7.306  15.864  3.595   1.00 96.40  ? 650 THR A CG2   1 
ATOM   1039 N N     . LYS A 1 132 ? -4.622  15.638  5.105   1.00 90.00  ? 651 LYS A N     1 
ATOM   1040 C CA    . LYS A 1 132 ? -3.848  14.542  5.682   1.00 85.43  ? 651 LYS A CA    1 
ATOM   1041 C C     . LYS A 1 132 ? -4.712  13.281  5.865   1.00 82.53  ? 651 LYS A C     1 
ATOM   1042 O O     . LYS A 1 132 ? -5.813  13.351  6.397   1.00 81.28  ? 651 LYS A O     1 
ATOM   1043 C CB    . LYS A 1 132 ? -3.235  14.962  7.027   1.00 85.63  ? 651 LYS A CB    1 
ATOM   1044 C CG    . LYS A 1 132 ? -2.447  16.274  7.020   1.00 86.55  ? 651 LYS A CG    1 
ATOM   1045 C CD    . LYS A 1 132 ? -1.270  16.239  6.037   1.00 87.76  ? 651 LYS A CD    1 
ATOM   1046 C CE    . LYS A 1 132 ? -0.241  17.367  6.273   1.00 87.33  ? 651 LYS A CE    1 
ATOM   1047 N NZ    . LYS A 1 132 ? 0.931   16.889  7.085   1.00 86.34  ? 651 LYS A NZ    1 
ATOM   1048 N N     . LEU A 1 133 ? -4.216  12.130  5.410   1.00 79.32  ? 652 LEU A N     1 
ATOM   1049 C CA    . LEU A 1 133 ? -4.878  10.852  5.682   1.00 75.79  ? 652 LEU A CA    1 
ATOM   1050 C C     . LEU A 1 133 ? -4.017  9.965   6.589   1.00 74.12  ? 652 LEU A C     1 
ATOM   1051 O O     . LEU A 1 133 ? -2.795  10.019  6.517   1.00 75.12  ? 652 LEU A O     1 
ATOM   1052 C CB    . LEU A 1 133 ? -5.214  10.127  4.381   1.00 74.08  ? 652 LEU A CB    1 
ATOM   1053 C CG    . LEU A 1 133 ? -6.057  10.820  3.306   1.00 73.10  ? 652 LEU A CG    1 
ATOM   1054 C CD1   . LEU A 1 133 ? -6.069  9.976   2.069   1.00 71.53  ? 652 LEU A CD1   1 
ATOM   1055 C CD2   . LEU A 1 133 ? -7.482  11.049  3.765   1.00 73.80  ? 652 LEU A CD2   1 
ATOM   1056 N N     . ALA A 1 134 ? -4.657  9.186   7.464   1.00 72.90  ? 653 ALA A N     1 
ATOM   1057 C CA    . ALA A 1 134 ? -3.942  8.318   8.395   1.00 71.74  ? 653 ALA A CA    1 
ATOM   1058 C C     . ALA A 1 134 ? -4.490  6.886   8.460   1.00 70.99  ? 653 ALA A C     1 
ATOM   1059 O O     . ALA A 1 134 ? -5.368  6.517   7.688   1.00 68.37  ? 653 ALA A O     1 
ATOM   1060 C CB    . ALA A 1 134 ? -3.897  8.933   9.769   1.00 69.96  ? 653 ALA A CB    1 
ATOM   1061 N N     . ASP A 1 135 ? -3.929  6.092   9.378   1.00 71.70  ? 654 ASP A N     1 
ATOM   1062 C CA    . ASP A 1 135 ? -4.245  4.673   9.552   1.00 71.63  ? 654 ASP A CA    1 
ATOM   1063 C C     . ASP A 1 135 ? -5.711  4.421   9.296   1.00 71.33  ? 654 ASP A C     1 
ATOM   1064 O O     . ASP A 1 135 ? -6.568  5.078   9.877   1.00 71.24  ? 654 ASP A O     1 
ATOM   1065 C CB    . ASP A 1 135 ? -3.902  4.190   10.974  1.00 73.50  ? 654 ASP A CB    1 
ATOM   1066 C CG    . ASP A 1 135 ? -2.502  4.597   11.427  1.00 78.86  ? 654 ASP A CG    1 
ATOM   1067 O OD1   . ASP A 1 135 ? -2.099  5.765   11.226  1.00 82.29  ? 654 ASP A OD1   1 
ATOM   1068 O OD2   . ASP A 1 135 ? -1.810  3.755   12.044  1.00 82.54  ? 654 ASP A OD2   1 
ATOM   1069 N N     . GLY A 1 136 ? -5.997  3.468   8.419   1.00 70.89  ? 655 GLY A N     1 
ATOM   1070 C CA    . GLY A 1 136 ? -7.366  3.092   8.122   1.00 70.34  ? 655 GLY A CA    1 
ATOM   1071 C C     . GLY A 1 136 ? -7.923  3.766   6.888   1.00 70.25  ? 655 GLY A C     1 
ATOM   1072 O O     . GLY A 1 136 ? -8.951  3.347   6.365   1.00 70.64  ? 655 GLY A O     1 
ATOM   1073 N N     . SER A 1 137 ? -7.280  4.827   6.418   1.00 67.55  ? 656 SER A N     1 
ATOM   1074 C CA    . SER A 1 137 ? -7.736  5.439   5.181   1.00 66.95  ? 656 SER A CA    1 
ATOM   1075 C C     . SER A 1 137 ? -7.071  4.821   3.956   1.00 64.46  ? 656 SER A C     1 
ATOM   1076 O O     . SER A 1 137 ? -6.098  4.092   4.063   1.00 64.51  ? 656 SER A O     1 
ATOM   1077 C CB    . SER A 1 137 ? -7.515  6.948   5.202   1.00 66.53  ? 656 SER A CB    1 
ATOM   1078 O OG    . SER A 1 137 ? -8.486  7.567   6.010   1.00 68.94  ? 656 SER A OG    1 
ATOM   1079 N N     . TYR A 1 138 ? -7.625  5.108   2.787   1.00 65.57  ? 657 TYR A N     1 
ATOM   1080 C CA    . TYR A 1 138 ? -7.039  4.678   1.541   1.00 64.54  ? 657 TYR A CA    1 
ATOM   1081 C C     . TYR A 1 138 ? -7.068  5.818   0.537   1.00 64.45  ? 657 TYR A C     1 
ATOM   1082 O O     . TYR A 1 138 ? -7.730  6.830   0.771   1.00 59.64  ? 657 TYR A O     1 
ATOM   1083 C CB    . TYR A 1 138 ? -7.788  3.476   1.006   1.00 64.84  ? 657 TYR A CB    1 
ATOM   1084 C CG    . TYR A 1 138 ? -9.212  3.758   0.604   1.00 67.34  ? 657 TYR A CG    1 
ATOM   1085 C CD1   . TYR A 1 138 ? -9.508  4.450   -0.569  1.00 68.60  ? 657 TYR A CD1   1 
ATOM   1086 C CD2   . TYR A 1 138 ? -10.271 3.290   1.376   1.00 67.91  ? 657 TYR A CD2   1 
ATOM   1087 C CE1   . TYR A 1 138 ? -10.824 4.667   -0.965  1.00 68.37  ? 657 TYR A CE1   1 
ATOM   1088 C CE2   . TYR A 1 138 ? -11.590 3.499   0.993   1.00 68.37  ? 657 TYR A CE2   1 
ATOM   1089 C CZ    . TYR A 1 138 ? -11.859 4.189   -0.174  1.00 68.99  ? 657 TYR A CZ    1 
ATOM   1090 O OH    . TYR A 1 138 ? -13.176 4.397   -0.534  1.00 70.23  ? 657 TYR A OH    1 
ATOM   1091 N N     . PHE A 1 139 ? -6.317  5.654   -0.559  1.00 63.62  ? 658 PHE A N     1 
ATOM   1092 C CA    . PHE A 1 139 ? -6.246  6.645   -1.620  1.00 61.89  ? 658 PHE A CA    1 
ATOM   1093 C C     . PHE A 1 139 ? -5.721  6.047   -2.910  1.00 64.95  ? 658 PHE A C     1 
ATOM   1094 O O     . PHE A 1 139 ? -5.103  4.982   -2.917  1.00 63.70  ? 658 PHE A O     1 
ATOM   1095 C CB    . PHE A 1 139 ? -5.362  7.803   -1.200  1.00 61.84  ? 658 PHE A CB    1 
ATOM   1096 C CG    . PHE A 1 139 ? -3.983  7.394   -0.851  1.00 61.16  ? 658 PHE A CG    1 
ATOM   1097 C CD1   . PHE A 1 139 ? -3.011  7.254   -1.849  1.00 63.48  ? 658 PHE A CD1   1 
ATOM   1098 C CD2   . PHE A 1 139 ? -3.629  7.165   0.461   1.00 57.35  ? 658 PHE A CD2   1 
ATOM   1099 C CE1   . PHE A 1 139 ? -1.703  6.836   -1.537  1.00 60.25  ? 658 PHE A CE1   1 
ATOM   1100 C CE2   . PHE A 1 139 ? -2.328  6.758   0.787   1.00 57.94  ? 658 PHE A CE2   1 
ATOM   1101 C CZ    . PHE A 1 139 ? -1.371  6.569   -0.217  1.00 58.68  ? 658 PHE A CZ    1 
ATOM   1102 N N     . GLY A 1 140 ? -5.988  6.735   -4.014  1.00 64.57  ? 659 GLY A N     1 
ATOM   1103 C CA    . GLY A 1 140 ? -5.483  6.321   -5.310  1.00 63.91  ? 659 GLY A CA    1 
ATOM   1104 C C     . GLY A 1 140 ? -6.536  5.575   -6.073  1.00 64.76  ? 659 GLY A C     1 
ATOM   1105 O O     . GLY A 1 140 ? -6.257  4.985   -7.105  1.00 63.34  ? 659 GLY A O     1 
ATOM   1106 N N     . GLU A 1 141 ? -7.754  5.598   -5.554  1.00 66.29  ? 660 GLU A N     1 
ATOM   1107 C CA    . GLU A 1 141 ? -8.872  4.901   -6.174  1.00 68.71  ? 660 GLU A CA    1 
ATOM   1108 C C     . GLU A 1 141 ? -9.447  5.667   -7.358  1.00 68.35  ? 660 GLU A C     1 
ATOM   1109 O O     . GLU A 1 141 ? -9.989  5.068   -8.282  1.00 68.25  ? 660 GLU A O     1 
ATOM   1110 C CB    . GLU A 1 141 ? -9.985  4.623   -5.144  1.00 70.77  ? 660 GLU A CB    1 
ATOM   1111 C CG    . GLU A 1 141 ? -10.738 5.870   -4.630  1.00 72.60  ? 660 GLU A CG    1 
ATOM   1112 C CD    . GLU A 1 141 ? -9.880  6.783   -3.773  1.00 74.15  ? 660 GLU A CD    1 
ATOM   1113 O OE1   . GLU A 1 141 ? -8.846  6.318   -3.257  1.00 76.99  ? 660 GLU A OE1   1 
ATOM   1114 O OE2   . GLU A 1 141 ? -10.231 7.967   -3.608  1.00 78.00  ? 660 GLU A OE2   1 
ATOM   1115 N N     . ILE A 1 142 ? -9.351  6.989   -7.332  1.00 72.09  ? 661 ILE A N     1 
ATOM   1116 C CA    . ILE A 1 142 ? -9.934  7.799   -8.405  1.00 74.60  ? 661 ILE A CA    1 
ATOM   1117 C C     . ILE A 1 142 ? -9.483  7.341   -9.814  1.00 75.84  ? 661 ILE A C     1 
ATOM   1118 O O     . ILE A 1 142 ? -10.316 7.047   -10.675 1.00 77.05  ? 661 ILE A O     1 
ATOM   1119 C CB    . ILE A 1 142 ? -9.709  9.303   -8.152  1.00 76.42  ? 661 ILE A CB    1 
ATOM   1120 C CG1   . ILE A 1 142 ? -10.203 9.678   -6.744  1.00 77.90  ? 661 ILE A CG1   1 
ATOM   1121 C CG2   . ILE A 1 142 ? -10.436 10.132  -9.195  1.00 78.57  ? 661 ILE A CG2   1 
ATOM   1122 C CD1   . ILE A 1 142 ? -10.116 11.162  -6.407  1.00 76.99  ? 661 ILE A CD1   1 
ATOM   1123 N N     . CYS A 1 143 ? -8.182  7.157   -10.018 1.00 74.97  ? 662 CYS A N     1 
ATOM   1124 C CA    . CYS A 1 143 ? -7.700  6.661   -11.302 1.00 75.44  ? 662 CYS A CA    1 
ATOM   1125 C C     . CYS A 1 143 ? -8.125  5.247   -11.616 1.00 75.77  ? 662 CYS A C     1 
ATOM   1126 O O     . CYS A 1 143 ? -8.125  4.847   -12.778 1.00 75.57  ? 662 CYS A O     1 
ATOM   1127 C CB    . CYS A 1 143 ? -6.190  6.742   -11.383 1.00 76.28  ? 662 CYS A CB    1 
ATOM   1128 S SG    . CYS A 1 143 ? -5.669  8.410   -11.658 1.00 80.98  ? 662 CYS A SG    1 
ATOM   1129 N N     . LEU A 1 144 ? -8.429  4.460   -10.592 1.00 74.15  ? 663 LEU A N     1 
ATOM   1130 C CA    . LEU A 1 144 ? -8.850  3.086   -10.847 1.00 73.86  ? 663 LEU A CA    1 
ATOM   1131 C C     . LEU A 1 144 ? -10.263 3.071   -11.434 1.00 74.12  ? 663 LEU A C     1 
ATOM   1132 O O     . LEU A 1 144 ? -10.621 2.174   -12.199 1.00 71.37  ? 663 LEU A O     1 
ATOM   1133 C CB    . LEU A 1 144 ? -8.734  2.224   -9.580  1.00 72.12  ? 663 LEU A CB    1 
ATOM   1134 C CG    . LEU A 1 144 ? -7.435  1.409   -9.467  1.00 73.27  ? 663 LEU A CG    1 
ATOM   1135 C CD1   . LEU A 1 144 ? -6.203  2.290   -9.631  1.00 71.88  ? 663 LEU A CD1   1 
ATOM   1136 C CD2   . LEU A 1 144 ? -7.359  0.611   -8.172  1.00 70.40  ? 663 LEU A CD2   1 
ATOM   1137 N N     . LEU A 1 145 ? -11.025 4.117   -11.114 1.00 76.51  ? 664 LEU A N     1 
ATOM   1138 C CA    . LEU A 1 145 ? -12.387 4.296   -11.615 1.00 80.18  ? 664 LEU A CA    1 
ATOM   1139 C C     . LEU A 1 145 ? -12.413 5.079   -12.937 1.00 83.37  ? 664 LEU A C     1 
ATOM   1140 O O     . LEU A 1 145 ? -12.909 4.575   -13.943 1.00 83.38  ? 664 LEU A O     1 
ATOM   1141 C CB    . LEU A 1 145 ? -13.259 4.975   -10.544 1.00 78.76  ? 664 LEU A CB    1 
ATOM   1142 C CG    . LEU A 1 145 ? -13.370 4.228   -9.204  1.00 77.71  ? 664 LEU A CG    1 
ATOM   1143 C CD1   . LEU A 1 145 ? -13.572 5.174   -8.038  1.00 75.79  ? 664 LEU A CD1   1 
ATOM   1144 C CD2   . LEU A 1 145 ? -14.451 3.162   -9.236  1.00 73.58  ? 664 LEU A CD2   1 
ATOM   1145 N N     . THR A 1 146 ? -11.834 6.285   -12.937 1.00 87.59  ? 665 THR A N     1 
ATOM   1146 C CA    . THR A 1 146 ? -11.809 7.159   -14.127 1.00 89.30  ? 665 THR A CA    1 
ATOM   1147 C C     . THR A 1 146 ? -10.920 6.610   -15.239 1.00 90.79  ? 665 THR A C     1 
ATOM   1148 O O     . THR A 1 146 ? -11.246 6.742   -16.425 1.00 92.14  ? 665 THR A O     1 
ATOM   1149 C CB    . THR A 1 146 ? -11.325 8.598   -13.805 1.00 90.11  ? 665 THR A CB    1 
ATOM   1150 O OG1   . THR A 1 146 ? -9.892  8.657   -13.830 1.00 90.76  ? 665 THR A OG1   1 
ATOM   1151 C CG2   . THR A 1 146 ? -11.820 9.052   -12.450 1.00 91.40  ? 665 THR A CG2   1 
ATOM   1152 N N     . ARG A 1 147 ? -9.795  6.008   -14.847 1.00 91.63  ? 666 ARG A N     1 
ATOM   1153 C CA    . ARG A 1 147 ? -8.758  5.578   -15.788 1.00 90.91  ? 666 ARG A CA    1 
ATOM   1154 C C     . ARG A 1 147 ? -8.054  6.795   -16.377 1.00 90.29  ? 666 ARG A C     1 
ATOM   1155 O O     . ARG A 1 147 ? -7.545  6.746   -17.494 1.00 90.72  ? 666 ARG A O     1 
ATOM   1156 C CB    . ARG A 1 147 ? -9.357  4.721   -16.902 1.00 92.54  ? 666 ARG A CB    1 
ATOM   1157 C CG    . ARG A 1 147 ? -10.321 3.660   -16.410 1.00 94.79  ? 666 ARG A CG    1 
ATOM   1158 C CD    . ARG A 1 147 ? -9.586  2.387   -16.095 1.00 97.45  ? 666 ARG A CD    1 
ATOM   1159 N NE    . ARG A 1 147 ? -8.828  1.925   -17.255 1.00 98.97  ? 666 ARG A NE    1 
ATOM   1160 C CZ    . ARG A 1 147 ? -8.737  0.650   -17.625 1.00 100.24 ? 666 ARG A CZ    1 
ATOM   1161 N NH1   . ARG A 1 147 ? -9.372  -0.296  -16.934 1.00 99.85  ? 666 ARG A NH1   1 
ATOM   1162 N NH2   . ARG A 1 147 ? -8.026  0.324   -18.696 1.00 99.19  ? 666 ARG A NH2   1 
ATOM   1163 N N     . GLY A 1 148 ? -8.051  7.889   -15.619 1.00 89.09  ? 667 GLY A N     1 
ATOM   1164 C CA    . GLY A 1 148 ? -7.409  9.123   -16.036 1.00 86.48  ? 667 GLY A CA    1 
ATOM   1165 C C     . GLY A 1 148 ? -6.085  9.316   -15.326 1.00 84.84  ? 667 GLY A C     1 
ATOM   1166 O O     . GLY A 1 148 ? -5.261  8.396   -15.273 1.00 84.36  ? 667 GLY A O     1 
ATOM   1167 N N     . ARG A 1 149 ? -5.897  10.505  -14.756 1.00 82.56  ? 668 ARG A N     1 
ATOM   1168 C CA    . ARG A 1 149 ? -4.632  10.887  -14.144 1.00 81.07  ? 668 ARG A CA    1 
ATOM   1169 C C     . ARG A 1 149 ? -4.812  11.278  -12.690 1.00 81.49  ? 668 ARG A C     1 
ATOM   1170 O O     . ARG A 1 149 ? -5.893  11.702  -12.264 1.00 80.71  ? 668 ARG A O     1 
ATOM   1171 C CB    . ARG A 1 149 ? -3.973  12.045  -14.909 1.00 81.42  ? 668 ARG A CB    1 
ATOM   1172 C CG    . ARG A 1 149 ? -3.484  11.679  -16.298 1.00 82.39  ? 668 ARG A CG    1 
ATOM   1173 C CD    . ARG A 1 149 ? -3.101  12.915  -17.074 1.00 83.31  ? 668 ARG A CD    1 
ATOM   1174 N NE    . ARG A 1 149 ? -2.745  12.568  -18.447 1.00 82.98  ? 668 ARG A NE    1 
ATOM   1175 C CZ    . ARG A 1 149 ? -1.517  12.261  -18.851 1.00 82.94  ? 668 ARG A CZ    1 
ATOM   1176 N NH1   . ARG A 1 149 ? -0.500  12.260  -17.994 1.00 81.95  ? 668 ARG A NH1   1 
ATOM   1177 N NH2   . ARG A 1 149 ? -1.301  11.957  -20.122 1.00 83.17  ? 668 ARG A NH2   1 
ATOM   1178 N N     . ARG A 1 150 ? -3.727  11.149  -11.935 1.00 81.70  ? 669 ARG A N     1 
ATOM   1179 C CA    . ARG A 1 150 ? -3.736  11.479  -10.530 1.00 82.49  ? 669 ARG A CA    1 
ATOM   1180 C C     . ARG A 1 150 ? -4.205  12.912  -10.328 1.00 83.00  ? 669 ARG A C     1 
ATOM   1181 O O     . ARG A 1 150 ? -3.667  13.844  -10.931 1.00 84.12  ? 669 ARG A O     1 
ATOM   1182 C CB    . ARG A 1 150 ? -2.346  11.267  -9.927  1.00 81.39  ? 669 ARG A CB    1 
ATOM   1183 C CG    . ARG A 1 150 ? -1.793  9.860   -10.125 1.00 78.37  ? 669 ARG A CG    1 
ATOM   1184 C CD    . ARG A 1 150 ? -2.620  8.838   -9.365  1.00 75.73  ? 669 ARG A CD    1 
ATOM   1185 N NE    . ARG A 1 150 ? -1.912  7.582   -9.134  1.00 74.46  ? 669 ARG A NE    1 
ATOM   1186 C CZ    . ARG A 1 150 ? -2.482  6.485   -8.638  1.00 74.47  ? 669 ARG A CZ    1 
ATOM   1187 N NH1   . ARG A 1 150 ? -3.771  6.479   -8.320  1.00 72.62  ? 669 ARG A NH1   1 
ATOM   1188 N NH2   . ARG A 1 150 ? -1.768  5.385   -8.466  1.00 72.88  ? 669 ARG A NH2   1 
ATOM   1189 N N     . THR A 1 151 ? -5.222  13.068  -9.484  1.00 82.94  ? 670 THR A N     1 
ATOM   1190 C CA    . THR A 1 151 ? -5.795  14.368  -9.153  1.00 79.76  ? 670 THR A CA    1 
ATOM   1191 C C     . THR A 1 151 ? -4.945  15.135  -8.152  1.00 79.84  ? 670 THR A C     1 
ATOM   1192 O O     . THR A 1 151 ? -5.114  16.338  -7.987  1.00 80.46  ? 670 THR A O     1 
ATOM   1193 C CB    . THR A 1 151 ? -7.185  14.199  -8.527  1.00 80.31  ? 670 THR A CB    1 
ATOM   1194 O OG1   . THR A 1 151 ? -7.082  13.400  -7.336  1.00 80.28  ? 670 THR A OG1   1 
ATOM   1195 C CG2   . THR A 1 151 ? -8.130  13.520  -9.507  1.00 78.10  ? 670 THR A CG2   1 
ATOM   1196 N N     . ALA A 1 152 ? -4.086  14.435  -7.423  1.00 79.10  ? 671 ALA A N     1 
ATOM   1197 C CA    . ALA A 1 152 ? -3.211  15.106  -6.467  1.00 79.17  ? 671 ALA A CA    1 
ATOM   1198 C C     . ALA A 1 152 ? -1.935  14.335  -6.286  1.00 78.54  ? 671 ALA A C     1 
ATOM   1199 O O     . ALA A 1 152 ? -1.725  13.298  -6.914  1.00 79.74  ? 671 ALA A O     1 
ATOM   1200 C CB    . ALA A 1 152 ? -3.896  15.281  -5.124  1.00 78.48  ? 671 ALA A CB    1 
ATOM   1201 N N     . SER A 1 153 ? -1.083  14.850  -5.412  1.00 77.45  ? 672 SER A N     1 
ATOM   1202 C CA    . SER A 1 153 ? 0.125   14.143  -5.038  1.00 76.93  ? 672 SER A CA    1 
ATOM   1203 C C     . SER A 1 153 ? -0.020  13.672  -3.598  1.00 76.63  ? 672 SER A C     1 
ATOM   1204 O O     . SER A 1 153 ? -0.784  14.268  -2.819  1.00 77.00  ? 672 SER A O     1 
ATOM   1205 C CB    . SER A 1 153 ? 1.346   15.050  -5.192  1.00 74.94  ? 672 SER A CB    1 
ATOM   1206 O OG    . SER A 1 153 ? 1.668   15.212  -6.565  1.00 78.00  ? 672 SER A OG    1 
ATOM   1207 N N     . VAL A 1 154 ? 0.692   12.596  -3.256  1.00 74.45  ? 673 VAL A N     1 
ATOM   1208 C CA    . VAL A 1 154 ? 0.628   12.037  -1.912  1.00 72.31  ? 673 VAL A CA    1 
ATOM   1209 C C     . VAL A 1 154 ? 2.032   11.747  -1.395  1.00 72.34  ? 673 VAL A C     1 
ATOM   1210 O O     . VAL A 1 154 ? 2.764   10.974  -2.008  1.00 72.39  ? 673 VAL A O     1 
ATOM   1211 C CB    . VAL A 1 154 ? -0.227  10.759  -1.883  1.00 70.52  ? 673 VAL A CB    1 
ATOM   1212 C CG1   . VAL A 1 154 ? -0.713  10.487  -0.490  1.00 69.11  ? 673 VAL A CG1   1 
ATOM   1213 C CG2   . VAL A 1 154 ? -1.421  10.896  -2.808  1.00 69.17  ? 673 VAL A CG2   1 
ATOM   1214 N N     . ARG A 1 155 ? 2.393   12.357  -0.271  1.00 72.53  ? 674 ARG A N     1 
ATOM   1215 C CA    . ARG A 1 155 ? 3.751   12.292  0.244   1.00 76.05  ? 674 ARG A CA    1 
ATOM   1216 C C     . ARG A 1 155 ? 3.775   11.719  1.660   1.00 77.52  ? 674 ARG A C     1 
ATOM   1217 O O     . ARG A 1 155 ? 2.998   12.116  2.532   1.00 79.14  ? 674 ARG A O     1 
ATOM   1218 C CB    . ARG A 1 155 ? 4.371   13.694  0.221   1.00 76.98  ? 674 ARG A CB    1 
ATOM   1219 C CG    . ARG A 1 155 ? 5.873   13.776  0.537   1.00 81.59  ? 674 ARG A CG    1 
ATOM   1220 C CD    . ARG A 1 155 ? 6.170   14.431  1.914   1.00 85.99  ? 674 ARG A CD    1 
ATOM   1221 N NE    . ARG A 1 155 ? 5.363   15.630  2.155   1.00 88.42  ? 674 ARG A NE    1 
ATOM   1222 C CZ    . ARG A 1 155 ? 5.656   16.847  1.692   1.00 91.01  ? 674 ARG A CZ    1 
ATOM   1223 N NH1   . ARG A 1 155 ? 6.761   17.054  0.973   1.00 90.80  ? 674 ARG A NH1   1 
ATOM   1224 N NH2   . ARG A 1 155 ? 4.835   17.860  1.948   1.00 90.88  ? 674 ARG A NH2   1 
ATOM   1225 N N     . ALA A 1 156 ? 4.681   10.790  1.902   1.00 77.88  ? 675 ALA A N     1 
ATOM   1226 C CA    . ALA A 1 156 ? 4.804   10.229  3.232   1.00 78.91  ? 675 ALA A CA    1 
ATOM   1227 C C     . ALA A 1 156 ? 5.349   11.286  4.191   1.00 80.24  ? 675 ALA A C     1 
ATOM   1228 O O     . ALA A 1 156 ? 6.461   11.785  4.013   1.00 80.46  ? 675 ALA A O     1 
ATOM   1229 C CB    . ALA A 1 156 ? 5.697   9.006   3.203   1.00 76.60  ? 675 ALA A CB    1 
ATOM   1230 N N     . ASP A 1 157 ? 4.559   11.639  5.201   1.00 81.78  ? 676 ASP A N     1 
ATOM   1231 C CA    . ASP A 1 157 ? 5.026   12.532  6.263   1.00 81.16  ? 676 ASP A CA    1 
ATOM   1232 C C     . ASP A 1 157 ? 5.886   11.779  7.250   1.00 80.50  ? 676 ASP A C     1 
ATOM   1233 O O     . ASP A 1 157 ? 6.712   12.373  7.951   1.00 81.30  ? 676 ASP A O     1 
ATOM   1234 C CB    . ASP A 1 157 ? 3.851   13.137  7.014   1.00 83.26  ? 676 ASP A CB    1 
ATOM   1235 C CG    . ASP A 1 157 ? 2.869   13.817  6.099   1.00 86.69  ? 676 ASP A CG    1 
ATOM   1236 O OD1   . ASP A 1 157 ? 3.296   14.383  5.064   1.00 88.35  ? 676 ASP A OD1   1 
ATOM   1237 O OD2   . ASP A 1 157 ? 1.658   13.776  6.412   1.00 89.77  ? 676 ASP A OD2   1 
ATOM   1238 N N     . THR A 1 158 ? 5.653   10.470  7.325   1.00 78.99  ? 677 THR A N     1 
ATOM   1239 C CA    . THR A 1 158 ? 6.392   9.593   8.209   1.00 77.32  ? 677 THR A CA    1 
ATOM   1240 C C     . THR A 1 158 ? 6.620   8.256   7.529   1.00 76.10  ? 677 THR A C     1 
ATOM   1241 O O     . THR A 1 158 ? 6.217   8.069   6.382   1.00 73.60  ? 677 THR A O     1 
ATOM   1242 C CB    . THR A 1 158 ? 5.637   9.359   9.525   1.00 78.71  ? 677 THR A CB    1 
ATOM   1243 O OG1   . THR A 1 158 ? 6.454   8.557   10.392  1.00 83.53  ? 677 THR A OG1   1 
ATOM   1244 C CG2   . THR A 1 158 ? 4.297   8.648   9.275   1.00 75.81  ? 677 THR A CG2   1 
ATOM   1245 N N     . TYR A 1 159 ? 7.260   7.326   8.233   1.00 75.81  ? 678 TYR A N     1 
ATOM   1246 C CA    . TYR A 1 159 ? 7.336   5.955   7.754   1.00 77.08  ? 678 TYR A CA    1 
ATOM   1247 C C     . TYR A 1 159 ? 5.927   5.438   7.607   1.00 76.29  ? 678 TYR A C     1 
ATOM   1248 O O     . TYR A 1 159 ? 5.130   5.518   8.545   1.00 78.01  ? 678 TYR A O     1 
ATOM   1249 C CB    . TYR A 1 159 ? 8.145   5.059   8.697   1.00 78.44  ? 678 TYR A CB    1 
ATOM   1250 C CG    . TYR A 1 159 ? 9.609   5.167   8.423   1.00 79.77  ? 678 TYR A CG    1 
ATOM   1251 C CD1   . TYR A 1 159 ? 10.350  6.211   8.964   1.00 80.42  ? 678 TYR A CD1   1 
ATOM   1252 C CD2   . TYR A 1 159 ? 10.230  4.310   7.525   1.00 80.81  ? 678 TYR A CD2   1 
ATOM   1253 C CE1   . TYR A 1 159 ? 11.688  6.364   8.669   1.00 82.20  ? 678 TYR A CE1   1 
ATOM   1254 C CE2   . TYR A 1 159 ? 11.569  4.447   7.223   1.00 83.60  ? 678 TYR A CE2   1 
ATOM   1255 C CZ    . TYR A 1 159 ? 12.295  5.485   7.795   1.00 84.41  ? 678 TYR A CZ    1 
ATOM   1256 O OH    . TYR A 1 159 ? 13.633  5.645   7.500   1.00 86.22  ? 678 TYR A OH    1 
ATOM   1257 N N     . CYS A 1 160 ? 5.600   4.992   6.400   1.00 74.85  ? 679 CYS A N     1 
ATOM   1258 C CA    . CYS A 1 160 ? 4.272   4.477   6.123   1.00 73.40  ? 679 CYS A CA    1 
ATOM   1259 C C     . CYS A 1 160 ? 4.359   2.996   5.870   1.00 71.91  ? 679 CYS A C     1 
ATOM   1260 O O     . CYS A 1 160 ? 5.316   2.500   5.280   1.00 72.24  ? 679 CYS A O     1 
ATOM   1261 C CB    . CYS A 1 160 ? 3.635   5.178   4.919   1.00 72.71  ? 679 CYS A CB    1 
ATOM   1262 S SG    . CYS A 1 160 ? 3.095   6.870   5.249   1.00 75.97  ? 679 CYS A SG    1 
ATOM   1263 N N     . ARG A 1 161 ? 3.365   2.288   6.370   1.00 71.07  ? 680 ARG A N     1 
ATOM   1264 C CA    . ARG A 1 161 ? 3.123   0.920   5.957   1.00 69.77  ? 680 ARG A CA    1 
ATOM   1265 C C     . ARG A 1 161 ? 1.830   0.919   5.163   1.00 67.08  ? 680 ARG A C     1 
ATOM   1266 O O     . ARG A 1 161 ? 0.776   1.297   5.687   1.00 65.60  ? 680 ARG A O     1 
ATOM   1267 C CB    . ARG A 1 161 ? 3.018   0.009   7.187   1.00 72.23  ? 680 ARG A CB    1 
ATOM   1268 C CG    . ARG A 1 161 ? 4.293   -0.799  7.495   1.00 77.54  ? 680 ARG A CG    1 
ATOM   1269 C CD    . ARG A 1 161 ? 5.219   -0.172  8.534   1.00 82.08  ? 680 ARG A CD    1 
ATOM   1270 N NE    . ARG A 1 161 ? 4.525   0.221   9.762   1.00 88.27  ? 680 ARG A NE    1 
ATOM   1271 C CZ    . ARG A 1 161 ? 3.796   -0.594  10.525  1.00 89.44  ? 680 ARG A CZ    1 
ATOM   1272 N NH1   . ARG A 1 161 ? 3.641   -1.870  10.182  1.00 90.98  ? 680 ARG A NH1   1 
ATOM   1273 N NH2   . ARG A 1 161 ? 3.195   -0.119  11.617  1.00 90.69  ? 680 ARG A NH2   1 
ATOM   1274 N N     . LEU A 1 162 ? 1.922   0.565   3.884   1.00 64.47  ? 681 LEU A N     1 
ATOM   1275 C CA    . LEU A 1 162 ? 0.750   0.542   3.021   1.00 61.23  ? 681 LEU A CA    1 
ATOM   1276 C C     . LEU A 1 162 ? 0.535   -0.835  2.434   1.00 61.14  ? 681 LEU A C     1 
ATOM   1277 O O     . LEU A 1 162 ? 1.446   -1.667  2.450   1.00 62.03  ? 681 LEU A O     1 
ATOM   1278 C CB    . LEU A 1 162 ? 0.914   1.525   1.874   1.00 57.30  ? 681 LEU A CB    1 
ATOM   1279 C CG    . LEU A 1 162 ? 1.501   2.885   2.196   1.00 58.16  ? 681 LEU A CG    1 
ATOM   1280 C CD1   . LEU A 1 162 ? 1.562   3.725   0.935   1.00 58.86  ? 681 LEU A CD1   1 
ATOM   1281 C CD2   . LEU A 1 162 ? 0.706   3.591   3.265   1.00 59.18  ? 681 LEU A CD2   1 
ATOM   1282 N N     . TYR A 1 163 ? -0.642  -1.021  1.843   1.00 58.51  ? 682 TYR A N     1 
ATOM   1283 C CA    . TYR A 1 163 ? -0.978  -2.181  1.058   1.00 57.20  ? 682 TYR A CA    1 
ATOM   1284 C C     . TYR A 1 163 ? -1.529  -1.667  -0.237  1.00 56.82  ? 682 TYR A C     1 
ATOM   1285 O O     . TYR A 1 163 ? -2.489  -0.908  -0.249  1.00 55.83  ? 682 TYR A O     1 
ATOM   1286 C CB    . TYR A 1 163 ? -2.070  -2.967  1.744   1.00 61.74  ? 682 TYR A CB    1 
ATOM   1287 C CG    . TYR A 1 163 ? -1.541  -3.814  2.841   1.00 64.51  ? 682 TYR A CG    1 
ATOM   1288 C CD1   . TYR A 1 163 ? -0.963  -5.035  2.556   1.00 66.17  ? 682 TYR A CD1   1 
ATOM   1289 C CD2   . TYR A 1 163 ? -1.571  -3.377  4.169   1.00 66.60  ? 682 TYR A CD2   1 
ATOM   1290 C CE1   . TYR A 1 163 ? -0.449  -5.835  3.575   1.00 70.84  ? 682 TYR A CE1   1 
ATOM   1291 C CE2   . TYR A 1 163 ? -1.025  -4.144  5.194   1.00 68.58  ? 682 TYR A CE2   1 
ATOM   1292 C CZ    . TYR A 1 163 ? -0.471  -5.380  4.892   1.00 69.19  ? 682 TYR A CZ    1 
ATOM   1293 O OH    . TYR A 1 163 ? 0.059   -6.194  5.882   1.00 71.92  ? 682 TYR A OH    1 
ATOM   1294 N N     . SER A 1 164 ? -0.909  -2.046  -1.340  1.00 56.55  ? 683 SER A N     1 
ATOM   1295 C CA    . SER A 1 164 ? -1.343  -1.489  -2.596  1.00 57.73  ? 683 SER A CA    1 
ATOM   1296 C C     . SER A 1 164 ? -2.240  -2.503  -3.238  1.00 56.51  ? 683 SER A C     1 
ATOM   1297 O O     . SER A 1 164 ? -2.180  -3.688  -2.891  1.00 54.77  ? 683 SER A O     1 
ATOM   1298 C CB    . SER A 1 164 ? -0.149  -1.176  -3.485  1.00 58.82  ? 683 SER A CB    1 
ATOM   1299 O OG    . SER A 1 164 ? 0.536   -2.367  -3.789  1.00 62.04  ? 683 SER A OG    1 
ATOM   1300 N N     . LEU A 1 165 ? -3.110  -2.030  -4.128  1.00 55.16  ? 684 LEU A N     1 
ATOM   1301 C CA    . LEU A 1 165 ? -3.966  -2.908  -4.905  1.00 57.95  ? 684 LEU A CA    1 
ATOM   1302 C C     . LEU A 1 165 ? -3.933  -2.435  -6.363  1.00 59.26  ? 684 LEU A C     1 
ATOM   1303 O O     . LEU A 1 165 ? -4.176  -1.262  -6.633  1.00 58.05  ? 684 LEU A O     1 
ATOM   1304 C CB    . LEU A 1 165 ? -5.392  -2.873  -4.336  1.00 56.50  ? 684 LEU A CB    1 
ATOM   1305 C CG    . LEU A 1 165 ? -6.513  -3.686  -5.000  1.00 56.88  ? 684 LEU A CG    1 
ATOM   1306 C CD1   . LEU A 1 165 ? -6.287  -5.141  -4.764  1.00 56.79  ? 684 LEU A CD1   1 
ATOM   1307 C CD2   . LEU A 1 165 ? -7.912  -3.308  -4.488  1.00 57.28  ? 684 LEU A CD2   1 
ATOM   1308 N N     . SER A 1 166 ? -3.591  -3.327  -7.291  1.00 61.20  ? 685 SER A N     1 
ATOM   1309 C CA    . SER A 1 166 ? -3.465  -2.966  -8.718  1.00 63.50  ? 685 SER A CA    1 
ATOM   1310 C C     . SER A 1 166 ? -4.848  -2.838  -9.374  1.00 65.06  ? 685 SER A C     1 
ATOM   1311 O O     . SER A 1 166 ? -5.815  -3.431  -8.894  1.00 65.13  ? 685 SER A O     1 
ATOM   1312 C CB    . SER A 1 166 ? -2.656  -4.032  -9.465  1.00 62.24  ? 685 SER A CB    1 
ATOM   1313 O OG    . SER A 1 166 ? -3.460  -5.184  -9.677  1.00 62.29  ? 685 SER A OG    1 
ATOM   1314 N N     . VAL A 1 167 ? -4.933  -2.111  -10.493 1.00 65.80  ? 686 VAL A N     1 
ATOM   1315 C CA    . VAL A 1 167 ? -6.218  -1.885  -11.176 1.00 66.22  ? 686 VAL A CA    1 
ATOM   1316 C C     . VAL A 1 167 ? -6.853  -3.199  -11.637 1.00 67.85  ? 686 VAL A C     1 
ATOM   1317 O O     . VAL A 1 167 ? -8.081  -3.392  -11.594 1.00 69.12  ? 686 VAL A O     1 
ATOM   1318 C CB    . VAL A 1 167 ? -6.084  -0.860  -12.356 1.00 67.42  ? 686 VAL A CB    1 
ATOM   1319 C CG1   . VAL A 1 167 ? -5.218  -1.421  -13.501 1.00 65.37  ? 686 VAL A CG1   1 
ATOM   1320 C CG2   . VAL A 1 167 ? -7.460  -0.441  -12.864 1.00 62.66  ? 686 VAL A CG2   1 
ATOM   1321 N N     . ASP A 1 168 ? -5.991  -4.136  -12.008 1.00 69.08  ? 687 ASP A N     1 
ATOM   1322 C CA    . ASP A 1 168 ? -6.414  -5.469  -12.411 1.00 67.33  ? 687 ASP A CA    1 
ATOM   1323 C C     . ASP A 1 168 ? -7.140  -6.178  -11.268 1.00 65.77  ? 687 ASP A C     1 
ATOM   1324 O O     . ASP A 1 168 ? -8.272  -6.619  -11.402 1.00 63.64  ? 687 ASP A O     1 
ATOM   1325 C CB    . ASP A 1 168 ? -5.187  -6.250  -12.834 1.00 70.49  ? 687 ASP A CB    1 
ATOM   1326 C CG    . ASP A 1 168 ? -4.222  -5.399  -13.683 1.00 76.46  ? 687 ASP A CG    1 
ATOM   1327 O OD1   . ASP A 1 168 ? -3.535  -4.454  -13.144 1.00 72.80  ? 687 ASP A OD1   1 
ATOM   1328 O OD2   . ASP A 1 168 ? -4.175  -5.690  -14.908 1.00 77.56  ? 687 ASP A OD2   1 
ATOM   1329 N N     . ASN A 1 169 ? -6.497  -6.258  -10.120 1.00 65.45  ? 688 ASN A N     1 
ATOM   1330 C CA    . ASN A 1 169 ? -7.119  -6.877  -8.973  1.00 61.48  ? 688 ASN A CA    1 
ATOM   1331 C C     . ASN A 1 169 ? -8.322  -6.094  -8.455  1.00 59.88  ? 688 ASN A C     1 
ATOM   1332 O O     . ASN A 1 169 ? -9.314  -6.689  -8.021  1.00 56.65  ? 688 ASN A O     1 
ATOM   1333 C CB    . ASN A 1 169 ? -6.072  -7.110  -7.894  1.00 62.59  ? 688 ASN A CB    1 
ATOM   1334 C CG    . ASN A 1 169 ? -5.066  -8.159  -8.309  1.00 63.84  ? 688 ASN A CG    1 
ATOM   1335 O OD1   . ASN A 1 169 ? -5.441  -9.198  -8.857  1.00 62.79  ? 688 ASN A OD1   1 
ATOM   1336 N ND2   . ASN A 1 169 ? -3.788  -7.869  -8.121  1.00 64.40  ? 688 ASN A ND2   1 
ATOM   1337 N N     . PHE A 1 170 ? -8.263  -4.770  -8.546  1.00 60.37  ? 689 PHE A N     1 
ATOM   1338 C CA    . PHE A 1 170 ? -9.418  -3.953  -8.203  1.00 58.71  ? 689 PHE A CA    1 
ATOM   1339 C C     . PHE A 1 170 ? -10.647 -4.348  -9.026  1.00 60.54  ? 689 PHE A C     1 
ATOM   1340 O O     . PHE A 1 170 ? -11.724 -4.618  -8.477  1.00 61.26  ? 689 PHE A O     1 
ATOM   1341 C CB    . PHE A 1 170 ? -9.075  -2.494  -8.418  1.00 58.74  ? 689 PHE A CB    1 
ATOM   1342 C CG    . PHE A 1 170 ? -10.153 -1.537  -8.015  1.00 57.12  ? 689 PHE A CG    1 
ATOM   1343 C CD1   . PHE A 1 170 ? -10.341 -1.202  -6.689  1.00 56.27  ? 689 PHE A CD1   1 
ATOM   1344 C CD2   . PHE A 1 170 ? -10.902 -0.878  -8.987  1.00 60.14  ? 689 PHE A CD2   1 
ATOM   1345 C CE1   . PHE A 1 170 ? -11.314 -0.280  -6.326  1.00 56.16  ? 689 PHE A CE1   1 
ATOM   1346 C CE2   . PHE A 1 170 ? -11.864 0.066   -8.652  1.00 56.79  ? 689 PHE A CE2   1 
ATOM   1347 C CZ    . PHE A 1 170 ? -12.073 0.365   -7.311  1.00 58.29  ? 689 PHE A CZ    1 
ATOM   1348 N N     . ASN A 1 171 ? -10.506 -4.398  -10.343 1.00 62.10  ? 690 ASN A N     1 
ATOM   1349 C CA    . ASN A 1 171 ? -11.670 -4.663  -11.186 1.00 61.74  ? 690 ASN A CA    1 
ATOM   1350 C C     . ASN A 1 171 ? -12.139 -6.102  -11.066 1.00 62.09  ? 690 ASN A C     1 
ATOM   1351 O O     . ASN A 1 171 ? -13.302 -6.411  -11.342 1.00 59.54  ? 690 ASN A O     1 
ATOM   1352 C CB    . ASN A 1 171 ? -11.341 -4.332  -12.633 1.00 63.76  ? 690 ASN A CB    1 
ATOM   1353 C CG    . ASN A 1 171 ? -11.338 -2.842  -12.888 1.00 65.27  ? 690 ASN A CG    1 
ATOM   1354 O OD1   . ASN A 1 171 ? -12.276 -2.131  -12.498 1.00 66.04  ? 690 ASN A OD1   1 
ATOM   1355 N ND2   . ASN A 1 171 ? -10.270 -2.347  -13.497 1.00 67.15  ? 690 ASN A ND2   1 
ATOM   1356 N N     . GLU A 1 172 ? -11.227 -6.984  -10.664 1.00 61.91  ? 691 GLU A N     1 
ATOM   1357 C CA    . GLU A 1 172 ? -11.519 -8.396  -10.554 1.00 63.32  ? 691 GLU A CA    1 
ATOM   1358 C C     . GLU A 1 172 ? -12.358 -8.648  -9.309  1.00 64.01  ? 691 GLU A C     1 
ATOM   1359 O O     . GLU A 1 172 ? -13.285 -9.464  -9.317  1.00 64.76  ? 691 GLU A O     1 
ATOM   1360 C CB    . GLU A 1 172 ? -10.218 -9.197  -10.495 1.00 68.06  ? 691 GLU A CB    1 
ATOM   1361 C CG    . GLU A 1 172 ? -10.388 -10.725 -10.641 1.00 74.16  ? 691 GLU A CG    1 
ATOM   1362 C CD    . GLU A 1 172 ? -9.105  -11.500 -10.310 1.00 79.08  ? 691 GLU A CD    1 
ATOM   1363 O OE1   . GLU A 1 172 ? -7.994  -10.968 -10.568 1.00 79.87  ? 691 GLU A OE1   1 
ATOM   1364 O OE2   . GLU A 1 172 ? -9.209  -12.644 -9.797  1.00 81.00  ? 691 GLU A OE2   1 
ATOM   1365 N N     . VAL A 1 173 ? -12.052 -7.922  -8.241  1.00 62.80  ? 692 VAL A N     1 
ATOM   1366 C CA    . VAL A 1 173 ? -12.840 -8.011  -7.028  1.00 62.17  ? 692 VAL A CA    1 
ATOM   1367 C C     . VAL A 1 173 ? -14.247 -7.427  -7.232  1.00 62.78  ? 692 VAL A C     1 
ATOM   1368 O O     . VAL A 1 173 ? -15.235 -8.062  -6.879  1.00 61.32  ? 692 VAL A O     1 
ATOM   1369 C CB    . VAL A 1 173 ? -12.127 -7.331  -5.830  1.00 62.27  ? 692 VAL A CB    1 
ATOM   1370 C CG1   . VAL A 1 173 ? -12.961 -7.453  -4.582  1.00 58.89  ? 692 VAL A CG1   1 
ATOM   1371 C CG2   . VAL A 1 173 ? -10.773 -7.960  -5.603  1.00 60.02  ? 692 VAL A CG2   1 
ATOM   1372 N N     . LEU A 1 174 ? -14.339 -6.241  -7.825  1.00 64.62  ? 693 LEU A N     1 
ATOM   1373 C CA    . LEU A 1 174 ? -15.642 -5.591  -8.065  1.00 66.32  ? 693 LEU A CA    1 
ATOM   1374 C C     . LEU A 1 174 ? -16.517 -6.323  -9.093  1.00 68.56  ? 693 LEU A C     1 
ATOM   1375 O O     . LEU A 1 174 ? -17.746 -6.224  -9.078  1.00 69.20  ? 693 LEU A O     1 
ATOM   1376 C CB    . LEU A 1 174 ? -15.444 -4.123  -8.453  1.00 65.20  ? 693 LEU A CB    1 
ATOM   1377 C CG    . LEU A 1 174 ? -14.819 -3.280  -7.327  1.00 65.64  ? 693 LEU A CG    1 
ATOM   1378 C CD1   . LEU A 1 174 ? -14.799 -1.813  -7.690  1.00 63.48  ? 693 LEU A CD1   1 
ATOM   1379 C CD2   . LEU A 1 174 ? -15.557 -3.467  -6.006  1.00 63.17  ? 693 LEU A CD2   1 
ATOM   1380 N N     . GLU A 1 175 ? -15.871 -7.065  -9.982  1.00 71.13  ? 694 GLU A N     1 
ATOM   1381 C CA    . GLU A 1 175 ? -16.566 -7.994  -10.861 1.00 73.50  ? 694 GLU A CA    1 
ATOM   1382 C C     . GLU A 1 175 ? -17.342 -9.047  -10.062 1.00 74.27  ? 694 GLU A C     1 
ATOM   1383 O O     . GLU A 1 175 ? -18.469 -9.406  -10.412 1.00 76.30  ? 694 GLU A O     1 
ATOM   1384 C CB    . GLU A 1 175 ? -15.564 -8.666  -11.811 1.00 75.95  ? 694 GLU A CB    1 
ATOM   1385 C CG    . GLU A 1 175 ? -16.193 -9.561  -12.866 1.00 81.21  ? 694 GLU A CG    1 
ATOM   1386 C CD    . GLU A 1 175 ? -17.229 -8.827  -13.712 1.00 85.82  ? 694 GLU A CD    1 
ATOM   1387 O OE1   . GLU A 1 175 ? -16.882 -8.420  -14.847 1.00 88.69  ? 694 GLU A OE1   1 
ATOM   1388 O OE2   . GLU A 1 175 ? -18.385 -8.642  -13.245 1.00 87.95  ? 694 GLU A OE2   1 
ATOM   1389 N N     . GLU A 1 176 ? -16.753 -9.515  -8.969  1.00 74.42  ? 695 GLU A N     1 
ATOM   1390 C CA    . GLU A 1 176 ? -17.390 -10.514 -8.122  1.00 73.68  ? 695 GLU A CA    1 
ATOM   1391 C C     . GLU A 1 176 ? -18.358 -9.876  -7.121  1.00 72.59  ? 695 GLU A C     1 
ATOM   1392 O O     . GLU A 1 176 ? -19.421 -10.432 -6.829  1.00 72.72  ? 695 GLU A O     1 
ATOM   1393 C CB    . GLU A 1 176 ? -16.312 -11.319 -7.392  1.00 75.84  ? 695 GLU A CB    1 
ATOM   1394 C CG    . GLU A 1 176 ? -16.779 -12.667 -6.851  1.00 80.12  ? 695 GLU A CG    1 
ATOM   1395 C CD    . GLU A 1 176 ? -15.643 -13.687 -6.750  1.00 83.11  ? 695 GLU A CD    1 
ATOM   1396 O OE1   . GLU A 1 176 ? -14.558 -13.351 -6.219  1.00 83.91  ? 695 GLU A OE1   1 
ATOM   1397 O OE2   . GLU A 1 176 ? -15.842 -14.839 -7.190  1.00 84.39  ? 695 GLU A OE2   1 
ATOM   1398 N N     . TYR A 1 177 ? -17.979 -8.719  -6.582  1.00 71.67  ? 696 TYR A N     1 
ATOM   1399 C CA    . TYR A 1 177 ? -18.803 -8.009  -5.593  1.00 71.82  ? 696 TYR A CA    1 
ATOM   1400 C C     . TYR A 1 177 ? -19.202 -6.647  -6.119  1.00 72.74  ? 696 TYR A C     1 
ATOM   1401 O O     . TYR A 1 177 ? -18.694 -5.633  -5.646  1.00 72.24  ? 696 TYR A O     1 
ATOM   1402 C CB    . TYR A 1 177 ? -18.066 -7.848  -4.260  1.00 69.00  ? 696 TYR A CB    1 
ATOM   1403 C CG    . TYR A 1 177 ? -17.655 -9.169  -3.657  1.00 68.90  ? 696 TYR A CG    1 
ATOM   1404 C CD1   . TYR A 1 177 ? -18.565 -9.939  -2.923  1.00 67.63  ? 696 TYR A CD1   1 
ATOM   1405 C CD2   . TYR A 1 177 ? -16.379 -9.688  -3.882  1.00 67.21  ? 696 TYR A CD2   1 
ATOM   1406 C CE1   . TYR A 1 177 ? -18.206 -11.181 -2.417  1.00 67.23  ? 696 TYR A CE1   1 
ATOM   1407 C CE2   . TYR A 1 177 ? -16.008 -10.927 -3.377  1.00 68.63  ? 696 TYR A CE2   1 
ATOM   1408 C CZ    . TYR A 1 177 ? -16.918 -11.655 -2.634  1.00 69.94  ? 696 TYR A CZ    1 
ATOM   1409 O OH    . TYR A 1 177 ? -16.539 -12.882 -2.139  1.00 74.34  ? 696 TYR A OH    1 
ATOM   1410 N N     . PRO A 1 178 ? -20.114 -6.618  -7.106  1.00 73.87  ? 697 PRO A N     1 
ATOM   1411 C CA    . PRO A 1 178 ? -20.421 -5.348  -7.762  1.00 75.72  ? 697 PRO A CA    1 
ATOM   1412 C C     . PRO A 1 178 ? -20.947 -4.317  -6.762  1.00 76.80  ? 697 PRO A C     1 
ATOM   1413 O O     . PRO A 1 178 ? -20.621 -3.137  -6.866  1.00 76.45  ? 697 PRO A O     1 
ATOM   1414 C CB    . PRO A 1 178 ? -21.501 -5.726  -8.791  1.00 75.50  ? 697 PRO A CB    1 
ATOM   1415 C CG    . PRO A 1 178 ? -21.387 -7.234  -8.943  1.00 75.61  ? 697 PRO A CG    1 
ATOM   1416 C CD    . PRO A 1 178 ? -20.999 -7.702  -7.568  1.00 74.29  ? 697 PRO A CD    1 
ATOM   1417 N N     . MET A 1 179 ? -21.680 -4.772  -5.751  1.00 78.42  ? 698 MET A N     1 
ATOM   1418 C CA    . MET A 1 179 ? -22.280 -3.855  -4.787  1.00 79.17  ? 698 MET A CA    1 
ATOM   1419 C C     . MET A 1 179 ? -21.269 -2.880  -4.189  1.00 78.11  ? 698 MET A C     1 
ATOM   1420 O O     . MET A 1 179 ? -21.642 -1.795  -3.734  1.00 78.31  ? 698 MET A O     1 
ATOM   1421 C CB    . MET A 1 179 ? -23.009 -4.621  -3.674  1.00 82.36  ? 698 MET A CB    1 
ATOM   1422 C CG    . MET A 1 179 ? -24.283 -5.349  -4.135  1.00 88.24  ? 698 MET A CG    1 
ATOM   1423 S SD    . MET A 1 179 ? -25.611 -4.273  -4.778  1.00 94.55  ? 698 MET A SD    1 
ATOM   1424 C CE    . MET A 1 179 ? -26.287 -3.574  -3.251  1.00 91.15  ? 698 MET A CE    1 
ATOM   1425 N N     . MET A 1 180 ? -19.995 -3.258  -4.190  1.00 74.95  ? 699 MET A N     1 
ATOM   1426 C CA    . MET A 1 180 ? -19.019 -2.543  -3.372  1.00 73.85  ? 699 MET A CA    1 
ATOM   1427 C C     . MET A 1 180 ? -18.378 -1.389  -4.135  1.00 73.01  ? 699 MET A C     1 
ATOM   1428 O O     . MET A 1 180 ? -17.636 -0.590  -3.567  1.00 71.10  ? 699 MET A O     1 
ATOM   1429 C CB    . MET A 1 180 ? -17.947 -3.503  -2.855  1.00 74.43  ? 699 MET A CB    1 
ATOM   1430 C CG    . MET A 1 180 ? -18.475 -4.579  -1.924  1.00 74.26  ? 699 MET A CG    1 
ATOM   1431 S SD    . MET A 1 180 ? -19.375 -3.880  -0.513  1.00 76.75  ? 699 MET A SD    1 
ATOM   1432 C CE    . MET A 1 180 ? -18.191 -2.696  0.144   1.00 69.05  ? 699 MET A CE    1 
ATOM   1433 N N     . ARG A 1 181 ? -18.661 -1.314  -5.430  1.00 74.16  ? 700 ARG A N     1 
ATOM   1434 C CA    . ARG A 1 181 ? -18.162 -0.238  -6.262  1.00 75.45  ? 700 ARG A CA    1 
ATOM   1435 C C     . ARG A 1 181 ? -18.646 1.117   -5.762  1.00 76.55  ? 700 ARG A C     1 
ATOM   1436 O O     . ARG A 1 181 ? -17.864 2.064   -5.659  1.00 75.84  ? 700 ARG A O     1 
ATOM   1437 C CB    . ARG A 1 181 ? -18.586 -0.461  -7.701  1.00 77.01  ? 700 ARG A CB    1 
ATOM   1438 C CG    . ARG A 1 181 ? -18.232 0.681   -8.627  1.00 80.49  ? 700 ARG A CG    1 
ATOM   1439 C CD    . ARG A 1 181 ? -18.356 0.263   -10.084 1.00 81.58  ? 700 ARG A CD    1 
ATOM   1440 N NE    . ARG A 1 181 ? -17.052 -0.030  -10.671 1.00 85.58  ? 700 ARG A NE    1 
ATOM   1441 C CZ    . ARG A 1 181 ? -16.677 -1.230  -11.112 1.00 86.11  ? 700 ARG A CZ    1 
ATOM   1442 N NH1   . ARG A 1 181 ? -17.512 -2.266  -11.035 1.00 88.09  ? 700 ARG A NH1   1 
ATOM   1443 N NH2   . ARG A 1 181 ? -15.464 -1.396  -11.627 1.00 85.83  ? 700 ARG A NH2   1 
ATOM   1444 N N     . ARG A 1 182 ? -19.920 1.177   -5.381  1.00 78.56  ? 701 ARG A N     1 
ATOM   1445 C CA    . ARG A 1 182 ? -20.557 2.413   -4.937  1.00 79.79  ? 701 ARG A CA    1 
ATOM   1446 C C     . ARG A 1 182 ? -19.874 2.974   -3.705  1.00 79.03  ? 701 ARG A C     1 
ATOM   1447 O O     . ARG A 1 182 ? -19.651 4.175   -3.611  1.00 79.22  ? 701 ARG A O     1 
ATOM   1448 C CB    . ARG A 1 182 ? -22.043 2.193   -4.636  1.00 84.86  ? 701 ARG A CB    1 
ATOM   1449 C CG    . ARG A 1 182 ? -22.877 1.651   -5.808  1.00 90.08  ? 701 ARG A CG    1 
ATOM   1450 C CD    . ARG A 1 182 ? -22.740 0.128   -5.985  1.00 92.85  ? 701 ARG A CD    1 
ATOM   1451 N NE    . ARG A 1 182 ? -21.957 -0.211  -7.174  1.00 95.21  ? 701 ARG A NE    1 
ATOM   1452 C CZ    . ARG A 1 182 ? -22.143 -1.309  -7.915  1.00 98.20  ? 701 ARG A CZ    1 
ATOM   1453 N NH1   . ARG A 1 182 ? -23.070 -2.198  -7.571  1.00 98.73  ? 701 ARG A NH1   1 
ATOM   1454 N NH2   . ARG A 1 182 ? -21.392 -1.536  -8.996  1.00 98.12  ? 701 ARG A NH2   1 
ATOM   1455 N N     . ALA A 1 183 ? -19.524 2.106   -2.764  1.00 77.32  ? 702 ALA A N     1 
ATOM   1456 C CA    . ALA A 1 183 ? -18.731 2.538   -1.622  1.00 75.75  ? 702 ALA A CA    1 
ATOM   1457 C C     . ALA A 1 183 ? -17.475 3.302   -2.060  1.00 76.04  ? 702 ALA A C     1 
ATOM   1458 O O     . ALA A 1 183 ? -17.085 4.280   -1.414  1.00 78.12  ? 702 ALA A O     1 
ATOM   1459 C CB    . ALA A 1 183 ? -18.365 1.349   -0.750  1.00 75.67  ? 702 ALA A CB    1 
ATOM   1460 N N     . PHE A 1 184 ? -16.837 2.850   -3.141  1.00 74.92  ? 703 PHE A N     1 
ATOM   1461 C CA    . PHE A 1 184 ? -15.659 3.537   -3.676  1.00 74.00  ? 703 PHE A CA    1 
ATOM   1462 C C     . PHE A 1 184 ? -16.024 4.813   -4.416  1.00 73.52  ? 703 PHE A C     1 
ATOM   1463 O O     . PHE A 1 184 ? -15.396 5.845   -4.203  1.00 71.74  ? 703 PHE A O     1 
ATOM   1464 C CB    . PHE A 1 184 ? -14.828 2.624   -4.585  1.00 72.30  ? 703 PHE A CB    1 
ATOM   1465 C CG    . PHE A 1 184 ? -13.999 1.633   -3.836  1.00 73.26  ? 703 PHE A CG    1 
ATOM   1466 C CD1   . PHE A 1 184 ? -12.938 2.056   -3.029  1.00 72.91  ? 703 PHE A CD1   1 
ATOM   1467 C CD2   . PHE A 1 184 ? -14.303 0.276   -3.894  1.00 72.36  ? 703 PHE A CD2   1 
ATOM   1468 C CE1   . PHE A 1 184 ? -12.173 1.134   -2.312  1.00 72.39  ? 703 PHE A CE1   1 
ATOM   1469 C CE2   . PHE A 1 184 ? -13.553 -0.652  -3.180  1.00 73.03  ? 703 PHE A CE2   1 
ATOM   1470 C CZ    . PHE A 1 184 ? -12.485 -0.229  -2.393  1.00 72.42  ? 703 PHE A CZ    1 
ATOM   1471 N N     . GLU A 1 185 ? -17.033 4.729   -5.284  1.00 75.00  ? 704 GLU A N     1 
ATOM   1472 C CA    . GLU A 1 185 ? -17.547 5.891   -6.010  1.00 76.13  ? 704 GLU A CA    1 
ATOM   1473 C C     . GLU A 1 185 ? -17.916 7.052   -5.085  1.00 77.67  ? 704 GLU A C     1 
ATOM   1474 O O     . GLU A 1 185 ? -17.455 8.178   -5.277  1.00 77.42  ? 704 GLU A O     1 
ATOM   1475 C CB    . GLU A 1 185 ? -18.733 5.488   -6.880  1.00 77.82  ? 704 GLU A CB    1 
ATOM   1476 C CG    . GLU A 1 185 ? -18.376 4.490   -7.988  1.00 81.28  ? 704 GLU A CG    1 
ATOM   1477 C CD    . GLU A 1 185 ? -19.590 3.756   -8.577  1.00 84.13  ? 704 GLU A CD    1 
ATOM   1478 O OE1   . GLU A 1 185 ? -19.499 3.289   -9.739  1.00 85.57  ? 704 GLU A OE1   1 
ATOM   1479 O OE2   . GLU A 1 185 ? -20.625 3.620   -7.878  1.00 84.70  ? 704 GLU A OE2   1 
ATOM   1480 N N     . THR A 1 186 ? -18.712 6.765   -4.060  1.00 78.54  ? 705 THR A N     1 
ATOM   1481 C CA    . THR A 1 186 ? -19.133 7.777   -3.097  1.00 78.64  ? 705 THR A CA    1 
ATOM   1482 C C     . THR A 1 186 ? -17.955 8.563   -2.540  1.00 79.91  ? 705 THR A C     1 
ATOM   1483 O O     . THR A 1 186 ? -17.954 9.789   -2.598  1.00 82.15  ? 705 THR A O     1 
ATOM   1484 C CB    . THR A 1 186 ? -19.944 7.153   -1.924  1.00 78.15  ? 705 THR A CB    1 
ATOM   1485 O OG1   . THR A 1 186 ? -21.149 6.577   -2.435  1.00 77.90  ? 705 THR A OG1   1 
ATOM   1486 C CG2   . THR A 1 186 ? -20.297 8.211   -0.874  1.00 76.13  ? 705 THR A CG2   1 
ATOM   1487 N N     . VAL A 1 187 ? -16.966 7.867   -1.971  1.00 80.64  ? 706 VAL A N     1 
ATOM   1488 C CA    . VAL A 1 187 ? -15.793 8.545   -1.417  1.00 79.91  ? 706 VAL A CA    1 
ATOM   1489 C C     . VAL A 1 187 ? -15.013 9.266   -2.516  1.00 80.04  ? 706 VAL A C     1 
ATOM   1490 O O     . VAL A 1 187 ? -14.358 10.279  -2.258  1.00 80.96  ? 706 VAL A O     1 
ATOM   1491 C CB    . VAL A 1 187 ? -14.862 7.578   -0.667  1.00 79.34  ? 706 VAL A CB    1 
ATOM   1492 C CG1   . VAL A 1 187 ? -13.505 8.235   -0.379  1.00 80.16  ? 706 VAL A CG1   1 
ATOM   1493 C CG2   . VAL A 1 187 ? -15.506 7.135   0.632   1.00 80.90  ? 706 VAL A CG2   1 
ATOM   1494 N N     . ALA A 1 188 ? -15.099 8.749   -3.741  1.00 80.13  ? 707 ALA A N     1 
ATOM   1495 C CA    . ALA A 1 188 ? -14.362 9.310   -4.868  1.00 81.40  ? 707 ALA A CA    1 
ATOM   1496 C C     . ALA A 1 188 ? -14.987 10.617  -5.306  1.00 82.64  ? 707 ALA A C     1 
ATOM   1497 O O     . ALA A 1 188 ? -14.345 11.660  -5.235  1.00 82.78  ? 707 ALA A O     1 
ATOM   1498 C CB    . ALA A 1 188 ? -14.325 8.334   -6.027  1.00 80.72  ? 707 ALA A CB    1 
ATOM   1499 N N     . LEU A 1 189 ? -16.245 10.553  -5.743  1.00 85.00  ? 708 LEU A N     1 
ATOM   1500 C CA    . LEU A 1 189 ? -16.988 11.746  -6.162  1.00 86.18  ? 708 LEU A CA    1 
ATOM   1501 C C     . LEU A 1 189 ? -17.017 12.786  -5.048  1.00 86.76  ? 708 LEU A C     1 
ATOM   1502 O O     . LEU A 1 189 ? -16.979 13.982  -5.314  1.00 87.94  ? 708 LEU A O     1 
ATOM   1503 C CB    . LEU A 1 189 ? -18.412 11.391  -6.590  1.00 85.57  ? 708 LEU A CB    1 
ATOM   1504 C CG    . LEU A 1 189 ? -18.553 10.151  -7.478  1.00 87.20  ? 708 LEU A CG    1 
ATOM   1505 C CD1   . LEU A 1 189 ? -19.978 9.586   -7.427  1.00 86.50  ? 708 LEU A CD1   1 
ATOM   1506 C CD2   . LEU A 1 189 ? -18.090 10.396  -8.921  1.00 86.66  ? 708 LEU A CD2   1 
ATOM   1507 N N     . ASP A 1 190 ? -17.027 12.319  -3.803  1.00 86.72  ? 709 ASP A N     1 
ATOM   1508 C CA    . ASP A 1 190 ? -16.975 13.200  -2.643  1.00 86.63  ? 709 ASP A CA    1 
ATOM   1509 C C     . ASP A 1 190 ? -15.643 13.925  -2.604  1.00 86.75  ? 709 ASP A C     1 
ATOM   1510 O O     . ASP A 1 190 ? -15.593 15.129  -2.348  1.00 87.16  ? 709 ASP A O     1 
ATOM   1511 C CB    . ASP A 1 190 ? -17.183 12.393  -1.353  1.00 88.69  ? 709 ASP A CB    1 
ATOM   1512 C CG    . ASP A 1 190 ? -17.235 13.272  -0.097  1.00 91.60  ? 709 ASP A CG    1 
ATOM   1513 O OD1   . ASP A 1 190 ? -18.249 13.179  0.645   1.00 94.57  ? 709 ASP A OD1   1 
ATOM   1514 O OD2   . ASP A 1 190 ? -16.253 14.014  0.179   1.00 91.73  ? 709 ASP A OD2   1 
ATOM   1515 N N     . ARG A 1 191 ? -14.561 13.183  -2.845  1.00 86.57  ? 710 ARG A N     1 
ATOM   1516 C CA    . ARG A 1 191 ? -13.217 13.761  -2.856  1.00 84.59  ? 710 ARG A CA    1 
ATOM   1517 C C     . ARG A 1 191 ? -13.006 14.715  -4.048  1.00 82.65  ? 710 ARG A C     1 
ATOM   1518 O O     . ARG A 1 191 ? -12.294 15.713  -3.934  1.00 80.54  ? 710 ARG A O     1 
ATOM   1519 C CB    . ARG A 1 191 ? -12.154 12.656  -2.851  1.00 84.71  ? 710 ARG A CB    1 
ATOM   1520 C CG    . ARG A 1 191 ? -11.741 12.181  -1.460  1.00 83.82  ? 710 ARG A CG    1 
ATOM   1521 C CD    . ARG A 1 191 ? -11.092 10.797  -1.517  1.00 82.09  ? 710 ARG A CD    1 
ATOM   1522 N NE    . ARG A 1 191 ? -10.654 10.333  -0.200  1.00 80.83  ? 710 ARG A NE    1 
ATOM   1523 C CZ    . ARG A 1 191 ? -9.992  9.198   0.019   1.00 80.25  ? 710 ARG A CZ    1 
ATOM   1524 N NH1   . ARG A 1 191 ? -9.674  8.393   -0.995  1.00 80.10  ? 710 ARG A NH1   1 
ATOM   1525 N NH2   . ARG A 1 191 ? -9.641  8.869   1.256   1.00 78.11  ? 710 ARG A NH2   1 
ATOM   1526 N N     . LEU A 1 192 ? -13.628 14.392  -5.180  1.00 82.70  ? 711 LEU A N     1 
ATOM   1527 C CA    . LEU A 1 192 ? -13.567 15.212  -6.389  1.00 84.39  ? 711 LEU A CA    1 
ATOM   1528 C C     . LEU A 1 192 ? -14.293 16.544  -6.223  1.00 86.03  ? 711 LEU A C     1 
ATOM   1529 O O     . LEU A 1 192 ? -13.891 17.549  -6.802  1.00 87.80  ? 711 LEU A O     1 
ATOM   1530 C CB    . LEU A 1 192 ? -14.164 14.447  -7.570  1.00 81.58  ? 711 LEU A CB    1 
ATOM   1531 C CG    . LEU A 1 192 ? -13.295 13.345  -8.179  1.00 81.33  ? 711 LEU A CG    1 
ATOM   1532 C CD1   . LEU A 1 192 ? -14.108 12.459  -9.109  1.00 79.19  ? 711 LEU A CD1   1 
ATOM   1533 C CD2   . LEU A 1 192 ? -12.093 13.931  -8.910  1.00 77.31  ? 711 LEU A CD2   1 
ATOM   1534 N N     . ASP A 1 193 ? -15.360 16.543  -5.430  1.00 88.40  ? 712 ASP A N     1 
ATOM   1535 C CA    . ASP A 1 193 ? -16.126 17.750  -5.139  1.00 90.16  ? 712 ASP A CA    1 
ATOM   1536 C C     . ASP A 1 193 ? -15.278 18.781  -4.408  1.00 90.48  ? 712 ASP A C     1 
ATOM   1537 O O     . ASP A 1 193 ? -15.271 19.950  -4.777  1.00 90.47  ? 712 ASP A O     1 
ATOM   1538 C CB    . ASP A 1 193 ? -17.371 17.413  -4.313  1.00 92.41  ? 712 ASP A CB    1 
ATOM   1539 C CG    . ASP A 1 193 ? -18.496 16.801  -5.155  1.00 94.75  ? 712 ASP A CG    1 
ATOM   1540 O OD1   . ASP A 1 193 ? -18.561 17.085  -6.370  1.00 94.90  ? 712 ASP A OD1   1 
ATOM   1541 O OD2   . ASP A 1 193 ? -19.330 16.051  -4.591  1.00 97.51  ? 712 ASP A OD2   1 
ATOM   1542 N N     . ARG A 1 194 ? -14.551 18.350  -3.382  1.00 91.50  ? 713 ARG A N     1 
ATOM   1543 C CA    . ARG A 1 194 ? -13.592 19.226  -2.716  1.00 93.08  ? 713 ARG A CA    1 
ATOM   1544 C C     . ARG A 1 194 ? -12.397 19.591  -3.587  1.00 94.94  ? 713 ARG A C     1 
ATOM   1545 O O     . ARG A 1 194 ? -11.275 19.689  -3.090  1.00 95.11  ? 713 ARG A O     1 
ATOM   1546 N N     . ILE A 1 195 ? -12.629 19.791  -4.886  1.00 96.66  ? 714 ILE A N     1 
ATOM   1547 C CA    . ILE A 1 195 ? -11.539 20.055  -5.834  1.00 97.77  ? 714 ILE A CA    1 
ATOM   1548 C C     . ILE A 1 195 ? -12.016 20.380  -7.239  1.00 98.89  ? 714 ILE A C     1 
ATOM   1549 O O     . ILE A 1 195 ? -11.853 21.505  -7.717  1.00 99.66  ? 714 ILE A O     1 
ATOM   1550 N N     . GLY A 1 196 ? -12.585 19.386  -7.918  1.00 98.75  ? 715 GLY A N     1 
ATOM   1551 C CA    . GLY A 1 196 ? -13.018 19.546  -9.308  1.00 97.80  ? 715 GLY A CA    1 
ATOM   1552 C C     . GLY A 1 196 ? -13.188 18.206  -10.005 1.00 97.36  ? 715 GLY A C     1 
ATOM   1553 O O     . GLY A 1 196 ? -12.217 17.612  -10.469 1.00 97.22  ? 715 GLY A O     1 
ATOM   1554 N N     . LYS A 1 197 ? -14.432 17.741  -10.089 1.00 97.13  ? 716 LYS A N     1 
ATOM   1555 C CA    . LYS A 1 197 ? -14.725 16.392  -10.560 1.00 96.12  ? 716 LYS A CA    1 
ATOM   1556 C C     . LYS A 1 197 ? -16.212 16.068  -10.585 1.00 96.52  ? 716 LYS A C     1 
ATOM   1557 O O     . LYS A 1 197 ? -16.836 16.117  -11.646 1.00 97.04  ? 716 LYS A O     1 
ATOM   1558 N N     . LYS A 1 198 ? -16.776 15.711  -9.428  1.00 95.36  ? 717 LYS A N     1 
ATOM   1559 C CA    . LYS A 1 198 ? -18.219 15.471  -9.308  1.00 93.75  ? 717 LYS A CA    1 
ATOM   1560 C C     . LYS A 1 198 ? -18.670 14.052  -9.616  1.00 92.88  ? 717 LYS A C     1 
ATOM   1561 O O     . LYS A 1 198 ? -18.323 13.483  -10.656 1.00 91.97  ? 717 LYS A O     1 
HETATM 1562 P P     . CMP B 2 .   ? -6.039  9.348   -7.595  1.00 76.88  ? 725 CMP A P     1 
HETATM 1563 O O1P   . CMP B 2 .   ? -6.548  10.485  -8.444  1.00 81.29  ? 725 CMP A O1P   1 
HETATM 1564 O O2P   . CMP B 2 .   ? -6.049  8.056   -8.374  1.00 75.90  ? 725 CMP A O2P   1 
HETATM 1565 O "O5'" . CMP B 2 .   ? -4.602  9.778   -7.053  1.00 76.25  ? 725 CMP A "O5'" 1 
HETATM 1566 C "C5'" . CMP B 2 .   ? -4.506  10.853  -6.121  1.00 77.40  ? 725 CMP A "C5'" 1 
HETATM 1567 C "C4'" . CMP B 2 .   ? -5.420  10.443  -4.984  1.00 78.03  ? 725 CMP A "C4'" 1 
HETATM 1568 O "O4'" . CMP B 2 .   ? -5.504  11.336  -3.892  1.00 78.34  ? 725 CMP A "O4'" 1 
HETATM 1569 C "C3'" . CMP B 2 .   ? -6.850  10.354  -5.430  1.00 76.50  ? 725 CMP A "C3'" 1 
HETATM 1570 O "O3'" . CMP B 2 .   ? -6.917  9.226   -6.270  1.00 77.50  ? 725 CMP A "O3'" 1 
HETATM 1571 C "C2'" . CMP B 2 .   ? -7.605  10.242  -4.118  1.00 76.89  ? 725 CMP A "C2'" 1 
HETATM 1572 O "O2'" . CMP B 2 .   ? -7.712  8.894   -3.637  1.00 71.57  ? 725 CMP A "O2'" 1 
HETATM 1573 C "C1'" . CMP B 2 .   ? -6.713  11.040  -3.187  1.00 78.95  ? 725 CMP A "C1'" 1 
HETATM 1574 N N9    . CMP B 2 .   ? -7.390  12.323  -2.978  1.00 82.46  ? 725 CMP A N9    1 
HETATM 1575 C C8    . CMP B 2 .   ? -7.600  13.265  -3.918  1.00 84.06  ? 725 CMP A C8    1 
HETATM 1576 N N7    . CMP B 2 .   ? -8.251  14.328  -3.381  1.00 85.16  ? 725 CMP A N7    1 
HETATM 1577 C C5    . CMP B 2 .   ? -8.456  14.064  -2.072  1.00 85.51  ? 725 CMP A C5    1 
HETATM 1578 C C6    . CMP B 2 .   ? -9.089  14.744  -0.915  1.00 85.71  ? 725 CMP A C6    1 
HETATM 1579 N N6    . CMP B 2 .   ? -9.642  15.972  -1.043  1.00 87.25  ? 725 CMP A N6    1 
HETATM 1580 N N1    . CMP B 2 .   ? -9.075  14.122  0.284   1.00 85.26  ? 725 CMP A N1    1 
HETATM 1581 C C2    . CMP B 2 .   ? -8.517  12.909  0.435   1.00 84.83  ? 725 CMP A C2    1 
HETATM 1582 N N3    . CMP B 2 .   ? -7.936  12.231  -0.569  1.00 84.41  ? 725 CMP A N3    1 
HETATM 1583 C C4    . CMP B 2 .   ? -7.879  12.742  -1.817  1.00 84.13  ? 725 CMP A C4    1 
HETATM 1584 O O     . HOH C 3 .   ? 27.113  3.925   -10.526 1.00 71.58  ? 801 HOH A O     1 
HETATM 1585 O O     . HOH C 3 .   ? -9.732  -19.231 5.852   1.00 90.12  ? 802 HOH A O     1 
HETATM 1586 O O     . HOH C 3 .   ? -13.472 -1.277  10.950  1.00 96.73  ? 803 HOH A O     1 
HETATM 1587 O O     . HOH C 3 .   ? -22.202 -6.094  4.779   1.00 81.38  ? 804 HOH A O     1 
HETATM 1588 O O     . HOH C 3 .   ? -12.575 -11.470 6.277   1.00 58.44  ? 805 HOH A O     1 
HETATM 1589 O O     . HOH C 3 .   ? -13.173 -13.900 7.758   1.00 71.32  ? 806 HOH A O     1 
HETATM 1590 O O     . HOH C 3 .   ? -2.161  -10.060 0.108   1.00 73.25  ? 807 HOH A O     1 
HETATM 1591 O O     . HOH C 3 .   ? -2.447  -5.945  -6.324  1.00 65.99  ? 808 HOH A O     1 
HETATM 1592 O O     . HOH C 3 .   ? -1.943  -7.432  -10.223 1.00 70.63  ? 809 HOH A O     1 
HETATM 1593 O O     . HOH C 3 .   ? 7.608   0.062   -1.099  1.00 72.19  ? 810 HOH A O     1 
HETATM 1594 O O     . HOH C 3 .   ? -5.966  -24.370 -2.598  1.00 57.54  ? 811 HOH A O     1 
HETATM 1595 O O     . HOH C 3 .   ? 1.107   3.805   -10.675 1.00 65.10  ? 812 HOH A O     1 
HETATM 1596 O O     . HOH C 3 .   ? -3.534  7.009   13.588  1.00 72.10  ? 813 HOH A O     1 
HETATM 1597 O O     . HOH C 3 .   ? -2.710  9.926   -21.254 1.00 75.22  ? 814 HOH A O     1 
HETATM 1598 O O     . HOH C 3 .   ? 8.613   7.278   11.466  1.00 86.49  ? 815 HOH A O     1 
HETATM 1599 O O     . HOH C 3 .   ? -12.500 -11.941 -6.429  1.00 80.05  ? 816 HOH A O     1 
HETATM 1600 O O     . HOH C 3 .   ? 1.162   4.312   -8.226  1.00 85.44  ? 817 HOH A O     1 
HETATM 1601 O O     . HOH C 3 .   ? -8.534  5.615   9.075   1.00 82.34  ? 818 HOH A O     1 
HETATM 1602 O O     . HOH C 3 .   ? -8.226  11.351  -11.603 1.00 93.48  ? 819 HOH A O     1 
HETATM 1603 O O     . HOH C 3 .   ? 5.803   2.912   10.707  1.00 92.05  ? 820 HOH A O     1 
HETATM 1604 O O     . HOH C 3 .   ? -6.467  -8.831  -11.605 1.00 81.98  ? 821 HOH A O     1 
HETATM 1605 O O     . HOH C 3 .   ? -12.534 0.307   -12.361 1.00 83.68  ? 822 HOH A O     1 
HETATM 1606 O O     . HOH C 3 .   ? -21.712 -7.359  -4.128  1.00 77.26  ? 823 HOH A O     1 
HETATM 1607 O O     . HOH C 3 .   ? 10.097  10.455  -3.633  1.00 76.44  ? 824 HOH A O     1 
HETATM 1608 O O     . HOH C 3 .   ? -0.169  -3.839  -6.141  1.00 65.40  ? 825 HOH A O     1 
HETATM 1609 O O     . HOH C 3 .   ? -19.529 -13.272 -0.696  1.00 95.63  ? 826 HOH A O     1 
HETATM 1610 O O     . HOH C 3 .   ? 11.584  4.396   0.637   1.00 73.36  ? 827 HOH A O     1 
HETATM 1611 O O     . HOH C 3 .   ? 32.555  2.003   -0.019  1.00 86.41  ? 828 HOH A O     1 
HETATM 1612 O O     . HOH C 3 .   ? 9.426   -11.929 4.262   1.00 85.15  ? 829 HOH A O     1 
# 
loop_
_pdbx_poly_seq_scheme.asym_id 
_pdbx_poly_seq_scheme.entity_id 
_pdbx_poly_seq_scheme.seq_id 
_pdbx_poly_seq_scheme.mon_id 
_pdbx_poly_seq_scheme.ndb_seq_num 
_pdbx_poly_seq_scheme.pdb_seq_num 
_pdbx_poly_seq_scheme.auth_seq_num 
_pdbx_poly_seq_scheme.pdb_mon_id 
_pdbx_poly_seq_scheme.auth_mon_id 
_pdbx_poly_seq_scheme.pdb_strand_id 
_pdbx_poly_seq_scheme.pdb_ins_code 
_pdbx_poly_seq_scheme.hetero 
A 1 1   SER 1   520 ?   ?   ?   A . n 
A 1 2   ASP 2   521 521 ASP ASP A . n 
A 1 3   SER 3   522 522 SER SER A . n 
A 1 4   SER 4   523 523 SER SER A . n 
A 1 5   ARG 5   524 524 ARG ARG A . n 
A 1 6   ARG 6   525 525 ARG ARG A . n 
A 1 7   GLN 7   526 526 GLN GLN A . n 
A 1 8   TYR 8   527 527 TYR TYR A . n 
A 1 9   GLN 9   528 528 GLN GLN A . n 
A 1 10  GLU 10  529 529 GLU GLU A . n 
A 1 11  LYS 11  530 530 LYS LYS A . n 
A 1 12  TYR 12  531 531 TYR TYR A . n 
A 1 13  LYS 13  532 532 LYS LYS A . n 
A 1 14  GLN 14  533 533 GLN GLN A . n 
A 1 15  VAL 15  534 534 VAL VAL A . n 
A 1 16  GLU 16  535 535 GLU GLU A . n 
A 1 17  GLN 17  536 536 GLN GLN A . n 
A 1 18  TYR 18  537 537 TYR TYR A . n 
A 1 19  MET 19  538 538 MET MET A . n 
A 1 20  SER 20  539 539 SER SER A . n 
A 1 21  PHE 21  540 540 PHE PHE A . n 
A 1 22  HIS 22  541 541 HIS HIS A . n 
A 1 23  LYS 23  542 542 LYS LYS A . n 
A 1 24  LEU 24  543 543 LEU LEU A . n 
A 1 25  PRO 25  544 544 PRO PRO A . n 
A 1 26  PRO 26  545 545 PRO PRO A . n 
A 1 27  ASP 27  546 546 ASP ASP A . n 
A 1 28  THR 28  547 547 THR THR A . n 
A 1 29  ARG 29  548 548 ARG ARG A . n 
A 1 30  GLN 30  549 549 GLN GLN A . n 
A 1 31  ARG 31  550 550 ARG ARG A . n 
A 1 32  ILE 32  551 551 ILE ILE A . n 
A 1 33  HIS 33  552 552 HIS HIS A . n 
A 1 34  ASP 34  553 553 ASP ASP A . n 
A 1 35  TYR 35  554 554 TYR TYR A . n 
A 1 36  TYR 36  555 555 TYR TYR A . n 
A 1 37  GLU 37  556 556 GLU GLU A . n 
A 1 38  HIS 38  557 557 HIS HIS A . n 
A 1 39  ARG 39  558 558 ARG ARG A . n 
A 1 40  TYR 40  559 559 TYR TYR A . n 
A 1 41  GLN 41  560 560 GLN GLN A . n 
A 1 42  GLY 42  561 561 GLY GLY A . n 
A 1 43  LYS 43  562 562 LYS LYS A . n 
A 1 44  MET 44  563 563 MET MET A . n 
A 1 45  PHE 45  564 564 PHE PHE A . n 
A 1 46  ASP 46  565 565 ASP ASP A . n 
A 1 47  GLU 47  566 566 GLU GLU A . n 
A 1 48  GLU 48  567 567 GLU GLU A . n 
A 1 49  SER 49  568 568 SER SER A . n 
A 1 50  ILE 50  569 569 ILE ILE A . n 
A 1 51  LEU 51  570 570 LEU LEU A . n 
A 1 52  GLY 52  571 571 GLY GLY A . n 
A 1 53  GLU 53  572 572 GLU GLU A . n 
A 1 54  LEU 54  573 573 LEU LEU A . n 
A 1 55  SER 55  574 574 SER SER A . n 
A 1 56  GLU 56  575 575 GLU GLU A . n 
A 1 57  PRO 57  576 576 PRO PRO A . n 
A 1 58  LEU 58  577 577 LEU LEU A . n 
A 1 59  ARG 59  578 578 ARG ARG A . n 
A 1 60  GLU 60  579 579 GLU GLU A . n 
A 1 61  GLU 61  580 580 GLU GLU A . n 
A 1 62  ILE 62  581 581 ILE ILE A . n 
A 1 63  ILE 63  582 582 ILE ILE A . n 
A 1 64  ASN 64  583 583 ASN ASN A . n 
A 1 65  PHE 65  584 584 PHE PHE A . n 
A 1 66  ASN 66  585 585 ASN ASN A . n 
A 1 67  CYS 67  586 586 CYS CYS A . n 
A 1 68  ARG 68  587 587 ARG ARG A . n 
A 1 69  LYS 69  588 588 LYS LYS A . n 
A 1 70  LEU 70  589 589 LEU LEU A . n 
A 1 71  VAL 71  590 590 VAL VAL A . n 
A 1 72  ALA 72  591 591 ALA ALA A . n 
A 1 73  SER 73  592 592 SER SER A . n 
A 1 74  MET 74  593 593 MET MET A . n 
A 1 75  PRO 75  594 594 PRO PRO A . n 
A 1 76  LEU 76  595 595 LEU LEU A . n 
A 1 77  PHE 77  596 596 PHE PHE A . n 
A 1 78  ALA 78  597 597 ALA ALA A . n 
A 1 79  ASN 79  598 598 ASN ASN A . n 
A 1 80  ALA 80  599 599 ALA ALA A . n 
A 1 81  ASP 81  600 600 ASP ASP A . n 
A 1 82  PRO 82  601 601 PRO PRO A . n 
A 1 83  ASN 83  602 602 ASN ASN A . n 
A 1 84  PHE 84  603 603 PHE PHE A . n 
A 1 85  VAL 85  604 604 VAL VAL A . n 
A 1 86  THR 86  605 605 THR THR A . n 
A 1 87  SER 87  606 606 SER SER A . n 
A 1 88  MET 88  607 607 MET MET A . n 
A 1 89  LEU 89  608 608 LEU LEU A . n 
A 1 90  THR 90  609 609 THR THR A . n 
A 1 91  LYS 91  610 610 LYS LYS A . n 
A 1 92  LEU 92  611 611 LEU LEU A . n 
A 1 93  ARG 93  612 612 ARG ARG A . n 
A 1 94  PHE 94  613 613 PHE PHE A . n 
A 1 95  GLU 95  614 614 GLU GLU A . n 
A 1 96  VAL 96  615 615 VAL VAL A . n 
A 1 97  PHE 97  616 616 PHE PHE A . n 
A 1 98  GLN 98  617 617 GLN GLN A . n 
A 1 99  PRO 99  618 618 PRO PRO A . n 
A 1 100 GLY 100 619 619 GLY GLY A . n 
A 1 101 ASP 101 620 620 ASP ASP A . n 
A 1 102 TYR 102 621 621 TYR TYR A . n 
A 1 103 ILE 103 622 622 ILE ILE A . n 
A 1 104 ILE 104 623 623 ILE ILE A . n 
A 1 105 ARG 105 624 624 ARG ARG A . n 
A 1 106 GLU 106 625 625 GLU GLU A . n 
A 1 107 GLY 107 626 626 GLY GLY A . n 
A 1 108 THR 108 627 627 THR THR A . n 
A 1 109 ILE 109 628 628 ILE ILE A . n 
A 1 110 GLY 110 629 629 GLY GLY A . n 
A 1 111 LYS 111 630 630 LYS LYS A . n 
A 1 112 LYS 112 631 631 LYS LYS A . n 
A 1 113 MET 113 632 632 MET MET A . n 
A 1 114 TYR 114 633 633 TYR TYR A . n 
A 1 115 PHE 115 634 634 PHE PHE A . n 
A 1 116 ILE 116 635 635 ILE ILE A . n 
A 1 117 GLN 117 636 636 GLN GLN A . n 
A 1 118 HIS 118 637 637 HIS HIS A . n 
A 1 119 GLY 119 638 638 GLY GLY A . n 
A 1 120 VAL 120 639 639 VAL VAL A . n 
A 1 121 VAL 121 640 640 VAL VAL A . n 
A 1 122 SER 122 641 641 SER SER A . n 
A 1 123 VAL 123 642 642 VAL VAL A . n 
A 1 124 LEU 124 643 643 LEU LEU A . n 
A 1 125 THR 125 644 644 THR THR A . n 
A 1 126 LYS 126 645 645 LYS LYS A . n 
A 1 127 GLY 127 646 646 GLY GLY A . n 
A 1 128 ASN 128 647 647 ASN ASN A . n 
A 1 129 LYS 129 648 648 LYS LYS A . n 
A 1 130 GLU 130 649 649 GLU GLU A . n 
A 1 131 THR 131 650 650 THR THR A . n 
A 1 132 LYS 132 651 651 LYS LYS A . n 
A 1 133 LEU 133 652 652 LEU LEU A . n 
A 1 134 ALA 134 653 653 ALA ALA A . n 
A 1 135 ASP 135 654 654 ASP ASP A . n 
A 1 136 GLY 136 655 655 GLY GLY A . n 
A 1 137 SER 137 656 656 SER SER A . n 
A 1 138 TYR 138 657 657 TYR TYR A . n 
A 1 139 PHE 139 658 658 PHE PHE A . n 
A 1 140 GLY 140 659 659 GLY GLY A . n 
A 1 141 GLU 141 660 660 GLU GLU A . n 
A 1 142 ILE 142 661 661 ILE ILE A . n 
A 1 143 CYS 143 662 662 CYS CYS A . n 
A 1 144 LEU 144 663 663 LEU LEU A . n 
A 1 145 LEU 145 664 664 LEU LEU A . n 
A 1 146 THR 146 665 665 THR THR A . n 
A 1 147 ARG 147 666 666 ARG ARG A . n 
A 1 148 GLY 148 667 667 GLY GLY A . n 
A 1 149 ARG 149 668 668 ARG ARG A . n 
A 1 150 ARG 150 669 669 ARG ARG A . n 
A 1 151 THR 151 670 670 THR THR A . n 
A 1 152 ALA 152 671 671 ALA ALA A . n 
A 1 153 SER 153 672 672 SER SER A . n 
A 1 154 VAL 154 673 673 VAL VAL A . n 
A 1 155 ARG 155 674 674 ARG ARG A . n 
A 1 156 ALA 156 675 675 ALA ALA A . n 
A 1 157 ASP 157 676 676 ASP ASP A . n 
A 1 158 THR 158 677 677 THR THR A . n 
A 1 159 TYR 159 678 678 TYR TYR A . n 
A 1 160 CYS 160 679 679 CYS CYS A . n 
A 1 161 ARG 161 680 680 ARG ARG A . n 
A 1 162 LEU 162 681 681 LEU LEU A . n 
A 1 163 TYR 163 682 682 TYR TYR A . n 
A 1 164 SER 164 683 683 SER SER A . n 
A 1 165 LEU 165 684 684 LEU LEU A . n 
A 1 166 SER 166 685 685 SER SER A . n 
A 1 167 VAL 167 686 686 VAL VAL A . n 
A 1 168 ASP 168 687 687 ASP ASP A . n 
A 1 169 ASN 169 688 688 ASN ASN A . n 
A 1 170 PHE 170 689 689 PHE PHE A . n 
A 1 171 ASN 171 690 690 ASN ASN A . n 
A 1 172 GLU 172 691 691 GLU GLU A . n 
A 1 173 VAL 173 692 692 VAL VAL A . n 
A 1 174 LEU 174 693 693 LEU LEU A . n 
A 1 175 GLU 175 694 694 GLU GLU A . n 
A 1 176 GLU 176 695 695 GLU GLU A . n 
A 1 177 TYR 177 696 696 TYR TYR A . n 
A 1 178 PRO 178 697 697 PRO PRO A . n 
A 1 179 MET 179 698 698 MET MET A . n 
A 1 180 MET 180 699 699 MET MET A . n 
A 1 181 ARG 181 700 700 ARG ARG A . n 
A 1 182 ARG 182 701 701 ARG ARG A . n 
A 1 183 ALA 183 702 702 ALA ALA A . n 
A 1 184 PHE 184 703 703 PHE PHE A . n 
A 1 185 GLU 185 704 704 GLU GLU A . n 
A 1 186 THR 186 705 705 THR THR A . n 
A 1 187 VAL 187 706 706 VAL VAL A . n 
A 1 188 ALA 188 707 707 ALA ALA A . n 
A 1 189 LEU 189 708 708 LEU LEU A . n 
A 1 190 ASP 190 709 709 ASP ASP A . n 
A 1 191 ARG 191 710 710 ARG ARG A . n 
A 1 192 LEU 192 711 711 LEU LEU A . n 
A 1 193 ASP 193 712 712 ASP ASP A . n 
A 1 194 ARG 194 713 713 ARG ARG A . n 
A 1 195 ILE 195 714 714 ILE ILE A . n 
A 1 196 GLY 196 715 715 GLY GLY A . n 
A 1 197 LYS 197 716 716 LYS LYS A . n 
A 1 198 LYS 198 717 717 LYS LYS A . n 
A 1 199 ASN 199 718 ?   ?   ?   A . n 
A 1 200 SER 200 719 ?   ?   ?   A . n 
A 1 201 ILE 201 720 ?   ?   ?   A . n 
A 1 202 LEU 202 721 ?   ?   ?   A . n 
A 1 203 LEU 203 722 ?   ?   ?   A . n 
A 1 204 HIS 204 723 ?   ?   ?   A . n 
A 1 205 LYS 205 724 ?   ?   ?   A . n 
A 1 206 VAL 206 725 ?   ?   ?   A . n 
A 1 207 GLN 207 726 ?   ?   ?   A . n 
A 1 208 HIS 208 727 ?   ?   ?   A . n 
A 1 209 ASP 209 728 ?   ?   ?   A . n 
A 1 210 LEU 210 729 ?   ?   ?   A . n 
A 1 211 ASN 211 730 ?   ?   ?   A . n 
A 1 212 SER 212 731 ?   ?   ?   A . n 
A 1 213 GLY 213 732 ?   ?   ?   A . n 
A 1 214 VAL 214 733 ?   ?   ?   A . n 
A 1 215 PHE 215 734 ?   ?   ?   A . n 
A 1 216 ASN 216 735 ?   ?   ?   A . n 
A 1 217 TYR 217 736 ?   ?   ?   A . n 
A 1 218 GLN 218 737 ?   ?   ?   A . n 
A 1 219 GLU 219 738 ?   ?   ?   A . n 
A 1 220 ASN 220 739 ?   ?   ?   A . n 
# 
loop_
_pdbx_nonpoly_scheme.asym_id 
_pdbx_nonpoly_scheme.entity_id 
_pdbx_nonpoly_scheme.mon_id 
_pdbx_nonpoly_scheme.ndb_seq_num 
_pdbx_nonpoly_scheme.pdb_seq_num 
_pdbx_nonpoly_scheme.auth_seq_num 
_pdbx_nonpoly_scheme.pdb_mon_id 
_pdbx_nonpoly_scheme.auth_mon_id 
_pdbx_nonpoly_scheme.pdb_strand_id 
_pdbx_nonpoly_scheme.pdb_ins_code 
B 2 CMP 1  725 686 CMP CMP A . 
C 3 HOH 1  801 801 HOH HOH A . 
C 3 HOH 2  802 802 HOH HOH A . 
C 3 HOH 3  803 803 HOH HOH A . 
C 3 HOH 4  804 804 HOH HOH A . 
C 3 HOH 5  805 805 HOH HOH A . 
C 3 HOH 6  806 806 HOH HOH A . 
C 3 HOH 7  807 807 HOH HOH A . 
C 3 HOH 8  808 808 HOH HOH A . 
C 3 HOH 9  809 809 HOH HOH A . 
C 3 HOH 10 810 810 HOH HOH A . 
C 3 HOH 11 811 811 HOH HOH A . 
C 3 HOH 12 812 812 HOH HOH A . 
C 3 HOH 13 813 813 HOH HOH A . 
C 3 HOH 14 814 814 HOH HOH A . 
C 3 HOH 15 815 815 HOH HOH A . 
C 3 HOH 16 816 816 HOH HOH A . 
C 3 HOH 17 817 817 HOH HOH A . 
C 3 HOH 18 818 818 HOH HOH A . 
C 3 HOH 19 819 819 HOH HOH A . 
C 3 HOH 20 820 820 HOH HOH A . 
C 3 HOH 21 821 821 HOH HOH A . 
C 3 HOH 22 822 822 HOH HOH A . 
C 3 HOH 23 823 823 HOH HOH A . 
C 3 HOH 24 824 824 HOH HOH A . 
C 3 HOH 25 825 825 HOH HOH A . 
C 3 HOH 26 826 826 HOH HOH A . 
C 3 HOH 27 827 827 HOH HOH A . 
C 3 HOH 28 828 828 HOH HOH A . 
C 3 HOH 29 829 829 HOH HOH A . 
# 
_pdbx_struct_assembly.id                   1 
_pdbx_struct_assembly.details              author_and_software_defined_assembly 
_pdbx_struct_assembly.method_details       PISA 
_pdbx_struct_assembly.oligomeric_details   tetrameric 
_pdbx_struct_assembly.oligomeric_count     4 
# 
_pdbx_struct_assembly_gen.assembly_id       1 
_pdbx_struct_assembly_gen.oper_expression   1,2,3,4 
_pdbx_struct_assembly_gen.asym_id_list      A,B,C 
# 
loop_
_pdbx_struct_assembly_prop.biol_id 
_pdbx_struct_assembly_prop.type 
_pdbx_struct_assembly_prop.value 
_pdbx_struct_assembly_prop.details 
1 'ABSA (A^2)' 10910 ? 
1 MORE         -51   ? 
1 'SSA (A^2)'  35800 ? 
# 
loop_
_pdbx_struct_oper_list.id 
_pdbx_struct_oper_list.type 
_pdbx_struct_oper_list.name 
_pdbx_struct_oper_list.symmetry_operation 
_pdbx_struct_oper_list.matrix[1][1] 
_pdbx_struct_oper_list.matrix[1][2] 
_pdbx_struct_oper_list.matrix[1][3] 
_pdbx_struct_oper_list.vector[1] 
_pdbx_struct_oper_list.matrix[2][1] 
_pdbx_struct_oper_list.matrix[2][2] 
_pdbx_struct_oper_list.matrix[2][3] 
_pdbx_struct_oper_list.vector[2] 
_pdbx_struct_oper_list.matrix[3][1] 
_pdbx_struct_oper_list.matrix[3][2] 
_pdbx_struct_oper_list.matrix[3][3] 
_pdbx_struct_oper_list.vector[3] 
1 'identity operation'         1_555 x,y,z   1.0000000000 0.0000000000  0.0000000000 0.0000000000  0.0000000000  1.0000000000  0.0000000000  0.0000000000   0.0000000000 0.0000000000  1.0000000000  0.0000000000   
2 'crystal symmetry operation' 2_555 -x,-y,z 0.0107066221 -0.4829972416 0.8755564133 13.0077597631 -0.4829972416 -0.7691849145 -0.4184115580 -30.9069096642 0.8755564133 -0.4184115580 -0.2415217076 -32.0653022666 
3 'crystal symmetry operation' 3_555 -y,x,z  0.5053533110 -0.8573225780 0.0980613499 -8.4592896728 0.3743253364  0.1154075427  -0.9200878445 -30.8560240307 0.7774950634 0.5016762865  0.3792391462  -7.2565448730  
4 'crystal symmetry operation' 4_555 y,-x,z  0.5053533110 0.3743253364  0.7774950634 21.4670494359 -0.8573225780 0.1154075427  0.5016762865  -0.0508856335  0.0980613499 -0.9200878445 0.3792391462  -24.8087573936 
# 
loop_
_pdbx_audit_revision_history.ordinal 
_pdbx_audit_revision_history.data_content_type 
_pdbx_audit_revision_history.major_revision 
_pdbx_audit_revision_history.minor_revision 
_pdbx_audit_revision_history.revision_date 
1 'Structure model' 1 0 2010-10-13 
2 'Structure model' 1 1 2011-07-13 
3 'Structure model' 1 2 2019-07-17 
4 'Structure model' 1 3 2023-09-06 
# 
_pdbx_audit_revision_details.ordinal             1 
_pdbx_audit_revision_details.revision_ordinal    1 
_pdbx_audit_revision_details.data_content_type   'Structure model' 
_pdbx_audit_revision_details.provider            repository 
_pdbx_audit_revision_details.type                'Initial release' 
_pdbx_audit_revision_details.description         ? 
_pdbx_audit_revision_details.details             ? 
# 
loop_
_pdbx_audit_revision_group.ordinal 
_pdbx_audit_revision_group.revision_ordinal 
_pdbx_audit_revision_group.data_content_type 
_pdbx_audit_revision_group.group 
1 2 'Structure model' 'Version format compliance' 
2 3 'Structure model' 'Data collection'           
3 3 'Structure model' 'Refinement description'    
4 4 'Structure model' 'Data collection'           
5 4 'Structure model' 'Database references'       
6 4 'Structure model' 'Derived calculations'      
7 4 'Structure model' 'Refinement description'    
# 
loop_
_pdbx_audit_revision_category.ordinal 
_pdbx_audit_revision_category.revision_ordinal 
_pdbx_audit_revision_category.data_content_type 
_pdbx_audit_revision_category.category 
1 3 'Structure model' software                      
2 4 'Structure model' chem_comp_atom                
3 4 'Structure model' chem_comp_bond                
4 4 'Structure model' database_2                    
5 4 'Structure model' pdbx_initial_refinement_model 
6 4 'Structure model' struct_ref_seq_dif            
7 4 'Structure model' struct_site                   
# 
loop_
_pdbx_audit_revision_item.ordinal 
_pdbx_audit_revision_item.revision_ordinal 
_pdbx_audit_revision_item.data_content_type 
_pdbx_audit_revision_item.item 
1 3 'Structure model' '_software.classification'            
2 3 'Structure model' '_software.name'                      
3 3 'Structure model' '_software.version'                   
4 4 'Structure model' '_database_2.pdbx_DOI'                
5 4 'Structure model' '_database_2.pdbx_database_accession' 
6 4 'Structure model' '_struct_ref_seq_dif.details'         
7 4 'Structure model' '_struct_site.pdbx_auth_asym_id'      
8 4 'Structure model' '_struct_site.pdbx_auth_comp_id'      
9 4 'Structure model' '_struct_site.pdbx_auth_seq_id'       
# 
loop_
_software.name 
_software.classification 
_software.version 
_software.citation_id 
_software.pdbx_ordinal 
REFMAC   refinement        5.5.0102 ? 1 
PHASER   phasing           .        ? 2 
CNS      refinement        .        ? 3 
HKL-2000 'data collection' .        ? 4 
HKL-2000 'data reduction'  .        ? 5 
HKL-2000 'data scaling'    .        ? 6 
# 
loop_
_pdbx_validate_close_contact.id 
_pdbx_validate_close_contact.PDB_model_num 
_pdbx_validate_close_contact.auth_atom_id_1 
_pdbx_validate_close_contact.auth_asym_id_1 
_pdbx_validate_close_contact.auth_comp_id_1 
_pdbx_validate_close_contact.auth_seq_id_1 
_pdbx_validate_close_contact.PDB_ins_code_1 
_pdbx_validate_close_contact.label_alt_id_1 
_pdbx_validate_close_contact.auth_atom_id_2 
_pdbx_validate_close_contact.auth_asym_id_2 
_pdbx_validate_close_contact.auth_comp_id_2 
_pdbx_validate_close_contact.auth_seq_id_2 
_pdbx_validate_close_contact.PDB_ins_code_2 
_pdbx_validate_close_contact.label_alt_id_2 
_pdbx_validate_close_contact.dist 
1 1 O A ALA 591 ? ? O A HOH 803 ? ? 2.14 
2 1 O A ASP 654 ? ? O A HOH 818 ? ? 2.19 
# 
_pdbx_validate_symm_contact.id                1 
_pdbx_validate_symm_contact.PDB_model_num     1 
_pdbx_validate_symm_contact.auth_atom_id_1    O 
_pdbx_validate_symm_contact.auth_asym_id_1    A 
_pdbx_validate_symm_contact.auth_comp_id_1    LYS 
_pdbx_validate_symm_contact.auth_seq_id_1     716 
_pdbx_validate_symm_contact.PDB_ins_code_1    ? 
_pdbx_validate_symm_contact.label_alt_id_1    ? 
_pdbx_validate_symm_contact.site_symmetry_1   1_555 
_pdbx_validate_symm_contact.auth_atom_id_2    O 
_pdbx_validate_symm_contact.auth_asym_id_2    A 
_pdbx_validate_symm_contact.auth_comp_id_2    LYS 
_pdbx_validate_symm_contact.auth_seq_id_2     716 
_pdbx_validate_symm_contact.PDB_ins_code_2    ? 
_pdbx_validate_symm_contact.label_alt_id_2    ? 
_pdbx_validate_symm_contact.site_symmetry_2   7_555 
_pdbx_validate_symm_contact.dist              2.16 
# 
loop_
_pdbx_validate_torsion.id 
_pdbx_validate_torsion.PDB_model_num 
_pdbx_validate_torsion.auth_comp_id 
_pdbx_validate_torsion.auth_asym_id 
_pdbx_validate_torsion.auth_seq_id 
_pdbx_validate_torsion.PDB_ins_code 
_pdbx_validate_torsion.label_alt_id 
_pdbx_validate_torsion.phi 
_pdbx_validate_torsion.psi 
1 1 ASP A 565 ? ? -119.70 71.74   
2 1 ALA A 597 ? ? -36.21  -34.90  
3 1 LYS A 645 ? ? 29.91   -147.91 
4 1 ASP A 654 ? ? -36.04  127.38  
5 1 TYR A 696 ? ? -118.67 71.71   
6 1 ARG A 713 ? ? -67.88  37.23   
7 1 ILE A 714 ? ? -174.77 -68.36  
8 1 LYS A 716 ? ? -179.65 -80.92  
# 
loop_
_pdbx_unobs_or_zero_occ_atoms.id 
_pdbx_unobs_or_zero_occ_atoms.PDB_model_num 
_pdbx_unobs_or_zero_occ_atoms.polymer_flag 
_pdbx_unobs_or_zero_occ_atoms.occupancy_flag 
_pdbx_unobs_or_zero_occ_atoms.auth_asym_id 
_pdbx_unobs_or_zero_occ_atoms.auth_comp_id 
_pdbx_unobs_or_zero_occ_atoms.auth_seq_id 
_pdbx_unobs_or_zero_occ_atoms.PDB_ins_code 
_pdbx_unobs_or_zero_occ_atoms.auth_atom_id 
_pdbx_unobs_or_zero_occ_atoms.label_alt_id 
_pdbx_unobs_or_zero_occ_atoms.label_asym_id 
_pdbx_unobs_or_zero_occ_atoms.label_comp_id 
_pdbx_unobs_or_zero_occ_atoms.label_seq_id 
_pdbx_unobs_or_zero_occ_atoms.label_atom_id 
1  1 Y 1 A GLN 526 ? CG  ? A GLN 7   CG  
2  1 Y 1 A GLN 526 ? CD  ? A GLN 7   CD  
3  1 Y 1 A GLN 526 ? OE1 ? A GLN 7   OE1 
4  1 Y 1 A GLN 526 ? NE2 ? A GLN 7   NE2 
5  1 Y 1 A GLU 529 ? CG  ? A GLU 10  CG  
6  1 Y 1 A GLU 529 ? CD  ? A GLU 10  CD  
7  1 Y 1 A GLU 529 ? OE1 ? A GLU 10  OE1 
8  1 Y 1 A GLU 529 ? OE2 ? A GLU 10  OE2 
9  1 Y 1 A LYS 530 ? CG  ? A LYS 11  CG  
10 1 Y 1 A LYS 530 ? CD  ? A LYS 11  CD  
11 1 Y 1 A LYS 530 ? CE  ? A LYS 11  CE  
12 1 Y 1 A LYS 530 ? NZ  ? A LYS 11  NZ  
13 1 Y 1 A LYS 532 ? CG  ? A LYS 13  CG  
14 1 Y 1 A LYS 532 ? CD  ? A LYS 13  CD  
15 1 Y 1 A LYS 532 ? CE  ? A LYS 13  CE  
16 1 Y 1 A LYS 532 ? NZ  ? A LYS 13  NZ  
17 1 Y 1 A GLU 535 ? CG  ? A GLU 16  CG  
18 1 Y 1 A GLU 535 ? CD  ? A GLU 16  CD  
19 1 Y 1 A GLU 535 ? OE1 ? A GLU 16  OE1 
20 1 Y 1 A GLU 535 ? OE2 ? A GLU 16  OE2 
21 1 Y 1 A LYS 542 ? CG  ? A LYS 23  CG  
22 1 Y 1 A LYS 542 ? CD  ? A LYS 23  CD  
23 1 Y 1 A LYS 542 ? CE  ? A LYS 23  CE  
24 1 Y 1 A LYS 542 ? NZ  ? A LYS 23  NZ  
25 1 Y 1 A LYS 562 ? CG  ? A LYS 43  CG  
26 1 Y 1 A LYS 562 ? CD  ? A LYS 43  CD  
27 1 Y 1 A LYS 562 ? CE  ? A LYS 43  CE  
28 1 Y 1 A LYS 562 ? NZ  ? A LYS 43  NZ  
29 1 Y 1 A GLU 567 ? CG  ? A GLU 48  CG  
30 1 Y 1 A GLU 567 ? CD  ? A GLU 48  CD  
31 1 Y 1 A GLU 567 ? OE1 ? A GLU 48  OE1 
32 1 Y 1 A GLU 567 ? OE2 ? A GLU 48  OE2 
33 1 Y 1 A LYS 630 ? CG  ? A LYS 111 CG  
34 1 Y 1 A LYS 630 ? CD  ? A LYS 111 CD  
35 1 Y 1 A LYS 630 ? CE  ? A LYS 111 CE  
36 1 Y 1 A LYS 630 ? NZ  ? A LYS 111 NZ  
37 1 Y 1 A THR 644 ? OG1 ? A THR 125 OG1 
38 1 Y 1 A THR 644 ? CG2 ? A THR 125 CG2 
39 1 Y 1 A LYS 645 ? CG  ? A LYS 126 CG  
40 1 Y 1 A LYS 645 ? CD  ? A LYS 126 CD  
41 1 Y 1 A LYS 645 ? CE  ? A LYS 126 CE  
42 1 Y 1 A LYS 645 ? NZ  ? A LYS 126 NZ  
43 1 Y 1 A ASN 647 ? CG  ? A ASN 128 CG  
44 1 Y 1 A ASN 647 ? OD1 ? A ASN 128 OD1 
45 1 Y 1 A ASN 647 ? ND2 ? A ASN 128 ND2 
46 1 Y 1 A LYS 648 ? CG  ? A LYS 129 CG  
47 1 Y 1 A LYS 648 ? CD  ? A LYS 129 CD  
48 1 Y 1 A LYS 648 ? CE  ? A LYS 129 CE  
49 1 Y 1 A LYS 648 ? NZ  ? A LYS 129 NZ  
50 1 Y 1 A ARG 713 ? CB  ? A ARG 194 CB  
51 1 Y 1 A ARG 713 ? CG  ? A ARG 194 CG  
52 1 Y 1 A ARG 713 ? CD  ? A ARG 194 CD  
53 1 Y 1 A ARG 713 ? NE  ? A ARG 194 NE  
54 1 Y 1 A ARG 713 ? CZ  ? A ARG 194 CZ  
55 1 Y 1 A ARG 713 ? NH1 ? A ARG 194 NH1 
56 1 Y 1 A ARG 713 ? NH2 ? A ARG 194 NH2 
57 1 Y 1 A ILE 714 ? CB  ? A ILE 195 CB  
58 1 Y 1 A ILE 714 ? CG1 ? A ILE 195 CG1 
59 1 Y 1 A ILE 714 ? CG2 ? A ILE 195 CG2 
60 1 Y 1 A ILE 714 ? CD1 ? A ILE 195 CD1 
61 1 Y 1 A LYS 716 ? CB  ? A LYS 197 CB  
62 1 Y 1 A LYS 716 ? CG  ? A LYS 197 CG  
63 1 Y 1 A LYS 716 ? CD  ? A LYS 197 CD  
64 1 Y 1 A LYS 716 ? CE  ? A LYS 197 CE  
65 1 Y 1 A LYS 716 ? NZ  ? A LYS 197 NZ  
66 1 Y 1 A LYS 717 ? CB  ? A LYS 198 CB  
67 1 Y 1 A LYS 717 ? CG  ? A LYS 198 CG  
68 1 Y 1 A LYS 717 ? CD  ? A LYS 198 CD  
69 1 Y 1 A LYS 717 ? CE  ? A LYS 198 CE  
70 1 Y 1 A LYS 717 ? NZ  ? A LYS 198 NZ  
# 
loop_
_pdbx_unobs_or_zero_occ_residues.id 
_pdbx_unobs_or_zero_occ_residues.PDB_model_num 
_pdbx_unobs_or_zero_occ_residues.polymer_flag 
_pdbx_unobs_or_zero_occ_residues.occupancy_flag 
_pdbx_unobs_or_zero_occ_residues.auth_asym_id 
_pdbx_unobs_or_zero_occ_residues.auth_comp_id 
_pdbx_unobs_or_zero_occ_residues.auth_seq_id 
_pdbx_unobs_or_zero_occ_residues.PDB_ins_code 
_pdbx_unobs_or_zero_occ_residues.label_asym_id 
_pdbx_unobs_or_zero_occ_residues.label_comp_id 
_pdbx_unobs_or_zero_occ_residues.label_seq_id 
1  1 Y 1 A SER 520 ? A SER 1   
2  1 Y 1 A ASN 718 ? A ASN 199 
3  1 Y 1 A SER 719 ? A SER 200 
4  1 Y 1 A ILE 720 ? A ILE 201 
5  1 Y 1 A LEU 721 ? A LEU 202 
6  1 Y 1 A LEU 722 ? A LEU 203 
7  1 Y 1 A HIS 723 ? A HIS 204 
8  1 Y 1 A LYS 724 ? A LYS 205 
9  1 Y 1 A VAL 725 ? A VAL 206 
10 1 Y 1 A GLN 726 ? A GLN 207 
11 1 Y 1 A HIS 727 ? A HIS 208 
12 1 Y 1 A ASP 728 ? A ASP 209 
13 1 Y 1 A LEU 729 ? A LEU 210 
14 1 Y 1 A ASN 730 ? A ASN 211 
15 1 Y 1 A SER 731 ? A SER 212 
16 1 Y 1 A GLY 732 ? A GLY 213 
17 1 Y 1 A VAL 733 ? A VAL 214 
18 1 Y 1 A PHE 734 ? A PHE 215 
19 1 Y 1 A ASN 735 ? A ASN 216 
20 1 Y 1 A TYR 736 ? A TYR 217 
21 1 Y 1 A GLN 737 ? A GLN 218 
22 1 Y 1 A GLU 738 ? A GLU 219 
23 1 Y 1 A ASN 739 ? A ASN 220 
# 
loop_
_chem_comp_atom.comp_id 
_chem_comp_atom.atom_id 
_chem_comp_atom.type_symbol 
_chem_comp_atom.pdbx_aromatic_flag 
_chem_comp_atom.pdbx_stereo_config 
_chem_comp_atom.pdbx_ordinal 
ALA N      N N N 1   
ALA CA     C N S 2   
ALA C      C N N 3   
ALA O      O N N 4   
ALA CB     C N N 5   
ALA OXT    O N N 6   
ALA H      H N N 7   
ALA H2     H N N 8   
ALA HA     H N N 9   
ALA HB1    H N N 10  
ALA HB2    H N N 11  
ALA HB3    H N N 12  
ALA HXT    H N N 13  
ARG N      N N N 14  
ARG CA     C N S 15  
ARG C      C N N 16  
ARG O      O N N 17  
ARG CB     C N N 18  
ARG CG     C N N 19  
ARG CD     C N N 20  
ARG NE     N N N 21  
ARG CZ     C N N 22  
ARG NH1    N N N 23  
ARG NH2    N N N 24  
ARG OXT    O N N 25  
ARG H      H N N 26  
ARG H2     H N N 27  
ARG HA     H N N 28  
ARG HB2    H N N 29  
ARG HB3    H N N 30  
ARG HG2    H N N 31  
ARG HG3    H N N 32  
ARG HD2    H N N 33  
ARG HD3    H N N 34  
ARG HE     H N N 35  
ARG HH11   H N N 36  
ARG HH12   H N N 37  
ARG HH21   H N N 38  
ARG HH22   H N N 39  
ARG HXT    H N N 40  
ASN N      N N N 41  
ASN CA     C N S 42  
ASN C      C N N 43  
ASN O      O N N 44  
ASN CB     C N N 45  
ASN CG     C N N 46  
ASN OD1    O N N 47  
ASN ND2    N N N 48  
ASN OXT    O N N 49  
ASN H      H N N 50  
ASN H2     H N N 51  
ASN HA     H N N 52  
ASN HB2    H N N 53  
ASN HB3    H N N 54  
ASN HD21   H N N 55  
ASN HD22   H N N 56  
ASN HXT    H N N 57  
ASP N      N N N 58  
ASP CA     C N S 59  
ASP C      C N N 60  
ASP O      O N N 61  
ASP CB     C N N 62  
ASP CG     C N N 63  
ASP OD1    O N N 64  
ASP OD2    O N N 65  
ASP OXT    O N N 66  
ASP H      H N N 67  
ASP H2     H N N 68  
ASP HA     H N N 69  
ASP HB2    H N N 70  
ASP HB3    H N N 71  
ASP HD2    H N N 72  
ASP HXT    H N N 73  
CMP P      P N R 74  
CMP O1P    O N N 75  
CMP O2P    O N N 76  
CMP "O5'"  O N N 77  
CMP "C5'"  C N N 78  
CMP "C4'"  C N R 79  
CMP "O4'"  O N N 80  
CMP "C3'"  C N S 81  
CMP "O3'"  O N N 82  
CMP "C2'"  C N R 83  
CMP "O2'"  O N N 84  
CMP "C1'"  C N R 85  
CMP N9     N Y N 86  
CMP C8     C Y N 87  
CMP N7     N Y N 88  
CMP C5     C Y N 89  
CMP C6     C Y N 90  
CMP N6     N N N 91  
CMP N1     N Y N 92  
CMP C2     C Y N 93  
CMP N3     N Y N 94  
CMP C4     C Y N 95  
CMP HOP2   H N N 96  
CMP "H5'1" H N N 97  
CMP "H5'2" H N N 98  
CMP "H4'"  H N N 99  
CMP "H3'"  H N N 100 
CMP "H2'"  H N N 101 
CMP "HO2'" H N N 102 
CMP "H1'"  H N N 103 
CMP H8     H N N 104 
CMP HN61   H N N 105 
CMP HN62   H N N 106 
CMP H2     H N N 107 
CYS N      N N N 108 
CYS CA     C N R 109 
CYS C      C N N 110 
CYS O      O N N 111 
CYS CB     C N N 112 
CYS SG     S N N 113 
CYS OXT    O N N 114 
CYS H      H N N 115 
CYS H2     H N N 116 
CYS HA     H N N 117 
CYS HB2    H N N 118 
CYS HB3    H N N 119 
CYS HG     H N N 120 
CYS HXT    H N N 121 
GLN N      N N N 122 
GLN CA     C N S 123 
GLN C      C N N 124 
GLN O      O N N 125 
GLN CB     C N N 126 
GLN CG     C N N 127 
GLN CD     C N N 128 
GLN OE1    O N N 129 
GLN NE2    N N N 130 
GLN OXT    O N N 131 
GLN H      H N N 132 
GLN H2     H N N 133 
GLN HA     H N N 134 
GLN HB2    H N N 135 
GLN HB3    H N N 136 
GLN HG2    H N N 137 
GLN HG3    H N N 138 
GLN HE21   H N N 139 
GLN HE22   H N N 140 
GLN HXT    H N N 141 
GLU N      N N N 142 
GLU CA     C N S 143 
GLU C      C N N 144 
GLU O      O N N 145 
GLU CB     C N N 146 
GLU CG     C N N 147 
GLU CD     C N N 148 
GLU OE1    O N N 149 
GLU OE2    O N N 150 
GLU OXT    O N N 151 
GLU H      H N N 152 
GLU H2     H N N 153 
GLU HA     H N N 154 
GLU HB2    H N N 155 
GLU HB3    H N N 156 
GLU HG2    H N N 157 
GLU HG3    H N N 158 
GLU HE2    H N N 159 
GLU HXT    H N N 160 
GLY N      N N N 161 
GLY CA     C N N 162 
GLY C      C N N 163 
GLY O      O N N 164 
GLY OXT    O N N 165 
GLY H      H N N 166 
GLY H2     H N N 167 
GLY HA2    H N N 168 
GLY HA3    H N N 169 
GLY HXT    H N N 170 
HIS N      N N N 171 
HIS CA     C N S 172 
HIS C      C N N 173 
HIS O      O N N 174 
HIS CB     C N N 175 
HIS CG     C Y N 176 
HIS ND1    N Y N 177 
HIS CD2    C Y N 178 
HIS CE1    C Y N 179 
HIS NE2    N Y N 180 
HIS OXT    O N N 181 
HIS H      H N N 182 
HIS H2     H N N 183 
HIS HA     H N N 184 
HIS HB2    H N N 185 
HIS HB3    H N N 186 
HIS HD1    H N N 187 
HIS HD2    H N N 188 
HIS HE1    H N N 189 
HIS HE2    H N N 190 
HIS HXT    H N N 191 
HOH O      O N N 192 
HOH H1     H N N 193 
HOH H2     H N N 194 
ILE N      N N N 195 
ILE CA     C N S 196 
ILE C      C N N 197 
ILE O      O N N 198 
ILE CB     C N S 199 
ILE CG1    C N N 200 
ILE CG2    C N N 201 
ILE CD1    C N N 202 
ILE OXT    O N N 203 
ILE H      H N N 204 
ILE H2     H N N 205 
ILE HA     H N N 206 
ILE HB     H N N 207 
ILE HG12   H N N 208 
ILE HG13   H N N 209 
ILE HG21   H N N 210 
ILE HG22   H N N 211 
ILE HG23   H N N 212 
ILE HD11   H N N 213 
ILE HD12   H N N 214 
ILE HD13   H N N 215 
ILE HXT    H N N 216 
LEU N      N N N 217 
LEU CA     C N S 218 
LEU C      C N N 219 
LEU O      O N N 220 
LEU CB     C N N 221 
LEU CG     C N N 222 
LEU CD1    C N N 223 
LEU CD2    C N N 224 
LEU OXT    O N N 225 
LEU H      H N N 226 
LEU H2     H N N 227 
LEU HA     H N N 228 
LEU HB2    H N N 229 
LEU HB3    H N N 230 
LEU HG     H N N 231 
LEU HD11   H N N 232 
LEU HD12   H N N 233 
LEU HD13   H N N 234 
LEU HD21   H N N 235 
LEU HD22   H N N 236 
LEU HD23   H N N 237 
LEU HXT    H N N 238 
LYS N      N N N 239 
LYS CA     C N S 240 
LYS C      C N N 241 
LYS O      O N N 242 
LYS CB     C N N 243 
LYS CG     C N N 244 
LYS CD     C N N 245 
LYS CE     C N N 246 
LYS NZ     N N N 247 
LYS OXT    O N N 248 
LYS H      H N N 249 
LYS H2     H N N 250 
LYS HA     H N N 251 
LYS HB2    H N N 252 
LYS HB3    H N N 253 
LYS HG2    H N N 254 
LYS HG3    H N N 255 
LYS HD2    H N N 256 
LYS HD3    H N N 257 
LYS HE2    H N N 258 
LYS HE3    H N N 259 
LYS HZ1    H N N 260 
LYS HZ2    H N N 261 
LYS HZ3    H N N 262 
LYS HXT    H N N 263 
MET N      N N N 264 
MET CA     C N S 265 
MET C      C N N 266 
MET O      O N N 267 
MET CB     C N N 268 
MET CG     C N N 269 
MET SD     S N N 270 
MET CE     C N N 271 
MET OXT    O N N 272 
MET H      H N N 273 
MET H2     H N N 274 
MET HA     H N N 275 
MET HB2    H N N 276 
MET HB3    H N N 277 
MET HG2    H N N 278 
MET HG3    H N N 279 
MET HE1    H N N 280 
MET HE2    H N N 281 
MET HE3    H N N 282 
MET HXT    H N N 283 
PHE N      N N N 284 
PHE CA     C N S 285 
PHE C      C N N 286 
PHE O      O N N 287 
PHE CB     C N N 288 
PHE CG     C Y N 289 
PHE CD1    C Y N 290 
PHE CD2    C Y N 291 
PHE CE1    C Y N 292 
PHE CE2    C Y N 293 
PHE CZ     C Y N 294 
PHE OXT    O N N 295 
PHE H      H N N 296 
PHE H2     H N N 297 
PHE HA     H N N 298 
PHE HB2    H N N 299 
PHE HB3    H N N 300 
PHE HD1    H N N 301 
PHE HD2    H N N 302 
PHE HE1    H N N 303 
PHE HE2    H N N 304 
PHE HZ     H N N 305 
PHE HXT    H N N 306 
PRO N      N N N 307 
PRO CA     C N S 308 
PRO C      C N N 309 
PRO O      O N N 310 
PRO CB     C N N 311 
PRO CG     C N N 312 
PRO CD     C N N 313 
PRO OXT    O N N 314 
PRO H      H N N 315 
PRO HA     H N N 316 
PRO HB2    H N N 317 
PRO HB3    H N N 318 
PRO HG2    H N N 319 
PRO HG3    H N N 320 
PRO HD2    H N N 321 
PRO HD3    H N N 322 
PRO HXT    H N N 323 
SER N      N N N 324 
SER CA     C N S 325 
SER C      C N N 326 
SER O      O N N 327 
SER CB     C N N 328 
SER OG     O N N 329 
SER OXT    O N N 330 
SER H      H N N 331 
SER H2     H N N 332 
SER HA     H N N 333 
SER HB2    H N N 334 
SER HB3    H N N 335 
SER HG     H N N 336 
SER HXT    H N N 337 
THR N      N N N 338 
THR CA     C N S 339 
THR C      C N N 340 
THR O      O N N 341 
THR CB     C N R 342 
THR OG1    O N N 343 
THR CG2    C N N 344 
THR OXT    O N N 345 
THR H      H N N 346 
THR H2     H N N 347 
THR HA     H N N 348 
THR HB     H N N 349 
THR HG1    H N N 350 
THR HG21   H N N 351 
THR HG22   H N N 352 
THR HG23   H N N 353 
THR HXT    H N N 354 
TYR N      N N N 355 
TYR CA     C N S 356 
TYR C      C N N 357 
TYR O      O N N 358 
TYR CB     C N N 359 
TYR CG     C Y N 360 
TYR CD1    C Y N 361 
TYR CD2    C Y N 362 
TYR CE1    C Y N 363 
TYR CE2    C Y N 364 
TYR CZ     C Y N 365 
TYR OH     O N N 366 
TYR OXT    O N N 367 
TYR H      H N N 368 
TYR H2     H N N 369 
TYR HA     H N N 370 
TYR HB2    H N N 371 
TYR HB3    H N N 372 
TYR HD1    H N N 373 
TYR HD2    H N N 374 
TYR HE1    H N N 375 
TYR HE2    H N N 376 
TYR HH     H N N 377 
TYR HXT    H N N 378 
VAL N      N N N 379 
VAL CA     C N S 380 
VAL C      C N N 381 
VAL O      O N N 382 
VAL CB     C N N 383 
VAL CG1    C N N 384 
VAL CG2    C N N 385 
VAL OXT    O N N 386 
VAL H      H N N 387 
VAL H2     H N N 388 
VAL HA     H N N 389 
VAL HB     H N N 390 
VAL HG11   H N N 391 
VAL HG12   H N N 392 
VAL HG13   H N N 393 
VAL HG21   H N N 394 
VAL HG22   H N N 395 
VAL HG23   H N N 396 
VAL HXT    H N N 397 
# 
loop_
_chem_comp_bond.comp_id 
_chem_comp_bond.atom_id_1 
_chem_comp_bond.atom_id_2 
_chem_comp_bond.value_order 
_chem_comp_bond.pdbx_aromatic_flag 
_chem_comp_bond.pdbx_stereo_config 
_chem_comp_bond.pdbx_ordinal 
ALA N     CA     sing N N 1   
ALA N     H      sing N N 2   
ALA N     H2     sing N N 3   
ALA CA    C      sing N N 4   
ALA CA    CB     sing N N 5   
ALA CA    HA     sing N N 6   
ALA C     O      doub N N 7   
ALA C     OXT    sing N N 8   
ALA CB    HB1    sing N N 9   
ALA CB    HB2    sing N N 10  
ALA CB    HB3    sing N N 11  
ALA OXT   HXT    sing N N 12  
ARG N     CA     sing N N 13  
ARG N     H      sing N N 14  
ARG N     H2     sing N N 15  
ARG CA    C      sing N N 16  
ARG CA    CB     sing N N 17  
ARG CA    HA     sing N N 18  
ARG C     O      doub N N 19  
ARG C     OXT    sing N N 20  
ARG CB    CG     sing N N 21  
ARG CB    HB2    sing N N 22  
ARG CB    HB3    sing N N 23  
ARG CG    CD     sing N N 24  
ARG CG    HG2    sing N N 25  
ARG CG    HG3    sing N N 26  
ARG CD    NE     sing N N 27  
ARG CD    HD2    sing N N 28  
ARG CD    HD3    sing N N 29  
ARG NE    CZ     sing N N 30  
ARG NE    HE     sing N N 31  
ARG CZ    NH1    sing N N 32  
ARG CZ    NH2    doub N N 33  
ARG NH1   HH11   sing N N 34  
ARG NH1   HH12   sing N N 35  
ARG NH2   HH21   sing N N 36  
ARG NH2   HH22   sing N N 37  
ARG OXT   HXT    sing N N 38  
ASN N     CA     sing N N 39  
ASN N     H      sing N N 40  
ASN N     H2     sing N N 41  
ASN CA    C      sing N N 42  
ASN CA    CB     sing N N 43  
ASN CA    HA     sing N N 44  
ASN C     O      doub N N 45  
ASN C     OXT    sing N N 46  
ASN CB    CG     sing N N 47  
ASN CB    HB2    sing N N 48  
ASN CB    HB3    sing N N 49  
ASN CG    OD1    doub N N 50  
ASN CG    ND2    sing N N 51  
ASN ND2   HD21   sing N N 52  
ASN ND2   HD22   sing N N 53  
ASN OXT   HXT    sing N N 54  
ASP N     CA     sing N N 55  
ASP N     H      sing N N 56  
ASP N     H2     sing N N 57  
ASP CA    C      sing N N 58  
ASP CA    CB     sing N N 59  
ASP CA    HA     sing N N 60  
ASP C     O      doub N N 61  
ASP C     OXT    sing N N 62  
ASP CB    CG     sing N N 63  
ASP CB    HB2    sing N N 64  
ASP CB    HB3    sing N N 65  
ASP CG    OD1    doub N N 66  
ASP CG    OD2    sing N N 67  
ASP OD2   HD2    sing N N 68  
ASP OXT   HXT    sing N N 69  
CMP P     O1P    doub N N 70  
CMP P     O2P    sing N N 71  
CMP P     "O5'"  sing N N 72  
CMP P     "O3'"  sing N N 73  
CMP O2P   HOP2   sing N N 74  
CMP "O5'" "C5'"  sing N N 75  
CMP "C5'" "C4'"  sing N N 76  
CMP "C5'" "H5'1" sing N N 77  
CMP "C5'" "H5'2" sing N N 78  
CMP "C4'" "O4'"  sing N N 79  
CMP "C4'" "C3'"  sing N N 80  
CMP "C4'" "H4'"  sing N N 81  
CMP "O4'" "C1'"  sing N N 82  
CMP "C3'" "O3'"  sing N N 83  
CMP "C3'" "C2'"  sing N N 84  
CMP "C3'" "H3'"  sing N N 85  
CMP "C2'" "O2'"  sing N N 86  
CMP "C2'" "C1'"  sing N N 87  
CMP "C2'" "H2'"  sing N N 88  
CMP "O2'" "HO2'" sing N N 89  
CMP "C1'" N9     sing N N 90  
CMP "C1'" "H1'"  sing N N 91  
CMP N9    C8     sing Y N 92  
CMP N9    C4     sing Y N 93  
CMP C8    N7     doub Y N 94  
CMP C8    H8     sing N N 95  
CMP N7    C5     sing Y N 96  
CMP C5    C6     sing Y N 97  
CMP C5    C4     doub Y N 98  
CMP C6    N6     sing N N 99  
CMP C6    N1     doub Y N 100 
CMP N6    HN61   sing N N 101 
CMP N6    HN62   sing N N 102 
CMP N1    C2     sing Y N 103 
CMP C2    N3     doub Y N 104 
CMP C2    H2     sing N N 105 
CMP N3    C4     sing Y N 106 
CYS N     CA     sing N N 107 
CYS N     H      sing N N 108 
CYS N     H2     sing N N 109 
CYS CA    C      sing N N 110 
CYS CA    CB     sing N N 111 
CYS CA    HA     sing N N 112 
CYS C     O      doub N N 113 
CYS C     OXT    sing N N 114 
CYS CB    SG     sing N N 115 
CYS CB    HB2    sing N N 116 
CYS CB    HB3    sing N N 117 
CYS SG    HG     sing N N 118 
CYS OXT   HXT    sing N N 119 
GLN N     CA     sing N N 120 
GLN N     H      sing N N 121 
GLN N     H2     sing N N 122 
GLN CA    C      sing N N 123 
GLN CA    CB     sing N N 124 
GLN CA    HA     sing N N 125 
GLN C     O      doub N N 126 
GLN C     OXT    sing N N 127 
GLN CB    CG     sing N N 128 
GLN CB    HB2    sing N N 129 
GLN CB    HB3    sing N N 130 
GLN CG    CD     sing N N 131 
GLN CG    HG2    sing N N 132 
GLN CG    HG3    sing N N 133 
GLN CD    OE1    doub N N 134 
GLN CD    NE2    sing N N 135 
GLN NE2   HE21   sing N N 136 
GLN NE2   HE22   sing N N 137 
GLN OXT   HXT    sing N N 138 
GLU N     CA     sing N N 139 
GLU N     H      sing N N 140 
GLU N     H2     sing N N 141 
GLU CA    C      sing N N 142 
GLU CA    CB     sing N N 143 
GLU CA    HA     sing N N 144 
GLU C     O      doub N N 145 
GLU C     OXT    sing N N 146 
GLU CB    CG     sing N N 147 
GLU CB    HB2    sing N N 148 
GLU CB    HB3    sing N N 149 
GLU CG    CD     sing N N 150 
GLU CG    HG2    sing N N 151 
GLU CG    HG3    sing N N 152 
GLU CD    OE1    doub N N 153 
GLU CD    OE2    sing N N 154 
GLU OE2   HE2    sing N N 155 
GLU OXT   HXT    sing N N 156 
GLY N     CA     sing N N 157 
GLY N     H      sing N N 158 
GLY N     H2     sing N N 159 
GLY CA    C      sing N N 160 
GLY CA    HA2    sing N N 161 
GLY CA    HA3    sing N N 162 
GLY C     O      doub N N 163 
GLY C     OXT    sing N N 164 
GLY OXT   HXT    sing N N 165 
HIS N     CA     sing N N 166 
HIS N     H      sing N N 167 
HIS N     H2     sing N N 168 
HIS CA    C      sing N N 169 
HIS CA    CB     sing N N 170 
HIS CA    HA     sing N N 171 
HIS C     O      doub N N 172 
HIS C     OXT    sing N N 173 
HIS CB    CG     sing N N 174 
HIS CB    HB2    sing N N 175 
HIS CB    HB3    sing N N 176 
HIS CG    ND1    sing Y N 177 
HIS CG    CD2    doub Y N 178 
HIS ND1   CE1    doub Y N 179 
HIS ND1   HD1    sing N N 180 
HIS CD2   NE2    sing Y N 181 
HIS CD2   HD2    sing N N 182 
HIS CE1   NE2    sing Y N 183 
HIS CE1   HE1    sing N N 184 
HIS NE2   HE2    sing N N 185 
HIS OXT   HXT    sing N N 186 
HOH O     H1     sing N N 187 
HOH O     H2     sing N N 188 
ILE N     CA     sing N N 189 
ILE N     H      sing N N 190 
ILE N     H2     sing N N 191 
ILE CA    C      sing N N 192 
ILE CA    CB     sing N N 193 
ILE CA    HA     sing N N 194 
ILE C     O      doub N N 195 
ILE C     OXT    sing N N 196 
ILE CB    CG1    sing N N 197 
ILE CB    CG2    sing N N 198 
ILE CB    HB     sing N N 199 
ILE CG1   CD1    sing N N 200 
ILE CG1   HG12   sing N N 201 
ILE CG1   HG13   sing N N 202 
ILE CG2   HG21   sing N N 203 
ILE CG2   HG22   sing N N 204 
ILE CG2   HG23   sing N N 205 
ILE CD1   HD11   sing N N 206 
ILE CD1   HD12   sing N N 207 
ILE CD1   HD13   sing N N 208 
ILE OXT   HXT    sing N N 209 
LEU N     CA     sing N N 210 
LEU N     H      sing N N 211 
LEU N     H2     sing N N 212 
LEU CA    C      sing N N 213 
LEU CA    CB     sing N N 214 
LEU CA    HA     sing N N 215 
LEU C     O      doub N N 216 
LEU C     OXT    sing N N 217 
LEU CB    CG     sing N N 218 
LEU CB    HB2    sing N N 219 
LEU CB    HB3    sing N N 220 
LEU CG    CD1    sing N N 221 
LEU CG    CD2    sing N N 222 
LEU CG    HG     sing N N 223 
LEU CD1   HD11   sing N N 224 
LEU CD1   HD12   sing N N 225 
LEU CD1   HD13   sing N N 226 
LEU CD2   HD21   sing N N 227 
LEU CD2   HD22   sing N N 228 
LEU CD2   HD23   sing N N 229 
LEU OXT   HXT    sing N N 230 
LYS N     CA     sing N N 231 
LYS N     H      sing N N 232 
LYS N     H2     sing N N 233 
LYS CA    C      sing N N 234 
LYS CA    CB     sing N N 235 
LYS CA    HA     sing N N 236 
LYS C     O      doub N N 237 
LYS C     OXT    sing N N 238 
LYS CB    CG     sing N N 239 
LYS CB    HB2    sing N N 240 
LYS CB    HB3    sing N N 241 
LYS CG    CD     sing N N 242 
LYS CG    HG2    sing N N 243 
LYS CG    HG3    sing N N 244 
LYS CD    CE     sing N N 245 
LYS CD    HD2    sing N N 246 
LYS CD    HD3    sing N N 247 
LYS CE    NZ     sing N N 248 
LYS CE    HE2    sing N N 249 
LYS CE    HE3    sing N N 250 
LYS NZ    HZ1    sing N N 251 
LYS NZ    HZ2    sing N N 252 
LYS NZ    HZ3    sing N N 253 
LYS OXT   HXT    sing N N 254 
MET N     CA     sing N N 255 
MET N     H      sing N N 256 
MET N     H2     sing N N 257 
MET CA    C      sing N N 258 
MET CA    CB     sing N N 259 
MET CA    HA     sing N N 260 
MET C     O      doub N N 261 
MET C     OXT    sing N N 262 
MET CB    CG     sing N N 263 
MET CB    HB2    sing N N 264 
MET CB    HB3    sing N N 265 
MET CG    SD     sing N N 266 
MET CG    HG2    sing N N 267 
MET CG    HG3    sing N N 268 
MET SD    CE     sing N N 269 
MET CE    HE1    sing N N 270 
MET CE    HE2    sing N N 271 
MET CE    HE3    sing N N 272 
MET OXT   HXT    sing N N 273 
PHE N     CA     sing N N 274 
PHE N     H      sing N N 275 
PHE N     H2     sing N N 276 
PHE CA    C      sing N N 277 
PHE CA    CB     sing N N 278 
PHE CA    HA     sing N N 279 
PHE C     O      doub N N 280 
PHE C     OXT    sing N N 281 
PHE CB    CG     sing N N 282 
PHE CB    HB2    sing N N 283 
PHE CB    HB3    sing N N 284 
PHE CG    CD1    doub Y N 285 
PHE CG    CD2    sing Y N 286 
PHE CD1   CE1    sing Y N 287 
PHE CD1   HD1    sing N N 288 
PHE CD2   CE2    doub Y N 289 
PHE CD2   HD2    sing N N 290 
PHE CE1   CZ     doub Y N 291 
PHE CE1   HE1    sing N N 292 
PHE CE2   CZ     sing Y N 293 
PHE CE2   HE2    sing N N 294 
PHE CZ    HZ     sing N N 295 
PHE OXT   HXT    sing N N 296 
PRO N     CA     sing N N 297 
PRO N     CD     sing N N 298 
PRO N     H      sing N N 299 
PRO CA    C      sing N N 300 
PRO CA    CB     sing N N 301 
PRO CA    HA     sing N N 302 
PRO C     O      doub N N 303 
PRO C     OXT    sing N N 304 
PRO CB    CG     sing N N 305 
PRO CB    HB2    sing N N 306 
PRO CB    HB3    sing N N 307 
PRO CG    CD     sing N N 308 
PRO CG    HG2    sing N N 309 
PRO CG    HG3    sing N N 310 
PRO CD    HD2    sing N N 311 
PRO CD    HD3    sing N N 312 
PRO OXT   HXT    sing N N 313 
SER N     CA     sing N N 314 
SER N     H      sing N N 315 
SER N     H2     sing N N 316 
SER CA    C      sing N N 317 
SER CA    CB     sing N N 318 
SER CA    HA     sing N N 319 
SER C     O      doub N N 320 
SER C     OXT    sing N N 321 
SER CB    OG     sing N N 322 
SER CB    HB2    sing N N 323 
SER CB    HB3    sing N N 324 
SER OG    HG     sing N N 325 
SER OXT   HXT    sing N N 326 
THR N     CA     sing N N 327 
THR N     H      sing N N 328 
THR N     H2     sing N N 329 
THR CA    C      sing N N 330 
THR CA    CB     sing N N 331 
THR CA    HA     sing N N 332 
THR C     O      doub N N 333 
THR C     OXT    sing N N 334 
THR CB    OG1    sing N N 335 
THR CB    CG2    sing N N 336 
THR CB    HB     sing N N 337 
THR OG1   HG1    sing N N 338 
THR CG2   HG21   sing N N 339 
THR CG2   HG22   sing N N 340 
THR CG2   HG23   sing N N 341 
THR OXT   HXT    sing N N 342 
TYR N     CA     sing N N 343 
TYR N     H      sing N N 344 
TYR N     H2     sing N N 345 
TYR CA    C      sing N N 346 
TYR CA    CB     sing N N 347 
TYR CA    HA     sing N N 348 
TYR C     O      doub N N 349 
TYR C     OXT    sing N N 350 
TYR CB    CG     sing N N 351 
TYR CB    HB2    sing N N 352 
TYR CB    HB3    sing N N 353 
TYR CG    CD1    doub Y N 354 
TYR CG    CD2    sing Y N 355 
TYR CD1   CE1    sing Y N 356 
TYR CD1   HD1    sing N N 357 
TYR CD2   CE2    doub Y N 358 
TYR CD2   HD2    sing N N 359 
TYR CE1   CZ     doub Y N 360 
TYR CE1   HE1    sing N N 361 
TYR CE2   CZ     sing Y N 362 
TYR CE2   HE2    sing N N 363 
TYR CZ    OH     sing N N 364 
TYR OH    HH     sing N N 365 
TYR OXT   HXT    sing N N 366 
VAL N     CA     sing N N 367 
VAL N     H      sing N N 368 
VAL N     H2     sing N N 369 
VAL CA    C      sing N N 370 
VAL CA    CB     sing N N 371 
VAL CA    HA     sing N N 372 
VAL C     O      doub N N 373 
VAL C     OXT    sing N N 374 
VAL CB    CG1    sing N N 375 
VAL CB    CG2    sing N N 376 
VAL CB    HB     sing N N 377 
VAL CG1   HG11   sing N N 378 
VAL CG1   HG12   sing N N 379 
VAL CG1   HG13   sing N N 380 
VAL CG2   HG21   sing N N 381 
VAL CG2   HG22   sing N N 382 
VAL CG2   HG23   sing N N 383 
VAL OXT   HXT    sing N N 384 
# 
loop_
_pdbx_entity_nonpoly.entity_id 
_pdbx_entity_nonpoly.name 
_pdbx_entity_nonpoly.comp_id 
2 "ADENOSINE-3',5'-CYCLIC-MONOPHOSPHATE" CMP 
3 water                                  HOH 
# 
_pdbx_initial_refinement_model.id               1 
_pdbx_initial_refinement_model.entity_id_list   ? 
_pdbx_initial_refinement_model.type             'experimental model' 
_pdbx_initial_refinement_model.source_name      PDB 
_pdbx_initial_refinement_model.accession_code   1Q43 
_pdbx_initial_refinement_model.details          'PDB ENTRY 1Q43' 
# 
